data_6KGI
# 
_entry.id   6KGI 
# 
_audit_conform.dict_name       mmcif_pdbx.dic 
_audit_conform.dict_version    5.380 
_audit_conform.dict_location   http://mmcif.pdb.org/dictionaries/ascii/mmcif_pdbx.dic 
# 
loop_
_database_2.database_id 
_database_2.database_code 
_database_2.pdbx_database_accession 
_database_2.pdbx_DOI 
PDB   6KGI         pdb_00006kgi 10.2210/pdb6kgi/pdb 
WWPDB D_1300012936 ?            ?                   
# 
_pdbx_database_status.status_code                     REL 
_pdbx_database_status.status_code_sf                  REL 
_pdbx_database_status.status_code_mr                  ? 
_pdbx_database_status.entry_id                        6KGI 
_pdbx_database_status.recvd_initial_deposition_date   2019-07-11 
_pdbx_database_status.SG_entry                        N 
_pdbx_database_status.deposit_site                    PDBJ 
_pdbx_database_status.process_site                    PDBJ 
_pdbx_database_status.status_code_cs                  ? 
_pdbx_database_status.methods_development_category    ? 
_pdbx_database_status.pdb_format_compatible           Y 
_pdbx_database_status.status_code_nmr_data            ? 
# 
loop_
_audit_author.name 
_audit_author.pdbx_ordinal 
_audit_author.identifier_ORCID 
'Heo, J.'    1 ?                   
'Kwon, D.H.' 2 0000-0002-3214-3394 
'Kim, L.'    3 0000-0002-1266-7828 
'Song, H.K.' 4 0000-0001-5684-4059 
# 
_citation.abstract                  ? 
_citation.abstract_id_CAS           ? 
_citation.book_id_ISBN              ? 
_citation.book_publisher            ? 
_citation.book_publisher_city       ? 
_citation.book_title                ? 
_citation.coordinate_linkage        ? 
_citation.country                   US 
_citation.database_id_Medline       ? 
_citation.details                   ? 
_citation.id                        primary 
_citation.journal_abbrev            J.Biol.Chem. 
_citation.journal_id_ASTM           JBCHA3 
_citation.journal_id_CSD            0071 
_citation.journal_id_ISSN           1083-351X 
_citation.journal_full              ? 
_citation.journal_issue             ? 
_citation.journal_volume            295 
_citation.language                  ? 
_citation.page_first                2590 
_citation.page_last                 2600 
_citation.title                     
'Use of the LC3B-fusion technique for biochemical and structural studies of proteins involved in the N-degron pathway.' 
_citation.year                      2020 
_citation.database_id_CSD           ? 
_citation.pdbx_database_id_DOI      10.1074/jbc.RA119.010912 
_citation.pdbx_database_id_PubMed   31919097 
_citation.unpublished_flag          ? 
# 
loop_
_citation_author.citation_id 
_citation_author.name 
_citation_author.ordinal 
_citation_author.identifier_ORCID 
primary 'Kim, L.'    1 0000-0002-1266-7828 
primary 'Kwon, D.H.' 2 0000-0002-3214-3394 
primary 'Heo, J.'    3 ?                   
primary 'Park, M.R.' 4 ?                   
primary 'Song, H.K.' 5 0000-0001-5684-4059 
# 
_cell.angle_alpha                  90.00 
_cell.angle_alpha_esd              ? 
_cell.angle_beta                   90.00 
_cell.angle_beta_esd               ? 
_cell.angle_gamma                  90.00 
_cell.angle_gamma_esd              ? 
_cell.entry_id                     6KGI 
_cell.details                      ? 
_cell.formula_units_Z              ? 
_cell.length_a                     60.630 
_cell.length_a_esd                 ? 
_cell.length_b                     60.630 
_cell.length_b_esd                 ? 
_cell.length_c                     69.811 
_cell.length_c_esd                 ? 
_cell.volume                       ? 
_cell.volume_esd                   ? 
_cell.Z_PDB                        8 
_cell.reciprocal_angle_alpha       ? 
_cell.reciprocal_angle_beta        ? 
_cell.reciprocal_angle_gamma       ? 
_cell.reciprocal_angle_alpha_esd   ? 
_cell.reciprocal_angle_beta_esd    ? 
_cell.reciprocal_angle_gamma_esd   ? 
_cell.reciprocal_length_a          ? 
_cell.reciprocal_length_b          ? 
_cell.reciprocal_length_c          ? 
_cell.reciprocal_length_a_esd      ? 
_cell.reciprocal_length_b_esd      ? 
_cell.reciprocal_length_c_esd      ? 
_cell.pdbx_unique_axis             ? 
# 
_symmetry.entry_id                         6KGI 
_symmetry.cell_setting                     ? 
_symmetry.Int_Tables_number                96 
_symmetry.space_group_name_Hall            ? 
_symmetry.space_group_name_H-M             'P 43 21 2' 
_symmetry.pdbx_full_space_group_name_H-M   ? 
# 
loop_
_entity.id 
_entity.type 
_entity.src_method 
_entity.pdbx_description 
_entity.formula_weight 
_entity.pdbx_number_of_molecules 
_entity.pdbx_ec 
_entity.pdbx_mutation 
_entity.pdbx_fragment 
_entity.details 
1 polymer     man 'E3 ubiquitin-protein ligase UBR1' 9678.886 1  2.3.2.27 ? 'Ubr box' ? 
2 non-polymer syn 'ZINC ION'                         65.409   3  ?        ? ?         ? 
3 water       nat water                              18.015   32 ?        ? ?         ? 
# 
_entity_name_com.entity_id   1 
_entity_name_com.name        'N-end-recognizing protein,N-recognin-1,RING-type E3 ubiquitin transferase UBR1' 
# 
_entity_poly.entity_id                      1 
_entity_poly.type                           'polypeptide(L)' 
_entity_poly.nstd_linkage                   no 
_entity_poly.nstd_monomer                   no 
_entity_poly.pdbx_seq_one_letter_code       
;RLGSGDVHKHTGRNCGRKFKIGEPLYRCHECGCDDTCVLCIHCFNPKDHVNHHVCTDICTEFTSGICDCGDEEAWNSPLH
CKAEEQ
;
_entity_poly.pdbx_seq_one_letter_code_can   
;RLGSGDVHKHTGRNCGRKFKIGEPLYRCHECGCDDTCVLCIHCFNPKDHVNHHVCTDICTEFTSGICDCGDEEAWNSPLH
CKAEEQ
;
_entity_poly.pdbx_strand_id                 B 
_entity_poly.pdbx_target_identifier         ? 
# 
loop_
_entity_poly_seq.entity_id 
_entity_poly_seq.num 
_entity_poly_seq.mon_id 
_entity_poly_seq.hetero 
1 1  ARG n 
1 2  LEU n 
1 3  GLY n 
1 4  SER n 
1 5  GLY n 
1 6  ASP n 
1 7  VAL n 
1 8  HIS n 
1 9  LYS n 
1 10 HIS n 
1 11 THR n 
1 12 GLY n 
1 13 ARG n 
1 14 ASN n 
1 15 CYS n 
1 16 GLY n 
1 17 ARG n 
1 18 LYS n 
1 19 PHE n 
1 20 LYS n 
1 21 ILE n 
1 22 GLY n 
1 23 GLU n 
1 24 PRO n 
1 25 LEU n 
1 26 TYR n 
1 27 ARG n 
1 28 CYS n 
1 29 HIS n 
1 30 GLU n 
1 31 CYS n 
1 32 GLY n 
1 33 CYS n 
1 34 ASP n 
1 35 ASP n 
1 36 THR n 
1 37 CYS n 
1 38 VAL n 
1 39 LEU n 
1 40 CYS n 
1 41 ILE n 
1 42 HIS n 
1 43 CYS n 
1 44 PHE n 
1 45 ASN n 
1 46 PRO n 
1 47 LYS n 
1 48 ASP n 
1 49 HIS n 
1 50 VAL n 
1 51 ASN n 
1 52 HIS n 
1 53 HIS n 
1 54 VAL n 
1 55 CYS n 
1 56 THR n 
1 57 ASP n 
1 58 ILE n 
1 59 CYS n 
1 60 THR n 
1 61 GLU n 
1 62 PHE n 
1 63 THR n 
1 64 SER n 
1 65 GLY n 
1 66 ILE n 
1 67 CYS n 
1 68 ASP n 
1 69 CYS n 
1 70 GLY n 
1 71 ASP n 
1 72 GLU n 
1 73 GLU n 
1 74 ALA n 
1 75 TRP n 
1 76 ASN n 
1 77 SER n 
1 78 PRO n 
1 79 LEU n 
1 80 HIS n 
1 81 CYS n 
1 82 LYS n 
1 83 ALA n 
1 84 GLU n 
1 85 GLU n 
1 86 GLN n 
# 
_entity_src_gen.entity_id                          1 
_entity_src_gen.pdbx_src_id                        1 
_entity_src_gen.pdbx_alt_source_flag               sample 
_entity_src_gen.pdbx_seq_type                      'Biological sequence' 
_entity_src_gen.pdbx_beg_seq_num                   1 
_entity_src_gen.pdbx_end_seq_num                   86 
_entity_src_gen.gene_src_common_name               
;Baker's yeast
;
_entity_src_gen.gene_src_genus                     ? 
_entity_src_gen.pdbx_gene_src_gene                 'UBR1, PTR1, YGR184C, G7168' 
_entity_src_gen.gene_src_species                   ? 
_entity_src_gen.gene_src_strain                    'ATCC 204508 / S288c' 
_entity_src_gen.gene_src_tissue                    ? 
_entity_src_gen.gene_src_tissue_fraction           ? 
_entity_src_gen.gene_src_details                   ? 
_entity_src_gen.pdbx_gene_src_fragment             ? 
_entity_src_gen.pdbx_gene_src_scientific_name      'Saccharomyces cerevisiae (strain ATCC 204508 / S288c)' 
_entity_src_gen.pdbx_gene_src_ncbi_taxonomy_id     559292 
_entity_src_gen.pdbx_gene_src_variant              ? 
_entity_src_gen.pdbx_gene_src_cell_line            ? 
_entity_src_gen.pdbx_gene_src_atcc                 ? 
_entity_src_gen.pdbx_gene_src_organ                ? 
_entity_src_gen.pdbx_gene_src_organelle            ? 
_entity_src_gen.pdbx_gene_src_cell                 ? 
_entity_src_gen.pdbx_gene_src_cellular_location    ? 
_entity_src_gen.host_org_common_name               ? 
_entity_src_gen.pdbx_host_org_scientific_name      'Escherichia coli' 
_entity_src_gen.pdbx_host_org_ncbi_taxonomy_id     562 
_entity_src_gen.host_org_genus                     ? 
_entity_src_gen.pdbx_host_org_gene                 ? 
_entity_src_gen.pdbx_host_org_organ                ? 
_entity_src_gen.host_org_species                   ? 
_entity_src_gen.pdbx_host_org_tissue               ? 
_entity_src_gen.pdbx_host_org_tissue_fraction      ? 
_entity_src_gen.pdbx_host_org_strain               ? 
_entity_src_gen.pdbx_host_org_variant              ? 
_entity_src_gen.pdbx_host_org_cell_line            ? 
_entity_src_gen.pdbx_host_org_atcc                 ? 
_entity_src_gen.pdbx_host_org_culture_collection   ? 
_entity_src_gen.pdbx_host_org_cell                 ? 
_entity_src_gen.pdbx_host_org_organelle            ? 
_entity_src_gen.pdbx_host_org_cellular_location    ? 
_entity_src_gen.pdbx_host_org_vector_type          ? 
_entity_src_gen.pdbx_host_org_vector               ? 
_entity_src_gen.host_org_details                   ? 
_entity_src_gen.expression_system_id               ? 
_entity_src_gen.plasmid_name                       ? 
_entity_src_gen.plasmid_details                    ? 
_entity_src_gen.pdbx_description                   ? 
# 
_struct_ref.id                         1 
_struct_ref.db_name                    UNP 
_struct_ref.db_code                    UBR1_YEAST 
_struct_ref.pdbx_db_accession          P19812 
_struct_ref.pdbx_db_isoform            ? 
_struct_ref.entity_id                  1 
_struct_ref.pdbx_seq_one_letter_code   
;GDVHKHTGRNCGRKFKIGEPLYRCHECGCDDTCVLCIHCFNPKDHVNHHVCTDICTEFTSGICDCGDEEAWNSPLHCKAE
EQ
;
_struct_ref.pdbx_align_begin           113 
# 
_struct_ref_seq.align_id                      1 
_struct_ref_seq.ref_id                        1 
_struct_ref_seq.pdbx_PDB_id_code              6KGI 
_struct_ref_seq.pdbx_strand_id                B 
_struct_ref_seq.seq_align_beg                 5 
_struct_ref_seq.pdbx_seq_align_beg_ins_code   ? 
_struct_ref_seq.seq_align_end                 86 
_struct_ref_seq.pdbx_seq_align_end_ins_code   ? 
_struct_ref_seq.pdbx_db_accession             P19812 
_struct_ref_seq.db_align_beg                  113 
_struct_ref_seq.pdbx_db_align_beg_ins_code    ? 
_struct_ref_seq.db_align_end                  194 
_struct_ref_seq.pdbx_db_align_end_ins_code    ? 
_struct_ref_seq.pdbx_auth_seq_align_beg       113 
_struct_ref_seq.pdbx_auth_seq_align_end       194 
# 
loop_
_struct_ref_seq_dif.align_id 
_struct_ref_seq_dif.pdbx_pdb_id_code 
_struct_ref_seq_dif.mon_id 
_struct_ref_seq_dif.pdbx_pdb_strand_id 
_struct_ref_seq_dif.seq_num 
_struct_ref_seq_dif.pdbx_pdb_ins_code 
_struct_ref_seq_dif.pdbx_seq_db_name 
_struct_ref_seq_dif.pdbx_seq_db_accession_code 
_struct_ref_seq_dif.db_mon_id 
_struct_ref_seq_dif.pdbx_seq_db_seq_num 
_struct_ref_seq_dif.details 
_struct_ref_seq_dif.pdbx_auth_seq_num 
_struct_ref_seq_dif.pdbx_ordinal 
1 6KGI ARG B 1 ? UNP P19812 ? ? 'expression tag' 109 1 
1 6KGI LEU B 2 ? UNP P19812 ? ? 'expression tag' 110 2 
1 6KGI GLY B 3 ? UNP P19812 ? ? 'expression tag' 111 3 
1 6KGI SER B 4 ? UNP P19812 ? ? 'expression tag' 112 4 
# 
loop_
_chem_comp.id 
_chem_comp.type 
_chem_comp.mon_nstd_flag 
_chem_comp.name 
_chem_comp.pdbx_synonyms 
_chem_comp.formula 
_chem_comp.formula_weight 
ALA 'L-peptide linking' y ALANINE         ? 'C3 H7 N O2'     89.093  
ARG 'L-peptide linking' y ARGININE        ? 'C6 H15 N4 O2 1' 175.209 
ASN 'L-peptide linking' y ASPARAGINE      ? 'C4 H8 N2 O3'    132.118 
ASP 'L-peptide linking' y 'ASPARTIC ACID' ? 'C4 H7 N O4'     133.103 
CYS 'L-peptide linking' y CYSTEINE        ? 'C3 H7 N O2 S'   121.158 
GLN 'L-peptide linking' y GLUTAMINE       ? 'C5 H10 N2 O3'   146.144 
GLU 'L-peptide linking' y 'GLUTAMIC ACID' ? 'C5 H9 N O4'     147.129 
GLY 'peptide linking'   y GLYCINE         ? 'C2 H5 N O2'     75.067  
HIS 'L-peptide linking' y HISTIDINE       ? 'C6 H10 N3 O2 1' 156.162 
HOH non-polymer         . WATER           ? 'H2 O'           18.015  
ILE 'L-peptide linking' y ISOLEUCINE      ? 'C6 H13 N O2'    131.173 
LEU 'L-peptide linking' y LEUCINE         ? 'C6 H13 N O2'    131.173 
LYS 'L-peptide linking' y LYSINE          ? 'C6 H15 N2 O2 1' 147.195 
PHE 'L-peptide linking' y PHENYLALANINE   ? 'C9 H11 N O2'    165.189 
PRO 'L-peptide linking' y PROLINE         ? 'C5 H9 N O2'     115.130 
SER 'L-peptide linking' y SERINE          ? 'C3 H7 N O3'     105.093 
THR 'L-peptide linking' y THREONINE       ? 'C4 H9 N O3'     119.119 
TRP 'L-peptide linking' y TRYPTOPHAN      ? 'C11 H12 N2 O2'  204.225 
TYR 'L-peptide linking' y TYROSINE        ? 'C9 H11 N O3'    181.189 
VAL 'L-peptide linking' y VALINE          ? 'C5 H11 N O2'    117.146 
ZN  non-polymer         . 'ZINC ION'      ? 'Zn 2'           65.409  
# 
_exptl.absorpt_coefficient_mu     ? 
_exptl.absorpt_correction_T_max   ? 
_exptl.absorpt_correction_T_min   ? 
_exptl.absorpt_correction_type    ? 
_exptl.absorpt_process_details    ? 
_exptl.entry_id                   6KGI 
_exptl.crystals_number            1 
_exptl.details                    ? 
_exptl.method                     'X-RAY DIFFRACTION' 
_exptl.method_details             ? 
# 
_exptl_crystal.colour                      ? 
_exptl_crystal.density_diffrn              ? 
_exptl_crystal.density_Matthews            3.31 
_exptl_crystal.density_method              ? 
_exptl_crystal.density_percent_sol         62.89 
_exptl_crystal.description                 ? 
_exptl_crystal.F_000                       ? 
_exptl_crystal.id                          1 
_exptl_crystal.preparation                 ? 
_exptl_crystal.size_max                    ? 
_exptl_crystal.size_mid                    ? 
_exptl_crystal.size_min                    ? 
_exptl_crystal.size_rad                    ? 
_exptl_crystal.colour_lustre               ? 
_exptl_crystal.colour_modifier             ? 
_exptl_crystal.colour_primary              ? 
_exptl_crystal.density_meas                ? 
_exptl_crystal.density_meas_esd            ? 
_exptl_crystal.density_meas_gt             ? 
_exptl_crystal.density_meas_lt             ? 
_exptl_crystal.density_meas_temp           ? 
_exptl_crystal.density_meas_temp_esd       ? 
_exptl_crystal.density_meas_temp_gt        ? 
_exptl_crystal.density_meas_temp_lt        ? 
_exptl_crystal.pdbx_crystal_image_url      ? 
_exptl_crystal.pdbx_crystal_image_format   ? 
_exptl_crystal.pdbx_mosaicity              ? 
_exptl_crystal.pdbx_mosaicity_esd          ? 
# 
_exptl_crystal_grow.apparatus       ? 
_exptl_crystal_grow.atmosphere      ? 
_exptl_crystal_grow.crystal_id      1 
_exptl_crystal_grow.details         ? 
_exptl_crystal_grow.method          'VAPOR DIFFUSION, SITTING DROP' 
_exptl_crystal_grow.method_ref      ? 
_exptl_crystal_grow.pH              ? 
_exptl_crystal_grow.pressure        ? 
_exptl_crystal_grow.pressure_esd    ? 
_exptl_crystal_grow.seeding         ? 
_exptl_crystal_grow.seeding_ref     ? 
_exptl_crystal_grow.temp            293 
_exptl_crystal_grow.temp_details    ? 
_exptl_crystal_grow.temp_esd        ? 
_exptl_crystal_grow.time            ? 
_exptl_crystal_grow.pdbx_details    '0.1M BIS-Tris pH 6.5, 2.7-3.0M NaCl' 
_exptl_crystal_grow.pdbx_pH_range   ? 
# 
_diffrn.ambient_environment              ? 
_diffrn.ambient_temp                     193 
_diffrn.ambient_temp_details             ? 
_diffrn.ambient_temp_esd                 ? 
_diffrn.crystal_id                       1 
_diffrn.crystal_support                  ? 
_diffrn.crystal_treatment                ? 
_diffrn.details                          ? 
_diffrn.id                               1 
_diffrn.ambient_pressure                 ? 
_diffrn.ambient_pressure_esd             ? 
_diffrn.ambient_pressure_gt              ? 
_diffrn.ambient_pressure_lt              ? 
_diffrn.ambient_temp_gt                  ? 
_diffrn.ambient_temp_lt                  ? 
_diffrn.pdbx_serial_crystal_experiment   N 
# 
_diffrn_detector.details                      ? 
_diffrn_detector.detector                     PIXEL 
_diffrn_detector.diffrn_id                    1 
_diffrn_detector.type                         'DECTRIS PILATUS3 S 6M' 
_diffrn_detector.area_resol_mean              ? 
_diffrn_detector.dtime                        ? 
_diffrn_detector.pdbx_frames_total            ? 
_diffrn_detector.pdbx_collection_time_total   ? 
_diffrn_detector.pdbx_collection_date         2018-05-04 
_diffrn_detector.pdbx_frequency               ? 
# 
_diffrn_radiation.collimation                      ? 
_diffrn_radiation.diffrn_id                        1 
_diffrn_radiation.filter_edge                      ? 
_diffrn_radiation.inhomogeneity                    ? 
_diffrn_radiation.monochromator                    ? 
_diffrn_radiation.polarisn_norm                    ? 
_diffrn_radiation.polarisn_ratio                   ? 
_diffrn_radiation.probe                            ? 
_diffrn_radiation.type                             ? 
_diffrn_radiation.xray_symbol                      ? 
_diffrn_radiation.wavelength_id                    1 
_diffrn_radiation.pdbx_monochromatic_or_laue_m_l   M 
_diffrn_radiation.pdbx_wavelength_list             ? 
_diffrn_radiation.pdbx_wavelength                  ? 
_diffrn_radiation.pdbx_diffrn_protocol             'SINGLE WAVELENGTH' 
_diffrn_radiation.pdbx_analyzer                    ? 
_diffrn_radiation.pdbx_scattering_type             x-ray 
# 
_diffrn_radiation_wavelength.id           1 
_diffrn_radiation_wavelength.wavelength   0.90000 
_diffrn_radiation_wavelength.wt           1.0 
# 
_diffrn_source.current                     ? 
_diffrn_source.details                     ? 
_diffrn_source.diffrn_id                   1 
_diffrn_source.power                       ? 
_diffrn_source.size                        ? 
_diffrn_source.source                      SYNCHROTRON 
_diffrn_source.target                      ? 
_diffrn_source.type                        'PHOTON FACTORY BEAMLINE BL-17A' 
_diffrn_source.voltage                     ? 
_diffrn_source.take-off_angle              ? 
_diffrn_source.pdbx_wavelength_list        0.90000 
_diffrn_source.pdbx_wavelength             ? 
_diffrn_source.pdbx_synchrotron_beamline   BL-17A 
_diffrn_source.pdbx_synchrotron_site       'Photon Factory' 
# 
_reflns.B_iso_Wilson_estimate            ? 
_reflns.entry_id                         6KGI 
_reflns.data_reduction_details           ? 
_reflns.data_reduction_method            ? 
_reflns.d_resolution_high                1.04 
_reflns.d_resolution_low                 50.00 
_reflns.details                          ? 
_reflns.limit_h_max                      ? 
_reflns.limit_h_min                      ? 
_reflns.limit_k_max                      ? 
_reflns.limit_k_min                      ? 
_reflns.limit_l_max                      ? 
_reflns.limit_l_min                      ? 
_reflns.number_all                       ? 
_reflns.number_obs                       62982 
_reflns.observed_criterion               ? 
_reflns.observed_criterion_F_max         ? 
_reflns.observed_criterion_F_min         ? 
_reflns.observed_criterion_I_max         ? 
_reflns.observed_criterion_I_min         ? 
_reflns.observed_criterion_sigma_F       ? 
_reflns.observed_criterion_sigma_I       ? 
_reflns.percent_possible_obs             100 
_reflns.R_free_details                   ? 
_reflns.Rmerge_F_all                     ? 
_reflns.Rmerge_F_obs                     ? 
_reflns.Friedel_coverage                 ? 
_reflns.number_gt                        ? 
_reflns.threshold_expression             ? 
_reflns.pdbx_redundancy                  12.5 
_reflns.pdbx_Rmerge_I_obs                ? 
_reflns.pdbx_Rmerge_I_all                ? 
_reflns.pdbx_Rsym_value                  ? 
_reflns.pdbx_netI_over_av_sigmaI         ? 
_reflns.pdbx_netI_over_sigmaI            43.9 
_reflns.pdbx_res_netI_over_av_sigmaI_2   ? 
_reflns.pdbx_res_netI_over_sigmaI_2      ? 
_reflns.pdbx_chi_squared                 ? 
_reflns.pdbx_scaling_rejects             ? 
_reflns.pdbx_d_res_high_opt              ? 
_reflns.pdbx_d_res_low_opt               ? 
_reflns.pdbx_d_res_opt_method            ? 
_reflns.phase_calculation_details        ? 
_reflns.pdbx_Rrim_I_all                  ? 
_reflns.pdbx_Rpim_I_all                  ? 
_reflns.pdbx_d_opt                       ? 
_reflns.pdbx_number_measured_all         ? 
_reflns.pdbx_diffrn_id                   1 
_reflns.pdbx_ordinal                     1 
_reflns.pdbx_CC_half                     ? 
_reflns.pdbx_R_split                     ? 
# 
_reflns_shell.d_res_high                  1.04 
_reflns_shell.d_res_low                   1.06 
_reflns_shell.meanI_over_sigI_all         ? 
_reflns_shell.meanI_over_sigI_obs         ? 
_reflns_shell.number_measured_all         ? 
_reflns_shell.number_measured_obs         ? 
_reflns_shell.number_possible             ? 
_reflns_shell.number_unique_all           ? 
_reflns_shell.number_unique_obs           6200 
_reflns_shell.percent_possible_all        ? 
_reflns_shell.percent_possible_obs        ? 
_reflns_shell.Rmerge_F_all                ? 
_reflns_shell.Rmerge_F_obs                ? 
_reflns_shell.Rmerge_I_all                ? 
_reflns_shell.Rmerge_I_obs                ? 
_reflns_shell.meanI_over_sigI_gt          ? 
_reflns_shell.meanI_over_uI_all           ? 
_reflns_shell.meanI_over_uI_gt            ? 
_reflns_shell.number_measured_gt          ? 
_reflns_shell.number_unique_gt            ? 
_reflns_shell.percent_possible_gt         ? 
_reflns_shell.Rmerge_F_gt                 ? 
_reflns_shell.Rmerge_I_gt                 ? 
_reflns_shell.pdbx_redundancy             ? 
_reflns_shell.pdbx_Rsym_value             ? 
_reflns_shell.pdbx_chi_squared            ? 
_reflns_shell.pdbx_netI_over_sigmaI_all   ? 
_reflns_shell.pdbx_netI_over_sigmaI_obs   ? 
_reflns_shell.pdbx_Rrim_I_all             ? 
_reflns_shell.pdbx_Rpim_I_all             ? 
_reflns_shell.pdbx_rejects                ? 
_reflns_shell.pdbx_ordinal                1 
_reflns_shell.pdbx_diffrn_id              1 
_reflns_shell.pdbx_CC_half                ? 
_reflns_shell.pdbx_R_split                ? 
# 
_refine.aniso_B[1][1]                            ? 
_refine.aniso_B[1][2]                            ? 
_refine.aniso_B[1][3]                            ? 
_refine.aniso_B[2][2]                            ? 
_refine.aniso_B[2][3]                            ? 
_refine.aniso_B[3][3]                            ? 
_refine.B_iso_max                                ? 
_refine.B_iso_mean                               17.8948 
_refine.B_iso_min                                ? 
_refine.correlation_coeff_Fo_to_Fc               ? 
_refine.correlation_coeff_Fo_to_Fc_free          ? 
_refine.details                                  ? 
_refine.diff_density_max                         ? 
_refine.diff_density_max_esd                     ? 
_refine.diff_density_min                         ? 
_refine.diff_density_min_esd                     ? 
_refine.diff_density_rms                         ? 
_refine.diff_density_rms_esd                     ? 
_refine.entry_id                                 6KGI 
_refine.pdbx_refine_id                           'X-RAY DIFFRACTION' 
_refine.ls_abs_structure_details                 ? 
_refine.ls_abs_structure_Flack                   ? 
_refine.ls_abs_structure_Flack_esd               ? 
_refine.ls_abs_structure_Rogers                  ? 
_refine.ls_abs_structure_Rogers_esd              ? 
_refine.ls_d_res_high                            1.04 
_refine.ls_d_res_low                             30.25 
_refine.ls_extinction_coef                       ? 
_refine.ls_extinction_coef_esd                   ? 
_refine.ls_extinction_expression                 ? 
_refine.ls_extinction_method                     ? 
_refine.ls_goodness_of_fit_all                   ? 
_refine.ls_goodness_of_fit_all_esd               ? 
_refine.ls_goodness_of_fit_obs                   ? 
_refine.ls_goodness_of_fit_obs_esd               ? 
_refine.ls_hydrogen_treatment                    ? 
_refine.ls_matrix_type                           ? 
_refine.ls_number_constraints                    ? 
_refine.ls_number_parameters                     ? 
_refine.ls_number_reflns_all                     ? 
_refine.ls_number_reflns_obs                     62982 
_refine.ls_number_reflns_R_free                  2000 
_refine.ls_number_reflns_R_work                  61019 
_refine.ls_number_restraints                     ? 
_refine.ls_percent_reflns_obs                    100 
_refine.ls_percent_reflns_R_free                 3.1700 
_refine.ls_R_factor_all                          ? 
_refine.ls_R_factor_obs                          0.1898 
_refine.ls_R_factor_R_free                       0.2018 
_refine.ls_R_factor_R_free_error                 ? 
_refine.ls_R_factor_R_free_error_details         ? 
_refine.ls_R_factor_R_work                       0.1894 
_refine.ls_R_Fsqd_factor_obs                     ? 
_refine.ls_R_I_factor_obs                        ? 
_refine.ls_redundancy_reflns_all                 ? 
_refine.ls_redundancy_reflns_obs                 ? 
_refine.ls_restrained_S_all                      ? 
_refine.ls_restrained_S_obs                      ? 
_refine.ls_shift_over_esd_max                    ? 
_refine.ls_shift_over_esd_mean                   ? 
_refine.ls_structure_factor_coef                 ? 
_refine.ls_weighting_details                     ? 
_refine.ls_weighting_scheme                      ? 
_refine.ls_wR_factor_all                         ? 
_refine.ls_wR_factor_obs                         ? 
_refine.ls_wR_factor_R_free                      ? 
_refine.ls_wR_factor_R_work                      ? 
_refine.occupancy_max                            ? 
_refine.occupancy_min                            ? 
_refine.solvent_model_details                    'FLAT BULK SOLVENT MODEL' 
_refine.solvent_model_param_bsol                 ? 
_refine.solvent_model_param_ksol                 ? 
_refine.ls_R_factor_gt                           ? 
_refine.ls_goodness_of_fit_gt                    ? 
_refine.ls_goodness_of_fit_ref                   ? 
_refine.ls_shift_over_su_max                     ? 
_refine.ls_shift_over_su_max_lt                  ? 
_refine.ls_shift_over_su_mean                    ? 
_refine.ls_shift_over_su_mean_lt                 ? 
_refine.pdbx_ls_sigma_I                          ? 
_refine.pdbx_ls_sigma_F                          1.350 
_refine.pdbx_ls_sigma_Fsqd                       ? 
_refine.pdbx_data_cutoff_high_absF               ? 
_refine.pdbx_data_cutoff_high_rms_absF           ? 
_refine.pdbx_data_cutoff_low_absF                ? 
_refine.pdbx_isotropic_thermal_model             ? 
_refine.pdbx_ls_cross_valid_method               'FREE R-VALUE' 
_refine.pdbx_method_to_determine_struct          'MOLECULAR REPLACEMENT' 
_refine.pdbx_starting_model                      3NIT 
_refine.pdbx_stereochemistry_target_values       ? 
_refine.pdbx_R_Free_selection_details            ? 
_refine.pdbx_stereochem_target_val_spec_case     ? 
_refine.pdbx_overall_ESU_R                       ? 
_refine.pdbx_overall_ESU_R_Free                  ? 
_refine.pdbx_solvent_vdw_probe_radii             1.1100 
_refine.pdbx_solvent_ion_probe_radii             ? 
_refine.pdbx_solvent_shrinkage_radii             0.9900 
_refine.pdbx_real_space_R                        ? 
_refine.pdbx_density_correlation                 ? 
_refine.pdbx_pd_number_of_powder_patterns        ? 
_refine.pdbx_pd_number_of_points                 ? 
_refine.pdbx_pd_meas_number_of_points            ? 
_refine.pdbx_pd_proc_ls_prof_R_factor            ? 
_refine.pdbx_pd_proc_ls_prof_wR_factor           ? 
_refine.pdbx_pd_Marquardt_correlation_coeff      ? 
_refine.pdbx_pd_Fsqrd_R_factor                   ? 
_refine.pdbx_pd_ls_matrix_band_width             ? 
_refine.pdbx_overall_phase_error                 17.8900 
_refine.pdbx_overall_SU_R_free_Cruickshank_DPI   ? 
_refine.pdbx_overall_SU_R_free_Blow_DPI          ? 
_refine.pdbx_overall_SU_R_Blow_DPI               ? 
_refine.pdbx_TLS_residual_ADP_flag               ? 
_refine.pdbx_diffrn_id                           1 
_refine.overall_SU_B                             ? 
_refine.overall_SU_ML                            0.0900 
_refine.overall_SU_R_Cruickshank_DPI             ? 
_refine.overall_SU_R_free                        ? 
_refine.overall_FOM_free_R_set                   ? 
_refine.overall_FOM_work_R_set                   ? 
_refine.pdbx_average_fsc_overall                 ? 
_refine.pdbx_average_fsc_work                    ? 
_refine.pdbx_average_fsc_free                    ? 
# 
_refine_hist.pdbx_refine_id                   'X-RAY DIFFRACTION' 
_refine_hist.cycle_id                         LAST 
_refine_hist.pdbx_number_atoms_protein        669 
_refine_hist.pdbx_number_atoms_nucleic_acid   0 
_refine_hist.pdbx_number_atoms_ligand         3 
_refine_hist.number_atoms_solvent             32 
_refine_hist.number_atoms_total               704 
_refine_hist.d_res_high                       1.04 
_refine_hist.d_res_low                        30.25 
# 
loop_
_refine_ls_shell.d_res_high 
_refine_ls_shell.d_res_low 
_refine_ls_shell.pdbx_total_number_of_bins_used 
_refine_ls_shell.percent_reflns_obs 
_refine_ls_shell.number_reflns_R_work 
_refine_ls_shell.R_factor_all 
_refine_ls_shell.R_factor_R_work 
_refine_ls_shell.R_factor_R_free 
_refine_ls_shell.percent_reflns_R_free 
_refine_ls_shell.number_reflns_R_free 
_refine_ls_shell.R_factor_R_free_error 
_refine_ls_shell.number_reflns_all 
_refine_ls_shell.number_reflns_obs 
_refine_ls_shell.pdbx_refine_id 
_refine_ls_shell.R_factor_obs 
1.0398 1.0658  14 100.0000 4299 . 0.2480 0.2389 . 140 0.0000 4439 . 'X-RAY DIFFRACTION' . 
1.0658 1.0947  14 100.0000 4289 . 0.2196 0.2448 . 141 0.0000 4430 . 'X-RAY DIFFRACTION' . 
1.0947 1.1269  14 100.0000 4305 . 0.1980 0.2005 . 142 0.0000 4447 . 'X-RAY DIFFRACTION' . 
1.1269 1.1633  14 100.0000 4293 . 0.1848 0.1879 . 140 0.0000 4433 . 'X-RAY DIFFRACTION' . 
1.1633 1.2048  14 100.0000 4286 . 0.1815 0.1801 . 141 0.0000 4427 . 'X-RAY DIFFRACTION' . 
1.2048 1.2531  14 100.0000 4309 . 0.1796 0.1800 . 141 0.0000 4450 . 'X-RAY DIFFRACTION' . 
1.2531 1.3101  14 100.0000 4322 . 0.1756 0.2001 . 142 0.0000 4464 . 'X-RAY DIFFRACTION' . 
1.3101 1.3792  14 100.0000 4349 . 0.1733 0.1903 . 142 0.0000 4491 . 'X-RAY DIFFRACTION' . 
1.3792 1.4656  14 100.0000 4321 . 0.1728 0.1868 . 142 0.0000 4463 . 'X-RAY DIFFRACTION' . 
1.4656 1.5787  14 100.0000 4343 . 0.1634 0.1547 . 142 0.0000 4485 . 'X-RAY DIFFRACTION' . 
1.5787 1.7376  14 100.0000 4381 . 0.1602 0.1563 . 143 0.0000 4524 . 'X-RAY DIFFRACTION' . 
1.7376 1.9890  14 100.0000 4392 . 0.1770 0.1696 . 145 0.0000 4537 . 'X-RAY DIFFRACTION' . 
1.9890 2.5057  14 100.0000 4462 . 0.1940 0.2017 . 146 0.0000 4608 . 'X-RAY DIFFRACTION' . 
2.5057 30.3279 14 100.0000 4668 . 0.2080 0.2429 . 153 0.0000 4821 . 'X-RAY DIFFRACTION' . 
# 
_struct.entry_id                     6KGI 
_struct.title                        'RLGS-yUbr1 Ubr box' 
_struct.pdbx_model_details           ? 
_struct.pdbx_formula_weight          ? 
_struct.pdbx_formula_weight_method   ? 
_struct.pdbx_model_type_details      ? 
_struct.pdbx_CASP_flag               N 
# 
_struct_keywords.entry_id        6KGI 
_struct_keywords.text            'Ubr1, Ubr box, LIGASE' 
_struct_keywords.pdbx_keywords   LIGASE 
# 
loop_
_struct_asym.id 
_struct_asym.pdbx_blank_PDB_chainid_flag 
_struct_asym.pdbx_modified 
_struct_asym.entity_id 
_struct_asym.details 
A N N 1 ? 
B N N 2 ? 
C N N 2 ? 
D N N 2 ? 
E N N 3 ? 
# 
loop_
_struct_conf.conf_type_id 
_struct_conf.id 
_struct_conf.pdbx_PDB_helix_id 
_struct_conf.beg_label_comp_id 
_struct_conf.beg_label_asym_id 
_struct_conf.beg_label_seq_id 
_struct_conf.pdbx_beg_PDB_ins_code 
_struct_conf.end_label_comp_id 
_struct_conf.end_label_asym_id 
_struct_conf.end_label_seq_id 
_struct_conf.pdbx_end_PDB_ins_code 
_struct_conf.beg_auth_comp_id 
_struct_conf.beg_auth_asym_id 
_struct_conf.beg_auth_seq_id 
_struct_conf.end_auth_comp_id 
_struct_conf.end_auth_asym_id 
_struct_conf.end_auth_seq_id 
_struct_conf.pdbx_PDB_helix_class 
_struct_conf.details 
_struct_conf.pdbx_PDB_helix_length 
HELX_P HELX_P1 AA1 ASN A 45 ? HIS A 49 ? ASN B 153 HIS B 157 5 ? 5 
HELX_P HELX_P2 AA2 ASP A 71 ? TRP A 75 ? ASP B 179 TRP B 183 5 ? 5 
HELX_P HELX_P3 AA3 CYS A 81 ? GLU A 85 ? CYS B 189 GLU B 193 5 ? 5 
# 
_struct_conf_type.id          HELX_P 
_struct_conf_type.criteria    ? 
_struct_conf_type.reference   ? 
# 
loop_
_struct_conn.id 
_struct_conn.conn_type_id 
_struct_conn.pdbx_leaving_atom_flag 
_struct_conn.pdbx_PDB_id 
_struct_conn.ptnr1_label_asym_id 
_struct_conn.ptnr1_label_comp_id 
_struct_conn.ptnr1_label_seq_id 
_struct_conn.ptnr1_label_atom_id 
_struct_conn.pdbx_ptnr1_label_alt_id 
_struct_conn.pdbx_ptnr1_PDB_ins_code 
_struct_conn.pdbx_ptnr1_standard_comp_id 
_struct_conn.ptnr1_symmetry 
_struct_conn.ptnr2_label_asym_id 
_struct_conn.ptnr2_label_comp_id 
_struct_conn.ptnr2_label_seq_id 
_struct_conn.ptnr2_label_atom_id 
_struct_conn.pdbx_ptnr2_label_alt_id 
_struct_conn.pdbx_ptnr2_PDB_ins_code 
_struct_conn.ptnr1_auth_asym_id 
_struct_conn.ptnr1_auth_comp_id 
_struct_conn.ptnr1_auth_seq_id 
_struct_conn.ptnr2_auth_asym_id 
_struct_conn.ptnr2_auth_comp_id 
_struct_conn.ptnr2_auth_seq_id 
_struct_conn.ptnr2_symmetry 
_struct_conn.pdbx_ptnr3_label_atom_id 
_struct_conn.pdbx_ptnr3_label_seq_id 
_struct_conn.pdbx_ptnr3_label_comp_id 
_struct_conn.pdbx_ptnr3_label_asym_id 
_struct_conn.pdbx_ptnr3_label_alt_id 
_struct_conn.pdbx_ptnr3_PDB_ins_code 
_struct_conn.details 
_struct_conn.pdbx_dist_value 
_struct_conn.pdbx_value_order 
_struct_conn.pdbx_role 
metalc1  metalc ? ? A HIS 10 NE2 ? ? ? 1_555 D ZN . ZN ? ? B HIS 118 B ZN 203 1_555 ? ? ? ? ? ? ? 2.031 ? ? 
metalc2  metalc ? ? A CYS 15 SG  ? ? ? 1_555 B ZN . ZN ? ? B CYS 123 B ZN 201 1_555 ? ? ? ? ? ? ? 2.341 ? ? 
metalc3  metalc ? ? A CYS 28 SG  ? ? ? 1_555 C ZN . ZN ? ? B CYS 136 B ZN 202 1_555 ? ? ? ? ? ? ? 2.280 ? ? 
metalc4  metalc ? ? A CYS 31 SG  ? ? ? 1_555 C ZN . ZN ? ? B CYS 139 B ZN 202 1_555 ? ? ? ? ? ? ? 2.287 ? ? 
metalc5  metalc ? ? A CYS 40 SG  ? ? ? 1_555 B ZN . ZN ? ? B CYS 148 B ZN 201 1_555 ? ? ? ? ? ? ? 2.330 ? ? 
metalc6  metalc ? ? A CYS 43 SG  ? ? ? 1_555 B ZN . ZN ? ? B CYS 151 B ZN 201 1_555 ? ? ? ? ? ? ? 2.377 ? ? 
metalc7  metalc ? ? A CYS 43 SG  ? ? ? 1_555 D ZN . ZN ? ? B CYS 151 B ZN 203 1_555 ? ? ? ? ? ? ? 2.346 ? ? 
metalc8  metalc ? ? A HIS 49 ND1 ? ? ? 1_555 C ZN . ZN ? ? B HIS 157 B ZN 202 1_555 ? ? ? ? ? ? ? 2.075 ? ? 
metalc9  metalc ? ? A HIS 52 ND1 ? ? ? 1_555 C ZN . ZN ? ? B HIS 160 B ZN 202 1_555 ? ? ? ? ? ? ? 2.059 ? ? 
metalc10 metalc ? ? A CYS 67 SG  ? ? ? 1_555 B ZN . ZN ? ? B CYS 175 B ZN 201 1_555 ? ? ? ? ? ? ? 2.328 ? ? 
metalc11 metalc ? ? A CYS 69 SG  ? ? ? 1_555 D ZN . ZN ? ? B CYS 177 B ZN 203 1_555 ? ? ? ? ? ? ? 2.306 ? ? 
metalc12 metalc ? ? A CYS 81 SG  ? ? ? 1_555 D ZN . ZN ? ? B CYS 189 B ZN 203 1_555 ? ? ? ? ? ? ? 2.298 ? ? 
# 
_struct_conn_type.id          metalc 
_struct_conn_type.criteria    ? 
_struct_conn_type.reference   ? 
# 
_struct_sheet.id               AA1 
_struct_sheet.type             ? 
_struct_sheet.number_strands   3 
_struct_sheet.details          ? 
# 
loop_
_struct_sheet_order.sheet_id 
_struct_sheet_order.range_id_1 
_struct_sheet_order.range_id_2 
_struct_sheet_order.offset 
_struct_sheet_order.sense 
AA1 1 2 ? anti-parallel 
AA1 2 3 ? anti-parallel 
# 
loop_
_struct_sheet_range.sheet_id 
_struct_sheet_range.id 
_struct_sheet_range.beg_label_comp_id 
_struct_sheet_range.beg_label_asym_id 
_struct_sheet_range.beg_label_seq_id 
_struct_sheet_range.pdbx_beg_PDB_ins_code 
_struct_sheet_range.end_label_comp_id 
_struct_sheet_range.end_label_asym_id 
_struct_sheet_range.end_label_seq_id 
_struct_sheet_range.pdbx_end_PDB_ins_code 
_struct_sheet_range.beg_auth_comp_id 
_struct_sheet_range.beg_auth_asym_id 
_struct_sheet_range.beg_auth_seq_id 
_struct_sheet_range.end_auth_comp_id 
_struct_sheet_range.end_auth_asym_id 
_struct_sheet_range.end_auth_seq_id 
AA1 1 LEU A 39 ? CYS A 40 ? LEU B 147 CYS B 148 
AA1 2 PRO A 24 ? CYS A 28 ? PRO B 132 CYS B 136 
AA1 3 VAL A 54 ? ILE A 58 ? VAL B 162 ILE B 166 
# 
loop_
_pdbx_struct_sheet_hbond.sheet_id 
_pdbx_struct_sheet_hbond.range_id_1 
_pdbx_struct_sheet_hbond.range_id_2 
_pdbx_struct_sheet_hbond.range_1_label_atom_id 
_pdbx_struct_sheet_hbond.range_1_label_comp_id 
_pdbx_struct_sheet_hbond.range_1_label_asym_id 
_pdbx_struct_sheet_hbond.range_1_label_seq_id 
_pdbx_struct_sheet_hbond.range_1_PDB_ins_code 
_pdbx_struct_sheet_hbond.range_1_auth_atom_id 
_pdbx_struct_sheet_hbond.range_1_auth_comp_id 
_pdbx_struct_sheet_hbond.range_1_auth_asym_id 
_pdbx_struct_sheet_hbond.range_1_auth_seq_id 
_pdbx_struct_sheet_hbond.range_2_label_atom_id 
_pdbx_struct_sheet_hbond.range_2_label_comp_id 
_pdbx_struct_sheet_hbond.range_2_label_asym_id 
_pdbx_struct_sheet_hbond.range_2_label_seq_id 
_pdbx_struct_sheet_hbond.range_2_PDB_ins_code 
_pdbx_struct_sheet_hbond.range_2_auth_atom_id 
_pdbx_struct_sheet_hbond.range_2_auth_comp_id 
_pdbx_struct_sheet_hbond.range_2_auth_asym_id 
_pdbx_struct_sheet_hbond.range_2_auth_seq_id 
AA1 1 2 O LEU A 39 ? O LEU B 147 N TYR A 26 ? N TYR B 134 
AA1 2 3 N ARG A 27 ? N ARG B 135 O CYS A 55 ? O CYS B 163 
# 
loop_
_struct_site.id 
_struct_site.pdbx_evidence_code 
_struct_site.pdbx_auth_asym_id 
_struct_site.pdbx_auth_comp_id 
_struct_site.pdbx_auth_seq_id 
_struct_site.pdbx_auth_ins_code 
_struct_site.pdbx_num_residues 
_struct_site.details 
AC1 Software B ZN 201 ? 4 'binding site for residue ZN B 201' 
AC2 Software B ZN 202 ? 4 'binding site for residue ZN B 202' 
AC3 Software B ZN 203 ? 4 'binding site for residue ZN B 203' 
# 
loop_
_struct_site_gen.id 
_struct_site_gen.site_id 
_struct_site_gen.pdbx_num_res 
_struct_site_gen.label_comp_id 
_struct_site_gen.label_asym_id 
_struct_site_gen.label_seq_id 
_struct_site_gen.pdbx_auth_ins_code 
_struct_site_gen.auth_comp_id 
_struct_site_gen.auth_asym_id 
_struct_site_gen.auth_seq_id 
_struct_site_gen.label_atom_id 
_struct_site_gen.label_alt_id 
_struct_site_gen.symmetry 
_struct_site_gen.details 
1  AC1 4 CYS A 15 ? CYS B 123 . ? 1_555 ? 
2  AC1 4 CYS A 40 ? CYS B 148 . ? 1_555 ? 
3  AC1 4 CYS A 43 ? CYS B 151 . ? 1_555 ? 
4  AC1 4 CYS A 67 ? CYS B 175 . ? 1_555 ? 
5  AC2 4 CYS A 28 ? CYS B 136 . ? 1_555 ? 
6  AC2 4 CYS A 31 ? CYS B 139 . ? 1_555 ? 
7  AC2 4 HIS A 49 ? HIS B 157 . ? 1_555 ? 
8  AC2 4 HIS A 52 ? HIS B 160 . ? 1_555 ? 
9  AC3 4 HIS A 10 ? HIS B 118 . ? 1_555 ? 
10 AC3 4 CYS A 43 ? CYS B 151 . ? 1_555 ? 
11 AC3 4 CYS A 69 ? CYS B 177 . ? 1_555 ? 
12 AC3 4 CYS A 81 ? CYS B 189 . ? 1_555 ? 
# 
_atom_sites.entry_id                    6KGI 
_atom_sites.Cartn_transf_matrix[1][1]   ? 
_atom_sites.Cartn_transf_matrix[1][2]   ? 
_atom_sites.Cartn_transf_matrix[1][3]   ? 
_atom_sites.Cartn_transf_matrix[2][1]   ? 
_atom_sites.Cartn_transf_matrix[2][2]   ? 
_atom_sites.Cartn_transf_matrix[2][3]   ? 
_atom_sites.Cartn_transf_matrix[3][1]   ? 
_atom_sites.Cartn_transf_matrix[3][2]   ? 
_atom_sites.Cartn_transf_matrix[3][3]   ? 
_atom_sites.Cartn_transf_vector[1]      ? 
_atom_sites.Cartn_transf_vector[2]      ? 
_atom_sites.Cartn_transf_vector[3]      ? 
_atom_sites.fract_transf_matrix[1][1]   -0.01588068 
_atom_sites.fract_transf_matrix[1][2]   0.00421353 
_atom_sites.fract_transf_matrix[1][3]   -0.00143846 
_atom_sites.fract_transf_matrix[2][1]   -0.00433262 
_atom_sites.fract_transf_matrix[2][2]   -0.01585221 
_atom_sites.fract_transf_matrix[2][3]   0.00139813 
_atom_sites.fract_transf_matrix[3][1]   -0.00089054 
_atom_sites.fract_transf_matrix[3][2]   0.00149736 
_atom_sites.fract_transf_matrix[3][3]   0.01421766 
_atom_sites.fract_transf_vector[1]      0.173980 
_atom_sites.fract_transf_vector[2]      -0.315743 
_atom_sites.fract_transf_vector[3]      0.135171 
_atom_sites.solution_primary            ? 
_atom_sites.solution_secondary          ? 
_atom_sites.solution_hydrogens          ? 
_atom_sites.special_details             ? 
# 
loop_
_atom_type.symbol 
C  
H  
N  
O  
S  
ZN 
# 
loop_
_atom_site.group_PDB 
_atom_site.id 
_atom_site.type_symbol 
_atom_site.label_atom_id 
_atom_site.label_alt_id 
_atom_site.label_comp_id 
_atom_site.label_asym_id 
_atom_site.label_entity_id 
_atom_site.label_seq_id 
_atom_site.pdbx_PDB_ins_code 
_atom_site.Cartn_x 
_atom_site.Cartn_y 
_atom_site.Cartn_z 
_atom_site.occupancy 
_atom_site.B_iso_or_equiv 
_atom_site.pdbx_formal_charge 
_atom_site.auth_seq_id 
_atom_site.auth_comp_id 
_atom_site.auth_asym_id 
_atom_site.auth_atom_id 
_atom_site.pdbx_PDB_model_num 
ATOM   1    N  N    . ARG A 1 1  ? 23.617  -16.194 10.655  1.00 14.56 ? 109 ARG B N    1 
ATOM   2    C  CA   . ARG A 1 1  ? 22.186  -16.347 10.412  1.00 14.10 ? 109 ARG B CA   1 
ATOM   3    C  C    . ARG A 1 1  ? 21.517  -14.983 10.462  1.00 14.38 ? 109 ARG B C    1 
ATOM   4    O  O    . ARG A 1 1  ? 22.025  -14.056 11.094  1.00 16.67 ? 109 ARG B O    1 
ATOM   5    C  CB   . ARG A 1 1  ? 21.542  -17.254 11.462  1.00 15.54 ? 109 ARG B CB   1 
ATOM   6    C  CG   . ARG A 1 1  ? 22.209  -18.600 11.640  1.00 15.71 ? 109 ARG B CG   1 
ATOM   7    C  CD   . ARG A 1 1  ? 21.931  -19.529 10.472  1.00 15.36 ? 109 ARG B CD   1 
ATOM   8    N  NE   . ARG A 1 1  ? 22.179  -20.928 10.815  1.00 16.20 ? 109 ARG B NE   1 
ATOM   9    C  CZ   . ARG A 1 1  ? 23.388  -21.474 10.914  1.00 17.00 ? 109 ARG B CZ   1 
ATOM   10   N  NH1  . ARG A 1 1  ? 24.481  -20.750 10.701  1.00 16.46 ? 109 ARG B NH1  1 
ATOM   11   N  NH2  . ARG A 1 1  ? 23.503  -22.753 11.242  1.00 20.36 ? 109 ARG B NH2  1 
ATOM   12   H  HA   . ARG A 1 1  ? 22.051  -16.756 9.543   1.00 16.93 ? 109 ARG B HA   1 
ATOM   13   H  HB2  . ARG A 1 1  ? 21.569  -16.800 12.319  1.00 18.66 ? 109 ARG B HB2  1 
ATOM   14   H  HB3  . ARG A 1 1  ? 20.622  -17.417 11.203  1.00 18.66 ? 109 ARG B HB3  1 
ATOM   15   H  HG2  . ARG A 1 1  ? 23.169  -18.475 11.705  1.00 18.85 ? 109 ARG B HG2  1 
ATOM   16   H  HG3  . ARG A 1 1  ? 21.873  -19.019 12.448  1.00 18.85 ? 109 ARG B HG3  1 
ATOM   17   H  HD2  . ARG A 1 1  ? 21.001  -19.442 10.209  1.00 18.44 ? 109 ARG B HD2  1 
ATOM   18   H  HD3  . ARG A 1 1  ? 22.509  -19.292 9.731   1.00 18.44 ? 109 ARG B HD3  1 
ATOM   19   H  HE   . ARG A 1 1  ? 21.498  -21.432 10.963  1.00 19.44 ? 109 ARG B HE   1 
ATOM   20   H  HH11 . ARG A 1 1  ? 24.412  -19.918 10.496  1.00 19.75 ? 109 ARG B HH11 1 
ATOM   21   H  HH12 . ARG A 1 1  ? 25.257  -21.114 10.768  1.00 19.75 ? 109 ARG B HH12 1 
ATOM   22   H  HH21 . ARG A 1 1  ? 22.799  -23.224 11.388  1.00 24.44 ? 109 ARG B HH21 1 
ATOM   23   H  HH22 . ARG A 1 1  ? 24.282  -23.112 11.307  1.00 24.44 ? 109 ARG B HH22 1 
ATOM   24   N  N    . LEU A 1 2  ? 20.365  -14.874 9.801   1.00 13.60 ? 110 LEU B N    1 
ATOM   25   C  CA   . LEU A 1 2  ? 19.520  -13.687 9.873   1.00 15.46 ? 110 LEU B CA   1 
ATOM   26   C  C    . LEU A 1 2  ? 18.104  -14.139 9.555   1.00 15.16 ? 110 LEU B C    1 
ATOM   27   O  O    . LEU A 1 2  ? 17.870  -14.724 8.495   1.00 14.85 ? 110 LEU B O    1 
ATOM   28   C  CB   . LEU A 1 2  ? 19.980  -12.623 8.878   1.00 14.75 ? 110 LEU B CB   1 
ATOM   29   C  CG   . LEU A 1 2  ? 19.165  -11.331 8.890   1.00 16.72 ? 110 LEU B CG   1 
ATOM   30   C  CD1  . LEU A 1 2  ? 19.329  -10.606 10.211  1.00 21.64 ? 110 LEU B CD1  1 
ATOM   31   C  CD2  . LEU A 1 2  ? 19.571  -10.426 7.743   1.00 18.23 ? 110 LEU B CD2  1 
ATOM   32   H  H    . LEU A 1 2  ? 20.046  -15.490 9.293   1.00 16.33 ? 110 LEU B H    1 
ATOM   33   H  HA   . LEU A 1 2  ? 19.550  -13.298 10.762  1.00 18.56 ? 110 LEU B HA   1 
ATOM   34   H  HB2  . LEU A 1 2  ? 20.899  -12.390 9.083   1.00 17.71 ? 110 LEU B HB2  1 
ATOM   35   H  HB3  . LEU A 1 2  ? 19.923  -12.994 7.984   1.00 17.71 ? 110 LEU B HB3  1 
ATOM   36   H  HG   . LEU A 1 2  ? 18.227  -11.557 8.782   1.00 20.07 ? 110 LEU B HG   1 
ATOM   37   H  HD11 . LEU A 1 2  ? 18.863  -9.757  10.164  1.00 25.97 ? 110 LEU B HD11 1 
ATOM   38   H  HD12 . LEU A 1 2  ? 18.953  -11.152 10.919  1.00 25.97 ? 110 LEU B HD12 1 
ATOM   39   H  HD13 . LEU A 1 2  ? 20.273  -10.457 10.373  1.00 25.97 ? 110 LEU B HD13 1 
ATOM   40   H  HD21 . LEU A 1 2  ? 19.066  -9.601  7.796   1.00 21.89 ? 110 LEU B HD21 1 
ATOM   41   H  HD22 . LEU A 1 2  ? 20.521  -10.239 7.809   1.00 21.89 ? 110 LEU B HD22 1 
ATOM   42   H  HD23 . LEU A 1 2  ? 19.382  -10.876 6.903   1.00 21.89 ? 110 LEU B HD23 1 
ATOM   43   N  N    . GLY A 1 3  ? 17.172  -13.914 10.476  1.00 16.12 ? 111 GLY B N    1 
ATOM   44   C  CA   . GLY A 1 3  ? 15.820  -14.397 10.273  1.00 15.08 ? 111 GLY B CA   1 
ATOM   45   C  C    . GLY A 1 3  ? 15.177  -13.778 9.046   1.00 15.13 ? 111 GLY B C    1 
ATOM   46   O  O    . GLY A 1 3  ? 15.451  -12.637 8.678   1.00 15.79 ? 111 GLY B O    1 
ATOM   47   H  H    . GLY A 1 3  ? 17.295  -13.491 11.215  1.00 19.34 ? 111 GLY B H    1 
ATOM   48   H  HA2  . GLY A 1 3  ? 15.835  -15.361 10.159  1.00 18.10 ? 111 GLY B HA2  1 
ATOM   49   H  HA3  . GLY A 1 3  ? 15.279  -14.179 11.048  1.00 18.10 ? 111 GLY B HA3  1 
ATOM   50   N  N    . SER A 1 4  ? 14.315  -14.554 8.401   1.00 15.24 ? 112 SER B N    1 
ATOM   51   C  CA   . SER A 1 4  ? 13.554  -14.043 7.274   1.00 15.44 ? 112 SER B CA   1 
ATOM   52   C  C    . SER A 1 4  ? 12.437  -13.141 7.772   1.00 14.73 ? 112 SER B C    1 
ATOM   53   O  O    . SER A 1 4  ? 11.844  -13.384 8.828   1.00 18.40 ? 112 SER B O    1 
ATOM   54   C  CB   . SER A 1 4  ? 12.937  -15.183 6.472   1.00 16.09 ? 112 SER B CB   1 
ATOM   55   O  OG   . SER A 1 4  ? 13.905  -15.853 5.697   1.00 16.69 ? 112 SER B OG   1 
ATOM   56   H  H    . SER A 1 4  ? 14.154  -15.376 8.596   1.00 18.29 ? 112 SER B H    1 
ATOM   57   H  HA   . SER A 1 4  ? 14.147  -13.541 6.692   1.00 18.53 ? 112 SER B HA   1 
ATOM   58   H  HB2  . SER A 1 4  ? 12.534  -15.816 7.088   1.00 19.31 ? 112 SER B HB2  1 
ATOM   59   H  HB3  . SER A 1 4  ? 12.259  -14.820 5.881   1.00 19.31 ? 112 SER B HB3  1 
ATOM   60   H  HG   . SER A 1 4  ? 13.549  -16.488 5.280   1.00 20.04 ? 112 SER B HG   1 
ATOM   61   N  N    . GLY A 1 5  ? 12.156  -12.103 7.004   1.00 15.01 ? 113 GLY B N    1 
ATOM   62   C  CA   . GLY A 1 5  ? 11.066  -11.198 7.289   1.00 14.38 ? 113 GLY B CA   1 
ATOM   63   C  C    . GLY A 1 5  ? 9.779   -11.624 6.621   1.00 14.04 ? 113 GLY B C    1 
ATOM   64   O  O    . GLY A 1 5  ? 9.561   -12.796 6.304   1.00 15.70 ? 113 GLY B O    1 
ATOM   65   H  H    . GLY A 1 5  ? 12.597  -11.899 6.295   1.00 18.02 ? 113 GLY B H    1 
ATOM   66   H  HA2  . GLY A 1 5  ? 10.917  -11.167 8.248   1.00 17.26 ? 113 GLY B HA2  1 
ATOM   67   H  HA3  . GLY A 1 5  ? 11.295  -10.309 6.975   1.00 17.26 ? 113 GLY B HA3  1 
ATOM   68   N  N    . ASP A 1 6  ? 8.907   -10.649 6.404   1.00 12.90 ? 114 ASP B N    1 
ATOM   69   C  CA   . ASP A 1 6  ? 7.622   -10.912 5.785   1.00 13.30 ? 114 ASP B CA   1 
ATOM   70   C  C    . ASP A 1 6  ? 7.792   -11.146 4.291   1.00 12.64 ? 114 ASP B C    1 
ATOM   71   O  O    . ASP A 1 6  ? 8.582   -10.468 3.634   1.00 12.31 ? 114 ASP B O    1 
ATOM   72   C  CB   . ASP A 1 6  ? 6.698   -9.720  6.013   1.00 14.38 ? 114 ASP B CB   1 
ATOM   73   C  CG   . ASP A 1 6  ? 5.270   -10.048 5.719   1.00 15.38 ? 114 ASP B CG   1 
ATOM   74   O  OD1  . ASP A 1 6  ? 4.539   -10.436 6.659   1.00 21.82 ? 114 ASP B OD1  1 
ATOM   75   O  OD2  . ASP A 1 6  ? 4.883   -9.945  4.547   1.00 14.80 ? 114 ASP B OD2  1 
ATOM   76   H  H    . ASP A 1 6  ? 9.039   -9.823  6.607   1.00 15.49 ? 114 ASP B H    1 
ATOM   77   H  HA   . ASP A 1 6  ? 7.222   -11.705 6.175   1.00 15.96 ? 114 ASP B HA   1 
ATOM   78   H  HB2  . ASP A 1 6  ? 6.759   -9.442  6.940   1.00 17.26 ? 114 ASP B HB2  1 
ATOM   79   H  HB3  . ASP A 1 6  ? 6.966   -8.993  5.429   1.00 17.26 ? 114 ASP B HB3  1 
ATOM   80   N  N    . VAL A 1 7  ? 7.028   -12.093 3.742   1.00 12.99 ? 115 VAL B N    1 
ATOM   81   C  CA   . VAL A 1 7  ? 7.128   -12.394 2.317   1.00 13.46 ? 115 VAL B CA   1 
ATOM   82   C  C    . VAL A 1 7  ? 6.681   -11.236 1.438   1.00 12.05 ? 115 VAL B C    1 
ATOM   83   O  O    . VAL A 1 7  ? 6.939   -11.249 0.230   1.00 14.48 ? 115 VAL B O    1 
ATOM   84   C  CB   . VAL A 1 7  ? 6.361   -13.679 1.945   1.00 15.74 ? 115 VAL B CB   1 
ATOM   85   C  CG1  . VAL A 1 7  ? 6.889   -14.857 2.758   1.00 20.46 ? 115 VAL B CG1  1 
ATOM   86   C  CG2  . VAL A 1 7  ? 4.863   -13.479 2.135   1.00 16.55 ? 115 VAL B CG2  1 
ATOM   87   H  H    . VAL A 1 7  ? 6.452   -12.568 4.169   1.00 15.59 ? 115 VAL B H    1 
ATOM   88   H  HA   . VAL A 1 7  ? 8.064   -12.563 2.127   1.00 16.16 ? 115 VAL B HA   1 
ATOM   89   H  HB   . VAL A 1 7  ? 6.501   -13.884 1.007   1.00 18.89 ? 115 VAL B HB   1 
ATOM   90   H  HG11 . VAL A 1 7  ? 6.514   -15.679 2.404   1.00 24.56 ? 115 VAL B HG11 1 
ATOM   91   H  HG12 . VAL A 1 7  ? 7.857   -14.878 2.692   1.00 24.56 ? 115 VAL B HG12 1 
ATOM   92   H  HG13 . VAL A 1 7  ? 6.624   -14.745 3.685   1.00 24.56 ? 115 VAL B HG13 1 
ATOM   93   H  HG21 . VAL A 1 7  ? 4.418   -14.336 2.048   1.00 19.87 ? 115 VAL B HG21 1 
ATOM   94   H  HG22 . VAL A 1 7  ? 4.704   -13.111 3.018   1.00 19.87 ? 115 VAL B HG22 1 
ATOM   95   H  HG23 . VAL A 1 7  ? 4.538   -12.867 1.456   1.00 19.87 ? 115 VAL B HG23 1 
ATOM   96   N  N    . HIS A 1 8  ? 6.013   -10.231 2.009   1.00 11.48 ? 116 HIS B N    1 
ATOM   97   C  CA   . HIS A 1 8  ? 5.560   -9.067  1.264   1.00 11.15 ? 116 HIS B CA   1 
ATOM   98   C  C    . HIS A 1 8  ? 6.517   -7.895  1.382   1.00 10.93 ? 116 HIS B C    1 
ATOM   99   O  O    . HIS A 1 8  ? 6.290   -6.854  0.757   1.00 11.65 ? 116 HIS B O    1 
ATOM   100  C  CB   . HIS A 1 8  ? 4.163   -8.652  1.729   1.00 11.08 ? 116 HIS B CB   1 
ATOM   101  C  CG   . HIS A 1 8  ? 3.166   -9.751  1.642   1.00 13.23 ? 116 HIS B CG   1 
ATOM   102  N  ND1  . HIS A 1 8  ? 2.801   -10.507 2.732   1.00 15.54 ? 116 HIS B ND1  1 
ATOM   103  C  CD2  . HIS A 1 8  ? 2.471   -10.238 0.590   1.00 14.49 ? 116 HIS B CD2  1 
ATOM   104  C  CE1  . HIS A 1 8  ? 1.912   -11.408 2.355   1.00 15.31 ? 116 HIS B CE1  1 
ATOM   105  N  NE2  . HIS A 1 8  ? 1.695   -11.267 1.060   1.00 16.03 ? 116 HIS B NE2  1 
ATOM   106  H  H    . HIS A 1 8  ? 5.809   -10.207 2.844   1.00 13.78 ? 116 HIS B H    1 
ATOM   107  H  HA   . HIS A 1 8  ? 5.492   -9.301  0.325   1.00 13.38 ? 116 HIS B HA   1 
ATOM   108  H  HB2  . HIS A 1 8  ? 4.213   -8.367  2.656   1.00 13.30 ? 116 HIS B HB2  1 
ATOM   109  H  HB3  . HIS A 1 8  ? 3.851   -7.921  1.173   1.00 13.30 ? 116 HIS B HB3  1 
ATOM   110  H  HD1  . HIS A 1 8  ? 3.103   -10.407 3.530   1.00 18.66 ? 116 HIS B HD1  1 
ATOM   111  H  HD2  . HIS A 1 8  ? 2.511   -9.934  -0.288  1.00 17.39 ? 116 HIS B HD2  1 
ATOM   112  H  HE1  . HIS A 1 8  ? 1.507   -12.037 2.908   1.00 18.38 ? 116 HIS B HE1  1 
ATOM   113  N  N    . LYS A 1 9  ? 7.573   -8.026  2.177   1.00 10.81 ? 117 LYS B N    1 
ATOM   114  C  CA   . LYS A 1 9  ? 8.567   -6.969  2.282   1.00 10.46 ? 117 LYS B CA   1 
ATOM   115  C  C    . LYS A 1 9  ? 9.147   -6.686  0.906   1.00 10.05 ? 117 LYS B C    1 
ATOM   116  O  O    . LYS A 1 9  ? 9.453   -7.612  0.144   1.00 11.04 ? 117 LYS B O    1 
ATOM   117  C  CB   . LYS A 1 9  ? 9.666   -7.415  3.247   1.00 11.73 ? 117 LYS B CB   1 
ATOM   118  C  CG   . LYS A 1 9  ? 10.840  -6.463  3.390   1.00 11.22 ? 117 LYS B CG   1 
ATOM   119  C  CD   . LYS A 1 9  ? 11.837  -6.974  4.412   1.00 13.10 ? 117 LYS B CD   1 
ATOM   120  C  CE   . LYS A 1 9  ? 13.080  -6.124  4.477   1.00 12.56 ? 117 LYS B CE   1 
ATOM   121  N  NZ   . LYS A 1 9  ? 13.984  -6.575  5.556   1.00 14.30 ? 117 LYS B NZ   1 
ATOM   122  H  H    . LYS A 1 9  ? 7.736   -8.714  2.667   1.00 12.98 ? 117 LYS B H    1 
ATOM   123  H  HA   . LYS A 1 9  ? 8.174   -6.150  2.623   1.00 12.55 ? 117 LYS B HA   1 
ATOM   124  H  HB2  . LYS A 1 9  ? 9.273   -7.523  4.127   1.00 14.08 ? 117 LYS B HB2  1 
ATOM   125  H  HB3  . LYS A 1 9  ? 10.020  -8.264  2.934   1.00 14.08 ? 117 LYS B HB3  1 
ATOM   126  H  HG2  . LYS A 1 9  ? 11.292  -6.377  2.537   1.00 13.47 ? 117 LYS B HG2  1 
ATOM   127  H  HG3  . LYS A 1 9  ? 10.518  -5.596  3.684   1.00 13.47 ? 117 LYS B HG3  1 
ATOM   128  H  HD2  . LYS A 1 9  ? 11.423  -6.970  5.289   1.00 15.73 ? 117 LYS B HD2  1 
ATOM   129  H  HD3  . LYS A 1 9  ? 12.101  -7.877  4.175   1.00 15.73 ? 117 LYS B HD3  1 
ATOM   130  H  HE2  . LYS A 1 9  ? 13.556  -6.185  3.634   1.00 15.08 ? 117 LYS B HE2  1 
ATOM   131  H  HE3  . LYS A 1 9  ? 12.831  -5.203  4.651   1.00 15.08 ? 117 LYS B HE3  1 
ATOM   132  H  HZ1  . LYS A 1 9  ? 14.736  -6.100  5.540   1.00 17.16 ? 117 LYS B HZ1  1 
ATOM   133  H  HZ2  . LYS A 1 9  ? 13.589  -6.467  6.347   1.00 17.16 ? 117 LYS B HZ2  1 
ATOM   134  H  HZ3  . LYS A 1 9  ? 14.183  -7.435  5.447   1.00 17.16 ? 117 LYS B HZ3  1 
ATOM   135  N  N    . HIS A 1 10 ? 9.329   -5.408  0.590   1.00 10.56 ? 118 HIS B N    1 
ATOM   136  C  CA   . HIS A 1 10 ? 9.817   -5.027  -0.729  1.00 10.92 ? 118 HIS B CA   1 
ATOM   137  C  C    . HIS A 1 10 ? 10.734  -3.810  -0.653  1.00 10.28 ? 118 HIS B C    1 
ATOM   138  O  O    . HIS A 1 10 ? 10.819  -3.033  -1.606  1.00 10.67 ? 118 HIS B O    1 
ATOM   139  C  CB   . HIS A 1 10 ? 8.650   -4.781  -1.680  1.00 10.52 ? 118 HIS B CB   1 
ATOM   140  C  CG   . HIS A 1 10 ? 7.751   -3.675  -1.229  1.00 10.37 ? 118 HIS B CG   1 
ATOM   141  N  ND1  . HIS A 1 10 ? 7.975   -2.358  -1.562  1.00 10.56 ? 118 HIS B ND1  1 
ATOM   142  C  CD2  . HIS A 1 10 ? 6.653   -3.680  -0.432  1.00 9.98  ? 118 HIS B CD2  1 
ATOM   143  C  CE1  . HIS A 1 10 ? 7.041   -1.600  -1.007  1.00 9.66  ? 118 HIS B CE1  1 
ATOM   144  N  NE2  . HIS A 1 10 ? 6.228   -2.377  -0.312  1.00 10.73 ? 118 HIS B NE2  1 
ATOM   145  H  H    . HIS A 1 10 ? 9.177   -4.747  1.119   1.00 12.68 ? 118 HIS B H    1 
ATOM   146  H  HA   . HIS A 1 10 ? 10.348  -5.753  -1.096  1.00 13.11 ? 118 HIS B HA   1 
ATOM   147  H  HB2  . HIS A 1 10 ? 9.000   -4.545  -2.553  1.00 12.62 ? 118 HIS B HB2  1 
ATOM   148  H  HB3  . HIS A 1 10 ? 8.120   -5.591  -1.742  1.00 12.62 ? 118 HIS B HB3  1 
ATOM   149  H  HD1  . HIS A 1 10 ? 8.620   -2.072  -2.053  1.00 12.67 ? 118 HIS B HD1  1 
ATOM   150  H  HD2  . HIS A 1 10 ? 6.261   -4.426  -0.040  1.00 11.98 ? 118 HIS B HD2  1 
ATOM   151  H  HE1  . HIS A 1 10 ? 6.969   -0.677  -1.092  1.00 11.60 ? 118 HIS B HE1  1 
ATOM   152  N  N    . THR A 1 11 ? 11.430  -3.649  0.467   1.00 10.81 ? 119 THR B N    1 
ATOM   153  C  CA   . THR A 1 11 ? 12.446  -2.619  0.608   1.00 10.96 ? 119 THR B CA   1 
ATOM   154  C  C    . THR A 1 11 ? 13.305  -2.580  -0.644  1.00 10.47 ? 119 THR B C    1 
ATOM   155  O  O    . THR A 1 11 ? 13.743  -3.626  -1.131  1.00 10.55 ? 119 THR B O    1 
ATOM   156  C  CB   . THR A 1 11 ? 13.330  -2.969  1.809   1.00 11.96 ? 119 THR B CB   1 
ATOM   157  O  OG1  . THR A 1 11 ? 12.499  -3.320  2.923   1.00 12.68 ? 119 THR B OG1  1 
ATOM   158  C  CG2  . THR A 1 11 ? 14.253  -1.807  2.182   1.00 13.22 ? 119 THR B CG2  1 
ATOM   159  H  H    . THR A 1 11 ? 11.330  -4.133  1.171   1.00 12.98 ? 119 THR B H    1 
ATOM   160  H  HA   . THR A 1 11 ? 12.036  -1.750  0.750   1.00 13.16 ? 119 THR B HA   1 
ATOM   161  H  HB   . THR A 1 11 ? 13.899  -3.721  1.581   1.00 14.36 ? 119 THR B HB   1 
ATOM   162  H  HG1  . THR A 1 11 ? 11.900  -2.741  3.029   1.00 15.22 ? 119 THR B HG1  1 
ATOM   163  H  HG21 . THR A 1 11 ? 14.777  -2.038  2.965   1.00 15.87 ? 119 THR B HG21 1 
ATOM   164  H  HG22 . THR A 1 11 ? 14.855  -1.612  1.447   1.00 15.87 ? 119 THR B HG22 1 
ATOM   165  H  HG23 . THR A 1 11 ? 13.728  -1.015  2.377   1.00 15.87 ? 119 THR B HG23 1 
ATOM   166  N  N    . GLY A 1 12 ? 13.527  -1.374  -1.167  1.00 11.24 ? 120 GLY B N    1 
ATOM   167  C  CA   . GLY A 1 12 ? 14.334  -1.176  -2.349  1.00 11.54 ? 120 GLY B CA   1 
ATOM   168  C  C    . GLY A 1 12 ? 13.570  -1.092  -3.653  1.00 10.79 ? 120 GLY B C    1 
ATOM   169  O  O    . GLY A 1 12 ? 14.189  -0.793  -4.688  1.00 11.67 ? 120 GLY B O    1 
ATOM   170  H  H    . GLY A 1 12 ? 13.209  -0.644  -0.840  1.00 13.49 ? 120 GLY B H    1 
ATOM   171  H  HA2  . GLY A 1 12 ? 14.834  -0.351  -2.247  1.00 13.85 ? 120 GLY B HA2  1 
ATOM   172  H  HA3  . GLY A 1 12 ? 14.959  -1.915  -2.422  1.00 13.85 ? 120 GLY B HA3  1 
ATOM   173  N  N    . ARG A 1 13 ? 12.259  -1.329  -3.645  1.00 10.77 ? 121 ARG B N    1 
ATOM   174  C  CA   . ARG A 1 13 ? 11.481  -1.290  -4.868  1.00 10.63 ? 121 ARG B CA   1 
ATOM   175  C  C    . ARG A 1 13 ? 10.046  -0.909  -4.533  1.00 11.05 ? 121 ARG B C    1 
ATOM   176  O  O    . ARG A 1 13 ? 9.641   -0.867  -3.366  1.00 11.04 ? 121 ARG B O    1 
ATOM   177  C  CB   . ARG A 1 13 ? 11.498  -2.643  -5.589  1.00 10.37 ? 121 ARG B CB   1 
ATOM   178  C  CG   . ARG A 1 13 ? 10.869  -3.761  -4.766  1.00 10.93 ? 121 ARG B CG   1 
ATOM   179  C  CD   . ARG A 1 13 ? 10.921  -5.073  -5.496  1.00 10.83 ? 121 ARG B CD   1 
ATOM   180  N  NE   . ARG A 1 13 ? 10.424  -6.209  -4.736  1.00 10.51 ? 121 ARG B NE   1 
ATOM   181  C  CZ   . ARG A 1 13 ? 9.147   -6.553  -4.629  1.00 10.64 ? 121 ARG B CZ   1 
ATOM   182  N  NH1  . ARG A 1 13 ? 8.185   -5.823  -5.193  1.00 11.69 ? 121 ARG B NH1  1 
ATOM   183  N  NH2  . ARG A 1 13 ? 8.828   -7.642  -3.949  1.00 11.70 ? 121 ARG B NH2  1 
ATOM   184  H  H    . ARG A 1 13 ? 11.803  -1.514  -2.939  1.00 12.93 ? 121 ARG B H    1 
ATOM   185  H  HA   . ARG A 1 13 ? 11.860  -0.614  -5.453  1.00 12.76 ? 121 ARG B HA   1 
ATOM   186  H  HB2  . ARG A 1 13 ? 11.001  -2.565  -6.418  1.00 12.45 ? 121 ARG B HB2  1 
ATOM   187  H  HB3  . ARG A 1 13 ? 12.417  -2.889  -5.776  1.00 12.45 ? 121 ARG B HB3  1 
ATOM   188  H  HG2  . ARG A 1 13 ? 11.352  -3.857  -3.931  1.00 13.13 ? 121 ARG B HG2  1 
ATOM   189  H  HG3  . ARG A 1 13 ? 9.940   -3.547  -4.590  1.00 13.13 ? 121 ARG B HG3  1 
ATOM   190  H  HD2  . ARG A 1 13 ? 10.382  -5.002  -6.299  1.00 13.00 ? 121 ARG B HD2  1 
ATOM   191  H  HD3  . ARG A 1 13 ? 11.843  -5.260  -5.730  1.00 13.00 ? 121 ARG B HD3  1 
ATOM   192  H  HE   . ARG A 1 13 ? 11.002  -6.694  -4.323  1.00 12.62 ? 121 ARG B HE   1 
ATOM   193  H  HH11 . ARG A 1 13 ? 8.387   -5.114  -5.634  1.00 14.03 ? 121 ARG B HH11 1 
ATOM   194  H  HH12 . ARG A 1 13 ? 7.363   -6.061  -5.114  1.00 14.03 ? 121 ARG B HH12 1 
ATOM   195  H  HH21 . ARG A 1 13 ? 9.444   -8.116  -3.583  1.00 14.04 ? 121 ARG B HH21 1 
ATOM   196  H  HH22 . ARG A 1 13 ? 8.004   -7.876  -3.874  1.00 14.04 ? 121 ARG B HH22 1 
ATOM   197  N  N    . ASN A 1 14 ? 9.264   -0.663  -5.580  1.00 11.32 ? 122 ASN B N    1 
ATOM   198  C  CA   . ASN A 1 14 ? 7.822   -0.538  -5.434  1.00 11.71 ? 122 ASN B CA   1 
ATOM   199  C  C    . ASN A 1 14 ? 7.201   -1.911  -5.168  1.00 10.95 ? 122 ASN B C    1 
ATOM   200  O  O    . ASN A 1 14 ? 7.693   -2.940  -5.631  1.00 12.35 ? 122 ASN B O    1 
ATOM   201  C  CB   . ASN A 1 14 ? 7.213   0.023   -6.715  1.00 13.16 ? 122 ASN B CB   1 
ATOM   202  C  CG   . ASN A 1 14 ? 7.412   -0.909  -7.905  1.00 18.88 ? 122 ASN B CG   1 
ATOM   203  O  OD1  . ASN A 1 14 ? 8.548   -1.238  -8.271  1.00 20.88 ? 122 ASN B OD1  1 
ATOM   204  N  ND2  . ASN A 1 14 ? 6.314   -1.348  -8.505  1.00 20.19 ? 122 ASN B ND2  1 
ATOM   205  H  H    . ASN A 1 14 ? 9.545   -0.566  -6.387  1.00 13.59 ? 122 ASN B H    1 
ATOM   206  H  HA   . ASN A 1 14 ? 7.622   0.059   -4.696  1.00 14.06 ? 122 ASN B HA   1 
ATOM   207  H  HB2  . ASN A 1 14 ? 6.260   0.149   -6.587  1.00 15.80 ? 122 ASN B HB2  1 
ATOM   208  H  HB3  . ASN A 1 14 ? 7.634   0.873   -6.924  1.00 15.80 ? 122 ASN B HB3  1 
ATOM   209  H  HD21 . ASN A 1 14 ? 5.540   -1.105  -8.218  1.00 24.23 ? 122 ASN B HD21 1 
ATOM   210  H  HD22 . ASN A 1 14 ? 6.375   -1.877  -9.180  1.00 24.23 ? 122 ASN B HD22 1 
ATOM   211  N  N    . CYS A 1 15 ? 6.079   -1.916  -4.444  1.00 11.37 ? 123 CYS B N    1 
ATOM   212  C  CA   . CYS A 1 15 ? 5.387   -3.168  -4.147  1.00 11.19 ? 123 CYS B CA   1 
ATOM   213  C  C    . CYS A 1 15 ? 4.907   -3.840  -5.426  1.00 11.07 ? 123 CYS B C    1 
ATOM   214  O  O    . CYS A 1 15 ? 5.293   -4.973  -5.747  1.00 12.70 ? 123 CYS B O    1 
ATOM   215  C  CB   . CYS A 1 15 ? 4.204   -2.893  -3.217  1.00 10.11 ? 123 CYS B CB   1 
ATOM   216  S  SG   . CYS A 1 15 ? 3.199   -4.385  -2.963  1.00 10.70 ? 123 CYS B SG   1 
ATOM   217  H  H    . CYS A 1 15 ? 5.701   -1.217  -4.117  1.00 13.65 ? 123 CYS B H    1 
ATOM   218  H  HA   . CYS A 1 15 ? 6.002   -3.769  -3.698  1.00 13.44 ? 123 CYS B HA   1 
ATOM   219  H  HB2  . CYS A 1 15 ? 4.537   -2.597  -2.355  1.00 12.14 ? 123 CYS B HB2  1 
ATOM   220  H  HB3  . CYS A 1 15 ? 3.642   -2.206  -3.608  1.00 12.14 ? 123 CYS B HB3  1 
ATOM   221  N  N    . GLY A 1 16 ? 4.057   -3.144  -6.177  1.00 12.01 ? 124 GLY B N    1 
ATOM   222  C  CA   . GLY A 1 16 ? 3.586   -3.626  -7.458  1.00 14.83 ? 124 GLY B CA   1 
ATOM   223  C  C    . GLY A 1 16 ? 2.610   -4.777  -7.419  1.00 14.16 ? 124 GLY B C    1 
ATOM   224  O  O    . GLY A 1 16 ? 2.304   -5.334  -8.478  1.00 15.77 ? 124 GLY B O    1 
ATOM   225  H  H    . GLY A 1 16 ? 3.736   -2.376  -5.958  1.00 14.41 ? 124 GLY B H    1 
ATOM   226  H  HA2  . GLY A 1 16 ? 3.150   -2.892  -7.919  1.00 17.80 ? 124 GLY B HA2  1 
ATOM   227  H  HA3  . GLY A 1 16 ? 4.353   -3.914  -7.977  1.00 17.80 ? 124 GLY B HA3  1 
ATOM   228  N  N    . ARG A 1 17 ? 2.103   -5.153  -6.249  1.00 13.59 ? 125 ARG B N    1 
ATOM   229  C  CA   . ARG A 1 17 ? 1.149   -6.251  -6.170  1.00 14.27 ? 125 ARG B CA   1 
ATOM   230  C  C    . ARG A 1 17 ? -0.069  -5.945  -7.029  1.00 13.11 ? 125 ARG B C    1 
ATOM   231  O  O    . ARG A 1 17 ? -0.648  -4.863  -6.934  1.00 14.17 ? 125 ARG B O    1 
ATOM   232  C  CB   . ARG A 1 17 ? 0.713   -6.451  -4.723  1.00 14.03 ? 125 ARG B CB   1 
ATOM   233  C  CG   . ARG A 1 17 ? -0.291  -7.559  -4.519  1.00 19.37 ? 125 ARG B CG   1 
ATOM   234  C  CD   . ARG A 1 17 ? -0.788  -7.584  -3.088  1.00 21.25 ? 125 ARG B CD   1 
ATOM   235  N  NE   . ARG A 1 17 ? -1.550  -8.796  -2.828  1.00 24.79 ? 125 ARG B NE   1 
ATOM   236  C  CZ   . ARG A 1 17 ? -0.998  -9.987  -2.631  1.00 26.81 ? 125 ARG B CZ   1 
ATOM   237  N  NH1  . ARG A 1 17 ? 0.322   -10.119 -2.651  1.00 27.91 ? 125 ARG B NH1  1 
ATOM   238  N  NH2  . ARG A 1 17 ? -1.765  -11.044 -2.408  1.00 33.40 ? 125 ARG B NH2  1 
ATOM   239  H  H    . ARG A 1 17 ? 2.293   -4.792  -5.491  1.00 16.32 ? 125 ARG B H    1 
ATOM   240  H  HA   . ARG A 1 17 ? 1.565   -7.066  -6.490  1.00 17.13 ? 125 ARG B HA   1 
ATOM   241  H  HB2  . ARG A 1 17 ? 1.496   -6.664  -4.191  1.00 16.84 ? 125 ARG B HB2  1 
ATOM   242  H  HB3  . ARG A 1 17 ? 0.309   -5.628  -4.405  1.00 16.84 ? 125 ARG B HB3  1 
ATOM   243  H  HG2  . ARG A 1 17 ? -1.050  -7.419  -5.105  1.00 23.24 ? 125 ARG B HG2  1 
ATOM   244  H  HG3  . ARG A 1 17 ? 0.126   -8.414  -4.714  1.00 23.24 ? 125 ARG B HG3  1 
ATOM   245  H  HD2  . ARG A 1 17 ? -0.030  -7.560  -2.482  1.00 25.51 ? 125 ARG B HD2  1 
ATOM   246  H  HD3  . ARG A 1 17 ? -1.362  -6.819  -2.931  1.00 25.51 ? 125 ARG B HD3  1 
ATOM   247  H  HE   . ARG A 1 17 ? -2.407  -8.736  -2.799  1.00 29.75 ? 125 ARG B HE   1 
ATOM   248  H  HH11 . ARG A 1 17 ? 0.820   -9.433  -2.792  1.00 33.49 ? 125 ARG B HH11 1 
ATOM   249  H  HH12 . ARG A 1 17 ? 0.679   -10.891 -2.525  1.00 33.49 ? 125 ARG B HH12 1 
ATOM   250  H  HH21 . ARG A 1 17 ? -2.621  -10.958 -2.391  1.00 40.09 ? 125 ARG B HH21 1 
ATOM   251  H  HH22 . ARG A 1 17 ? -1.408  -11.816 -2.281  1.00 40.09 ? 125 ARG B HH22 1 
ATOM   252  N  N    . LYS A 1 18 ? -0.474  -6.915  -7.845  1.00 15.96 ? 126 LYS B N    1 
ATOM   253  C  CA   . LYS A 1 18 ? -1.662  -6.781  -8.675  1.00 17.45 ? 126 LYS B CA   1 
ATOM   254  C  C    . LYS A 1 18 ? -2.868  -7.332  -7.929  1.00 17.95 ? 126 LYS B C    1 
ATOM   255  O  O    . LYS A 1 18 ? -2.865  -8.488  -7.498  1.00 20.49 ? 126 LYS B O    1 
ATOM   256  C  CB   . LYS A 1 18 ? -1.482  -7.539  -9.990  1.00 21.46 ? 126 LYS B CB   1 
ATOM   257  C  CG   . LYS A 1 18 ? -2.541  -7.206  -11.024 1.00 28.53 ? 126 LYS B CG   1 
ATOM   258  C  CD   . LYS A 1 18 ? -2.358  -8.038  -12.282 1.00 36.93 ? 126 LYS B CD   1 
ATOM   259  C  CE   . LYS A 1 18 ? -3.670  -8.184  -13.042 1.00 41.66 ? 126 LYS B CE   1 
ATOM   260  N  NZ   . LYS A 1 18 ? -3.486  -8.858  -14.361 1.00 47.56 ? 126 LYS B NZ   1 
ATOM   261  H  H    . LYS A 1 18 ? -0.071  -7.669  -7.933  1.00 19.16 ? 126 LYS B H    1 
ATOM   262  H  HA   . LYS A 1 18 ? -1.815  -5.844  -8.874  1.00 20.95 ? 126 LYS B HA   1 
ATOM   263  H  HB2  . LYS A 1 18 ? -0.617  -7.313  -10.366 1.00 25.75 ? 126 LYS B HB2  1 
ATOM   264  H  HB3  . LYS A 1 18 ? -1.529  -8.491  -9.812  1.00 25.75 ? 126 LYS B HB3  1 
ATOM   265  H  HG2  . LYS A 1 18 ? -3.420  -7.392  -10.659 1.00 34.24 ? 126 LYS B HG2  1 
ATOM   266  H  HG3  . LYS A 1 18 ? -2.474  -6.269  -11.265 1.00 34.24 ? 126 LYS B HG3  1 
ATOM   267  H  HD2  . LYS A 1 18 ? -1.713  -7.606  -12.864 1.00 44.32 ? 126 LYS B HD2  1 
ATOM   268  H  HD3  . LYS A 1 18 ? -2.045  -8.924  -12.039 1.00 44.32 ? 126 LYS B HD3  1 
ATOM   269  H  HE2  . LYS A 1 18 ? -4.286  -8.716  -12.515 1.00 50.00 ? 126 LYS B HE2  1 
ATOM   270  H  HE3  . LYS A 1 18 ? -4.044  -7.304  -13.203 1.00 50.00 ? 126 LYS B HE3  1 
ATOM   271  H  HZ1  . LYS A 1 18 ? -2.834  -8.460  -14.817 1.00 57.08 ? 126 LYS B HZ1  1 
ATOM   272  H  HZ2  . LYS A 1 18 ? -3.274  -9.713  -14.239 1.00 57.08 ? 126 LYS B HZ2  1 
ATOM   273  H  HZ3  . LYS A 1 18 ? -4.239  -8.811  -14.833 1.00 57.08 ? 126 LYS B HZ3  1 
ATOM   274  N  N    . PHE A 1 19 ? -3.909  -6.516  -7.808  1.00 17.79 ? 127 PHE B N    1 
ATOM   275  C  CA   . PHE A 1 19 ? -5.071  -6.903  -7.026  1.00 16.60 ? 127 PHE B CA   1 
ATOM   276  C  C    . PHE A 1 19 ? -5.886  -7.960  -7.751  1.00 18.45 ? 127 PHE B C    1 
ATOM   277  O  O    . PHE A 1 19 ? -6.012  -7.942  -8.979  1.00 21.57 ? 127 PHE B O    1 
ATOM   278  C  CB   . PHE A 1 19 ? -5.937  -5.680  -6.743  1.00 17.39 ? 127 PHE B CB   1 
ATOM   279  C  CG   . PHE A 1 19 ? -5.214  -4.620  -5.986  1.00 14.80 ? 127 PHE B CG   1 
ATOM   280  C  CD1  . PHE A 1 19 ? -4.939  -4.785  -4.642  1.00 14.65 ? 127 PHE B CD1  1 
ATOM   281  C  CD2  . PHE A 1 19 ? -4.769  -3.480  -6.621  1.00 17.77 ? 127 PHE B CD2  1 
ATOM   282  C  CE1  . PHE A 1 19 ? -4.249  -3.819  -3.941  1.00 15.30 ? 127 PHE B CE1  1 
ATOM   283  C  CE2  . PHE A 1 19 ? -4.085  -2.507  -5.921  1.00 16.41 ? 127 PHE B CE2  1 
ATOM   284  C  CZ   . PHE A 1 19 ? -3.823  -2.681  -4.586  1.00 14.74 ? 127 PHE B CZ   1 
ATOM   285  H  H    . PHE A 1 19 ? -3.967  -5.737  -8.169  1.00 21.35 ? 127 PHE B H    1 
ATOM   286  H  HA   . PHE A 1 19 ? -4.780  -7.278  -6.180  1.00 19.92 ? 127 PHE B HA   1 
ATOM   287  H  HB2  . PHE A 1 19 ? -6.230  -5.299  -7.585  1.00 20.87 ? 127 PHE B HB2  1 
ATOM   288  H  HB3  . PHE A 1 19 ? -6.705  -5.952  -6.216  1.00 20.87 ? 127 PHE B HB3  1 
ATOM   289  H  HD1  . PHE A 1 19 ? -5.222  -5.556  -4.205  1.00 17.59 ? 127 PHE B HD1  1 
ATOM   290  H  HD2  . PHE A 1 19 ? -4.932  -3.366  -7.529  1.00 21.33 ? 127 PHE B HD2  1 
ATOM   291  H  HE1  . PHE A 1 19 ? -4.071  -3.937  -3.036  1.00 18.36 ? 127 PHE B HE1  1 
ATOM   292  H  HE2  . PHE A 1 19 ? -3.802  -1.734  -6.356  1.00 19.70 ? 127 PHE B HE2  1 
ATOM   293  H  HZ   . PHE A 1 19 ? -3.357  -2.028  -4.116  1.00 17.69 ? 127 PHE B HZ   1 
ATOM   294  N  N    . LYS A 1 20 ? -6.426  -8.888  -6.979  1.00 17.44 ? 128 LYS B N    1 
ATOM   295  C  CA   . LYS A 1 20 ? -7.340  -9.896  -7.484  1.00 18.35 ? 128 LYS B CA   1 
ATOM   296  C  C    . LYS A 1 20 ? -8.773  -9.464  -7.209  1.00 17.47 ? 128 LYS B C    1 
ATOM   297  O  O    . LYS A 1 20 ? -9.044  -8.641  -6.332  1.00 15.12 ? 128 LYS B O    1 
ATOM   298  C  CB   . LYS A 1 20 ? -7.088  -11.241 -6.803  1.00 21.02 ? 128 LYS B CB   1 
ATOM   299  C  CG   . LYS A 1 20 ? -5.677  -11.777 -6.941  1.00 25.39 ? 128 LYS B CG   1 
ATOM   300  C  CD   . LYS A 1 20 ? -5.221  -12.417 -5.634  1.00 33.66 ? 128 LYS B CD   1 
ATOM   301  C  CE   . LYS A 1 20 ? -4.008  -13.320 -5.830  1.00 41.28 ? 128 LYS B CE   1 
ATOM   302  N  NZ   . LYS A 1 20 ? -2.722  -12.634 -5.502  1.00 41.06 ? 128 LYS B NZ   1 
ATOM   303  H  H    . LYS A 1 20 ? -6.272  -8.954  -6.135  1.00 20.93 ? 128 LYS B H    1 
ATOM   304  H  HA   . LYS A 1 20 ? -7.209  -10.003 -8.440  1.00 22.03 ? 128 LYS B HA   1 
ATOM   305  H  HB2  . LYS A 1 20 ? -7.270  -11.145 -5.855  1.00 25.22 ? 128 LYS B HB2  1 
ATOM   306  H  HB3  . LYS A 1 20 ? -7.687  -11.898 -7.189  1.00 25.22 ? 128 LYS B HB3  1 
ATOM   307  H  HG2  . LYS A 1 20 ? -5.651  -12.449 -7.640  1.00 30.47 ? 128 LYS B HG2  1 
ATOM   308  H  HG3  . LYS A 1 20 ? -5.072  -11.050 -7.158  1.00 30.47 ? 128 LYS B HG3  1 
ATOM   309  H  HD2  . LYS A 1 20 ? -4.980  -11.719 -5.004  1.00 40.39 ? 128 LYS B HD2  1 
ATOM   310  H  HD3  . LYS A 1 20 ? -5.943  -12.954 -5.273  1.00 40.39 ? 128 LYS B HD3  1 
ATOM   311  H  HE2  . LYS A 1 20 ? -4.093  -14.093 -5.250  1.00 49.54 ? 128 LYS B HE2  1 
ATOM   312  H  HE3  . LYS A 1 20 ? -3.970  -13.602 -6.757  1.00 49.54 ? 128 LYS B HE3  1 
ATOM   313  H  HZ1  . LYS A 1 20 ? -2.715  -12.394 -4.645  1.00 49.27 ? 128 LYS B HZ1  1 
ATOM   314  H  HZ2  . LYS A 1 20 ? -2.039  -13.183 -5.654  1.00 49.27 ? 128 LYS B HZ2  1 
ATOM   315  H  HZ3  . LYS A 1 20 ? -2.628  -11.908 -6.008  1.00 49.27 ? 128 LYS B HZ3  1 
ATOM   316  N  N    . ILE A 1 21 ? -9.705  -10.049 -7.964  1.00 17.71 ? 129 ILE B N    1 
ATOM   317  C  CA   . ILE A 1 21 ? -11.115 -9.784  -7.715  1.00 16.39 ? 129 ILE B CA   1 
ATOM   318  C  C    . ILE A 1 21 ? -11.458 -10.234 -6.305  1.00 16.23 ? 129 ILE B C    1 
ATOM   319  O  O    . ILE A 1 21 ? -11.102 -11.338 -5.877  1.00 18.37 ? 129 ILE B O    1 
ATOM   320  C  CB   . ILE A 1 21 ? -11.982 -10.463 -8.786  1.00 19.46 ? 129 ILE B CB   1 
ATOM   321  C  CG1  . ILE A 1 21 ? -11.780 -9.757  -10.131 1.00 23.43 ? 129 ILE B CG1  1 
ATOM   322  C  CG2  . ILE A 1 21 ? -13.440 -10.426 -8.383  1.00 19.57 ? 129 ILE B CG2  1 
ATOM   323  C  CD1  . ILE A 1 21 ? -12.427 -10.457 -11.300 1.00 28.21 ? 129 ILE B CD1  1 
ATOM   324  H  H    . ILE A 1 21 ? -9.549  -10.591 -8.612  1.00 21.26 ? 129 ILE B H    1 
ATOM   325  H  HA   . ILE A 1 21 ? -11.286 -8.832  -7.772  1.00 19.68 ? 129 ILE B HA   1 
ATOM   326  H  HB   . ILE A 1 21 ? -11.712 -11.391 -8.871  1.00 23.36 ? 129 ILE B HB   1 
ATOM   327  H  HG12 . ILE A 1 21 ? -12.158 -8.867  -10.073 1.00 28.12 ? 129 ILE B HG12 1 
ATOM   328  H  HG13 . ILE A 1 21 ? -10.828 -9.702  -10.312 1.00 28.12 ? 129 ILE B HG13 1 
ATOM   329  H  HG21 . ILE A 1 21 ? -13.983 -10.702 -9.137  1.00 23.49 ? 129 ILE B HG21 1 
ATOM   330  H  HG22 . ILE A 1 21 ? -13.577 -11.032 -7.637  1.00 23.49 ? 129 ILE B HG22 1 
ATOM   331  H  HG23 . ILE A 1 21 ? -13.672 -9.522  -8.122  1.00 23.49 ? 129 ILE B HG23 1 
ATOM   332  H  HD11 . ILE A 1 21 ? -12.066 -10.094 -12.125 1.00 33.86 ? 129 ILE B HD11 1 
ATOM   333  H  HD12 . ILE A 1 21 ? -12.239 -11.406 -11.245 1.00 33.86 ? 129 ILE B HD12 1 
ATOM   334  H  HD13 . ILE A 1 21 ? -13.386 -10.307 -11.266 1.00 33.86 ? 129 ILE B HD13 1 
ATOM   335  N  N    . GLY A 1 22 ? -12.137 -9.359  -5.562  1.00 15.30 ? 130 GLY B N    1 
ATOM   336  C  CA   . GLY A 1 22 ? -12.488 -9.620  -4.190  1.00 14.70 ? 130 GLY B CA   1 
ATOM   337  C  C    . GLY A 1 22 ? -11.471 -9.157  -3.173  1.00 13.36 ? 130 GLY B C    1 
ATOM   338  O  O    . GLY A 1 22 ? -11.763 -9.196  -1.973  1.00 14.44 ? 130 GLY B O    1 
ATOM   339  H  H    . GLY A 1 22 ? -12.404 -8.594  -5.848  1.00 18.37 ? 130 GLY B H    1 
ATOM   340  H  HA2  . GLY A 1 22 ? -13.326 -9.173  -3.995  1.00 17.65 ? 130 GLY B HA2  1 
ATOM   341  H  HA3  . GLY A 1 22 ? -12.606 -10.576 -4.076  1.00 17.65 ? 130 GLY B HA3  1 
ATOM   342  N  N    . GLU A 1 23 ? -10.304 -8.714  -3.611  1.00 12.76 ? 131 GLU B N    1 
ATOM   343  C  CA   . GLU A 1 23 ? -9.247  -8.311  -2.697  1.00 12.26 ? 131 GLU B CA   1 
ATOM   344  C  C    . GLU A 1 23 ? -9.474  -6.881  -2.221  1.00 11.70 ? 131 GLU B C    1 
ATOM   345  O  O    . GLU A 1 23 ? -9.727  -5.995  -3.043  1.00 11.94 ? 131 GLU B O    1 
ATOM   346  C  CB   . GLU A 1 23 ? -7.900  -8.392  -3.404  1.00 13.91 ? 131 GLU B CB   1 
ATOM   347  C  CG   . GLU A 1 23 ? -6.749  -8.104  -2.475  1.00 14.24 ? 131 GLU B CG   1 
ATOM   348  C  CD   . GLU A 1 23 ? -5.390  -8.399  -3.077  1.00 15.48 ? 131 GLU B CD   1 
ATOM   349  O  OE1  . GLU A 1 23 ? -5.325  -8.901  -4.225  1.00 17.65 ? 131 GLU B OE1  1 
ATOM   350  O  OE2  . GLU A 1 23 ? -4.377  -8.137  -2.384  1.00 14.59 ? 131 GLU B OE2  1 
ATOM   351  H  H    . GLU A 1 23 ? -10.094 -8.634  -4.442  1.00 15.32 ? 131 GLU B H    1 
ATOM   352  H  HA   . GLU A 1 23 ? -9.245  -8.897  -1.924  1.00 14.72 ? 131 GLU B HA   1 
ATOM   353  H  HB2  . GLU A 1 23 ? -7.782  -9.286  -3.763  1.00 16.69 ? 131 GLU B HB2  1 
ATOM   354  H  HB3  . GLU A 1 23 ? -7.879  -7.742  -4.123  1.00 16.69 ? 131 GLU B HB3  1 
ATOM   355  H  HG2  . GLU A 1 23 ? -6.769  -7.164  -2.235  1.00 17.10 ? 131 GLU B HG2  1 
ATOM   356  H  HG3  . GLU A 1 23 ? -6.845  -8.650  -1.678  1.00 17.10 ? 131 GLU B HG3  1 
ATOM   357  N  N    . PRO A 1 24 ? -9.375  -6.618  -0.923  1.00 10.61 ? 132 PRO B N    1 
ATOM   358  C  CA   . PRO A 1 24 ? -9.509  -5.245  -0.424  1.00 10.93 ? 132 PRO B CA   1 
ATOM   359  C  C    . PRO A 1 24 ? -8.202  -4.473  -0.580  1.00 10.39 ? 132 PRO B C    1 
ATOM   360  O  O    . PRO A 1 24 ? -7.135  -5.047  -0.818  1.00 11.53 ? 132 PRO B O    1 
ATOM   361  C  CB   . PRO A 1 24 ? -9.845  -5.447  1.056   1.00 12.28 ? 132 PRO B CB   1 
ATOM   362  C  CG   . PRO A 1 24 ? -9.223  -6.760  1.422   1.00 12.99 ? 132 PRO B CG   1 
ATOM   363  C  CD   . PRO A 1 24 ? -9.150  -7.590  0.164   1.00 12.88 ? 132 PRO B CD   1 
ATOM   364  H  HA   . PRO A 1 24 ? -10.230 -4.775  -0.871  1.00 13.12 ? 132 PRO B HA   1 
ATOM   365  H  HB2  . PRO A 1 24 ? -9.467  -4.726  1.583   1.00 14.74 ? 132 PRO B HB2  1 
ATOM   366  H  HB3  . PRO A 1 24 ? -10.807 -5.474  1.175   1.00 14.74 ? 132 PRO B HB3  1 
ATOM   367  H  HG2  . PRO A 1 24 ? -8.334  -6.606  1.777   1.00 15.59 ? 132 PRO B HG2  1 
ATOM   368  H  HG3  . PRO A 1 24 ? -9.774  -7.202  2.087   1.00 15.59 ? 132 PRO B HG3  1 
ATOM   369  H  HD2  . PRO A 1 24 ? -8.277  -8.005  0.078   1.00 15.46 ? 132 PRO B HD2  1 
ATOM   370  H  HD3  . PRO A 1 24 ? -9.843  -8.270  0.162   1.00 15.46 ? 132 PRO B HD3  1 
ATOM   371  N  N    . LEU A 1 25 ? -8.305  -3.155  -0.421  1.00 10.08 ? 133 LEU B N    1 
ATOM   372  C  CA   . LEU A 1 25 ? -7.167  -2.256  -0.524  1.00 10.01 ? 133 LEU B CA   1 
ATOM   373  C  C    . LEU A 1 25 ? -7.539  -0.952  0.172   1.00 9.31  ? 133 LEU B C    1 
ATOM   374  O  O    . LEU A 1 25 ? -8.694  -0.742  0.580   1.00 9.66  ? 133 LEU B O    1 
ATOM   375  C  CB   . LEU A 1 25 ? -6.784  -2.030  -1.988  1.00 11.93 ? 133 LEU B CB   1 
ATOM   376  C  CG   . LEU A 1 25 ? -7.898  -1.424  -2.845  1.00 11.49 ? 133 LEU B CG   1 
ATOM   377  C  CD1  . LEU A 1 25 ? -7.322  -0.322  -3.733  1.00 16.83 ? 133 LEU B CD1  1 
ATOM   378  C  CD2  . LEU A 1 25 ? -8.591  -2.456  -3.689  1.00 15.14 ? 133 LEU B CD2  1 
ATOM   379  H  H    . LEU A 1 25 ? -9.044  -2.749  -0.248  1.00 12.10 ? 133 LEU B H    1 
ATOM   380  H  HA   . LEU A 1 25 ? -6.397  -2.632  -0.070  1.00 12.02 ? 133 LEU B HA   1 
ATOM   381  H  HB2  . LEU A 1 25 ? -6.026  -1.426  -2.019  1.00 14.32 ? 133 LEU B HB2  1 
ATOM   382  H  HB3  . LEU A 1 25 ? -6.544  -2.885  -2.380  1.00 14.32 ? 133 LEU B HB3  1 
ATOM   383  H  HG   . LEU A 1 25 ? -8.567  -1.047  -2.253  1.00 13.79 ? 133 LEU B HG   1 
ATOM   384  H  HD11 . LEU A 1 25 ? -8.042  0.083   -4.242  1.00 20.20 ? 133 LEU B HD11 1 
ATOM   385  H  HD12 . LEU A 1 25 ? -6.898  0.347   -3.171  1.00 20.20 ? 133 LEU B HD12 1 
ATOM   386  H  HD13 . LEU A 1 25 ? -6.668  -0.710  -4.335  1.00 20.20 ? 133 LEU B HD13 1 
ATOM   387  H  HD21 . LEU A 1 25 ? -9.224  -2.013  -4.274  1.00 18.18 ? 133 LEU B HD21 1 
ATOM   388  H  HD22 . LEU A 1 25 ? -7.929  -2.930  -4.216  1.00 18.18 ? 133 LEU B HD22 1 
ATOM   389  H  HD23 . LEU A 1 25 ? -9.057  -3.078  -3.108  1.00 18.18 ? 133 LEU B HD23 1 
ATOM   390  N  N    . TYR A 1 26 ? -6.542  -0.079  0.303   1.00 9.76  ? 134 TYR B N    1 
ATOM   391  C  CA   . TYR A 1 26 ? -6.664  1.152   1.054   1.00 9.06  ? 134 TYR B CA   1 
ATOM   392  C  C    . TYR A 1 26 ? -6.316  2.370   0.205   1.00 9.40  ? 134 TYR B C    1 
ATOM   393  O  O    . TYR A 1 26 ? -5.408  2.344   -0.635  1.00 10.33 ? 134 TYR B O    1 
ATOM   394  C  CB   . TYR A 1 26 ? -5.715  1.150   2.258   1.00 9.46  ? 134 TYR B CB   1 
ATOM   395  C  CG   . TYR A 1 26 ? -6.082  0.192   3.359   1.00 8.86  ? 134 TYR B CG   1 
ATOM   396  C  CD1  . TYR A 1 26 ? -6.856  0.616   4.425   1.00 9.66  ? 134 TYR B CD1  1 
ATOM   397  C  CD2  . TYR A 1 26 ? -5.653  -1.134  3.343   1.00 9.60  ? 134 TYR B CD2  1 
ATOM   398  C  CE1  . TYR A 1 26 ? -7.192  -0.235  5.449   1.00 10.24 ? 134 TYR B CE1  1 
ATOM   399  C  CE2  . TYR A 1 26 ? -5.986  -2.001  4.372   1.00 10.78 ? 134 TYR B CE2  1 
ATOM   400  C  CZ   . TYR A 1 26 ? -6.754  -1.541  5.424   1.00 10.40 ? 134 TYR B CZ   1 
ATOM   401  O  OH   . TYR A 1 26 ? -7.122  -2.368  6.467   1.00 11.45 ? 134 TYR B OH   1 
ATOM   402  H  H    . TYR A 1 26 ? -5.765  -0.190  -0.048  1.00 11.71 ? 134 TYR B H    1 
ATOM   403  H  HA   . TYR A 1 26 ? -7.587  1.232   1.343   1.00 10.88 ? 134 TYR B HA   1 
ATOM   404  H  HB2  . TYR A 1 26 ? -4.828  0.911   1.948   1.00 11.36 ? 134 TYR B HB2  1 
ATOM   405  H  HB3  . TYR A 1 26 ? -5.704  2.042   2.641   1.00 11.36 ? 134 TYR B HB3  1 
ATOM   406  H  HD1  . TYR A 1 26 ? -7.157  1.496   4.448   1.00 11.60 ? 134 TYR B HD1  1 
ATOM   407  H  HD2  . TYR A 1 26 ? -5.137  -1.441  2.633   1.00 11.52 ? 134 TYR B HD2  1 
ATOM   408  H  HE1  . TYR A 1 26 ? -7.711  0.069   6.158   1.00 12.29 ? 134 TYR B HE1  1 
ATOM   409  H  HE2  . TYR A 1 26 ? -5.695  -2.884  4.354   1.00 12.94 ? 134 TYR B HE2  1 
ATOM   410  H  HH   . TYR A 1 26 ? -6.806  -3.138  6.348   1.00 13.74 ? 134 TYR B HH   1 
ATOM   411  N  N    . ARG A 1 27 ? -7.018  3.461   0.496   1.00 9.52  ? 135 ARG B N    1 
ATOM   412  C  CA   . ARG A 1 27 ? -6.718  4.790   -0.004  1.00 9.84  ? 135 ARG B CA   1 
ATOM   413  C  C    . ARG A 1 27 ? -6.630  5.744   1.179   1.00 9.94  ? 135 ARG B C    1 
ATOM   414  O  O    . ARG A 1 27 ? -7.276  5.524   2.210   1.00 10.38 ? 135 ARG B O    1 
ATOM   415  C  CB   . ARG A 1 27 ? -7.832  5.291   -0.933  1.00 11.24 ? 135 ARG B CB   1 
ATOM   416  C  CG   . ARG A 1 27 ? -8.215  4.302   -2.022  1.00 12.26 ? 135 ARG B CG   1 
ATOM   417  C  CD   . ARG A 1 27 ? -9.465  4.758   -2.813  1.00 13.39 ? 135 ARG B CD   1 
ATOM   418  N  NE   . ARG A 1 27 ? -9.857  3.744   -3.789  1.00 13.36 ? 135 ARG B NE   1 
ATOM   419  C  CZ   . ARG A 1 27 ? -9.294  3.593   -4.984  1.00 11.60 ? 135 ARG B CZ   1 
ATOM   420  N  NH1  . ARG A 1 27 ? -8.348  4.433   -5.379  1.00 13.36 ? 135 ARG B NH1  1 
ATOM   421  N  NH2  . ARG A 1 27 ? -9.687  2.616   -5.788  1.00 15.27 ? 135 ARG B NH2  1 
ATOM   422  H  H    . ARG A 1 27 ? -7.709  3.451   1.008   1.00 11.43 ? 135 ARG B H    1 
ATOM   423  H  HA   . ARG A 1 27 ? -5.876  4.780   -0.486  1.00 11.82 ? 135 ARG B HA   1 
ATOM   424  H  HB2  . ARG A 1 27 ? -8.624  5.468   -0.401  1.00 13.50 ? 135 ARG B HB2  1 
ATOM   425  H  HB3  . ARG A 1 27 ? -7.534  6.107   -1.365  1.00 13.50 ? 135 ARG B HB3  1 
ATOM   426  H  HG2  . ARG A 1 27 ? -7.477  4.215   -2.646  1.00 14.71 ? 135 ARG B HG2  1 
ATOM   427  H  HG3  . ARG A 1 27 ? -8.410  3.443   -1.617  1.00 14.71 ? 135 ARG B HG3  1 
ATOM   428  H  HD2  . ARG A 1 27 ? -10.204 4.898   -2.199  1.00 16.08 ? 135 ARG B HD2  1 
ATOM   429  H  HD3  . ARG A 1 27 ? -9.267  5.582   -3.287  1.00 16.08 ? 135 ARG B HD3  1 
ATOM   430  H  HE   . ARG A 1 27 ? -10.495 3.209   -3.576  1.00 16.04 ? 135 ARG B HE   1 
ATOM   431  H  HH11 . ARG A 1 27 ? -8.100  5.075   -4.863  1.00 16.03 ? 135 ARG B HH11 1 
ATOM   432  H  HH12 . ARG A 1 27 ? -7.983  4.337   -6.151  1.00 16.03 ? 135 ARG B HH12 1 
ATOM   433  H  HH21 . ARG A 1 27 ? -10.308 2.077   -5.538  1.00 18.33 ? 135 ARG B HH21 1 
ATOM   434  H  HH22 . ARG A 1 27 ? -9.321  2.521   -6.560  1.00 18.33 ? 135 ARG B HH22 1 
ATOM   435  N  N    . CYS A 1 28 ? -5.855  6.818   1.018   1.00 10.35 ? 136 CYS B N    1 
ATOM   436  C  CA   . CYS A 1 28 ? -5.784  7.873   2.022   1.00 10.40 ? 136 CYS B CA   1 
ATOM   437  C  C    . CYS A 1 28 ? -5.927  9.221   1.328   1.00 10.60 ? 136 CYS B C    1 
ATOM   438  O  O    . CYS A 1 28 ? -5.120  9.565   0.461   1.00 11.54 ? 136 CYS B O    1 
ATOM   439  C  CB   . CYS A 1 28 ? -4.476  7.841   2.813   1.00 10.64 ? 136 CYS B CB   1 
ATOM   440  S  SG   . CYS A 1 28 ? -4.429  9.254   3.929   1.00 10.58 ? 136 CYS B SG   1 
ATOM   441  H  H    . CYS A 1 28 ? -5.360  6.956   0.328   1.00 12.43 ? 136 CYS B H    1 
ATOM   442  H  HA   . CYS A 1 28 ? -6.518  7.747   2.644   1.00 12.48 ? 136 CYS B HA   1 
ATOM   443  H  HB2  . CYS A 1 28 ? -4.426  7.024   3.335   1.00 12.78 ? 136 CYS B HB2  1 
ATOM   444  H  HB3  . CYS A 1 28 ? -3.721  7.893   2.205   1.00 12.78 ? 136 CYS B HB3  1 
ATOM   445  N  N    . HIS A 1 29 ? -6.947  9.988   1.709   1.00 10.76 ? 137 HIS B N    1 
ATOM   446  C  CA   . HIS A 1 29 ? -7.185  11.264  1.048   1.00 10.92 ? 137 HIS B CA   1 
ATOM   447  C  C    . HIS A 1 29 ? -5.961  12.164  1.141   1.00 12.46 ? 137 HIS B C    1 
ATOM   448  O  O    . HIS A 1 29 ? -5.562  12.792  0.152   1.00 14.02 ? 137 HIS B O    1 
ATOM   449  C  CB   . HIS A 1 29 ? -8.389  11.962  1.670   1.00 12.85 ? 137 HIS B CB   1 
ATOM   450  C  CG   . HIS A 1 29 ? -8.664  13.312  1.087   1.00 20.11 ? 137 HIS B CG   1 
ATOM   451  N  ND1  . HIS A 1 29 ? -8.383  14.487  1.754   1.00 24.32 ? 137 HIS B ND1  1 
ATOM   452  C  CD2  . HIS A 1 29 ? -9.184  13.674  -0.109  1.00 23.06 ? 137 HIS B CD2  1 
ATOM   453  C  CE1  . HIS A 1 29 ? -8.728  15.514  0.995   1.00 22.68 ? 137 HIS B CE1  1 
ATOM   454  N  NE2  . HIS A 1 29 ? -9.217  15.047  -0.140  1.00 25.66 ? 137 HIS B NE2  1 
ATOM   455  H  H    . HIS A 1 29 ? -7.505  9.796   2.334   1.00 12.92 ? 137 HIS B H    1 
ATOM   456  H  HA   . HIS A 1 29 ? -7.376  11.094  0.112   1.00 13.11 ? 137 HIS B HA   1 
ATOM   457  H  HB2  . HIS A 1 29 ? -9.176  11.412  1.528   1.00 15.43 ? 137 HIS B HB2  1 
ATOM   458  H  HB3  . HIS A 1 29 ? -8.229  12.075  2.619   1.00 15.43 ? 137 HIS B HB3  1 
ATOM   459  H  HD2  . HIS A 1 29 ? -9.468  13.100  -0.783  1.00 27.67 ? 137 HIS B HD2  1 
ATOM   460  H  HE1  . HIS A 1 29 ? -8.640  16.411  1.222   1.00 27.22 ? 137 HIS B HE1  1 
ATOM   461  H  HE2  . HIS A 1 29 ? -9.509  15.525  -0.792  1.00 30.79 ? 137 HIS B HE2  1 
ATOM   462  N  N    . GLU A 1 30 ? -5.379  12.281  2.331   1.00 11.79 ? 138 GLU B N    1 
ATOM   463  C  CA   . GLU A 1 30 ? -4.287  13.220  2.537   1.00 12.11 ? 138 GLU B CA   1 
ATOM   464  C  C    . GLU A 1 30 ? -2.988  12.736  1.904   1.00 11.49 ? 138 GLU B C    1 
ATOM   465  O  O    . GLU A 1 30 ? -2.209  13.557  1.400   1.00 13.63 ? 138 GLU B O    1 
ATOM   466  C  CB   . GLU A 1 30 ? -4.064  13.449  4.029   1.00 12.76 ? 138 GLU B CB   1 
ATOM   467  C  CG   . GLU A 1 30 ? -5.130  14.293  4.697   1.00 13.88 ? 138 GLU B CG   1 
ATOM   468  C  CD   . GLU A 1 30 ? -6.342  13.511  5.199   1.00 13.04 ? 138 GLU B CD   1 
ATOM   469  O  OE1  . GLU A 1 30 ? -6.513  12.316  4.861   1.00 12.48 ? 138 GLU B OE1  1 
ATOM   470  O  OE2  . GLU A 1 30 ? -7.140  14.109  5.951   1.00 17.56 ? 138 GLU B OE2  1 
ATOM   471  H  H    . GLU A 1 30 ? -5.595  11.830  3.032   1.00 14.15 ? 138 GLU B H    1 
ATOM   472  H  HA   . GLU A 1 30 ? -4.536  14.061  2.122   1.00 14.54 ? 138 GLU B HA   1 
ATOM   473  H  HB2  . GLU A 1 30 ? -4.049  12.587  4.475   1.00 15.32 ? 138 GLU B HB2  1 
ATOM   474  H  HB3  . GLU A 1 30 ? -3.214  13.899  4.149   1.00 15.32 ? 138 GLU B HB3  1 
ATOM   475  H  HG2  . GLU A 1 30 ? -4.735  14.740  5.461   1.00 16.67 ? 138 GLU B HG2  1 
ATOM   476  H  HG3  . GLU A 1 30 ? -5.450  14.947  4.057   1.00 16.67 ? 138 GLU B HG3  1 
ATOM   477  N  N    . CYS A 1 31 ? -2.707  11.428  1.944   1.00 11.30 ? 139 CYS B N    1 
ATOM   478  C  CA   . CYS A 1 31 ? -1.391  10.965  1.510   1.00 11.91 ? 139 CYS B CA   1 
ATOM   479  C  C    . CYS A 1 31 ? -1.333  10.737  0.004   1.00 12.01 ? 139 CYS B C    1 
ATOM   480  O  O    . CYS A 1 31 ? -0.296  10.982  -0.616  1.00 12.66 ? 139 CYS B O    1 
ATOM   481  C  CB   . CYS A 1 31 ? -1.019  9.659   2.212   1.00 12.06 ? 139 CYS B CB   1 
ATOM   482  S  SG   . CYS A 1 31 ? -0.582  9.878   4.005   1.00 12.37 ? 139 CYS B SG   1 
ATOM   483  H  H    . CYS A 1 31 ? -3.244  10.809  2.208   1.00 13.56 ? 139 CYS B H    1 
ATOM   484  H  HA   . CYS A 1 31 ? -0.750  11.651  1.754   1.00 14.29 ? 139 CYS B HA   1 
ATOM   485  H  HB2  . CYS A 1 31 ? -1.773  9.052   2.162   1.00 14.47 ? 139 CYS B HB2  1 
ATOM   486  H  HB3  . CYS A 1 31 ? -0.251  9.273   1.764   1.00 14.47 ? 139 CYS B HB3  1 
ATOM   487  N  N    . GLY A 1 32 ? -2.403  10.230  -0.605  1.00 12.30 ? 140 GLY B N    1 
ATOM   488  C  CA   . GLY A 1 32 ? -2.358  9.925   -2.026  1.00 12.67 ? 140 GLY B CA   1 
ATOM   489  C  C    . GLY A 1 32 ? -2.268  11.193  -2.855  1.00 13.48 ? 140 GLY B C    1 
ATOM   490  O  O    . GLY A 1 32 ? -3.021  12.149  -2.641  1.00 14.65 ? 140 GLY B O    1 
ATOM   491  H  H    . GLY A 1 32 ? -3.155  10.059  -0.224  1.00 14.77 ? 140 GLY B H    1 
ATOM   492  H  HA2  . GLY A 1 32 ? -1.583  9.373   -2.215  1.00 15.21 ? 140 GLY B HA2  1 
ATOM   493  H  HA3  . GLY A 1 32 ? -3.159  9.442   -2.281  1.00 15.21 ? 140 GLY B HA3  1 
ATOM   494  N  N    . CYS A 1 33 ? -1.349  11.207  -3.821  1.00 13.62 ? 141 CYS B N    1 
ATOM   495  C  CA   . CYS A 1 33 ? -1.240  12.374  -4.691  1.00 14.73 ? 141 CYS B CA   1 
ATOM   496  C  C    . CYS A 1 33 ? -2.506  12.583  -5.510  1.00 15.97 ? 141 CYS B C    1 
ATOM   497  O  O    . CYS A 1 33 ? -2.842  13.725  -5.852  1.00 17.38 ? 141 CYS B O    1 
ATOM   498  C  CB   . CYS A 1 33 ? -0.026  12.231  -5.600  1.00 17.32 ? 141 CYS B CB   1 
ATOM   499  S  SG   . CYS A 1 33 ? 1.520   12.447  -4.725  1.00 20.65 ? 141 CYS B SG   1 
ATOM   500  H  H    . CYS A 1 33 ? -0.792  10.574  -3.991  1.00 16.35 ? 141 CYS B H    1 
ATOM   501  H  HA   . CYS A 1 33 ? -1.110  13.165  -4.145  1.00 17.69 ? 141 CYS B HA   1 
ATOM   502  H  HB2  . CYS A 1 33 ? -0.028  11.344  -5.994  1.00 20.79 ? 141 CYS B HB2  1 
ATOM   503  H  HB3  . CYS A 1 33 ? -0.073  12.904  -6.299  1.00 20.79 ? 141 CYS B HB3  1 
ATOM   504  H  HG   . CYS A 1 33 ? 2.428   12.307  -5.497  1.00 24.79 ? 141 CYS B HG   1 
ATOM   505  N  N    . ASP A 1 34 ? -3.215  11.508  -5.840  1.00 15.18 ? 142 ASP B N    1 
ATOM   506  C  CA   . ASP A 1 34 ? -4.523  11.614  -6.473  1.00 14.66 ? 142 ASP B CA   1 
ATOM   507  C  C    . ASP A 1 34 ? -5.346  10.397  -6.075  1.00 13.78 ? 142 ASP B C    1 
ATOM   508  O  O    . ASP A 1 34 ? -4.892  9.534   -5.316  1.00 13.90 ? 142 ASP B O    1 
ATOM   509  C  CB   . ASP A 1 34 ? -4.407  11.832  -7.990  1.00 15.29 ? 142 ASP B CB   1 
ATOM   510  C  CG   . ASP A 1 34 ? -3.801  10.656  -8.720  1.00 17.79 ? 142 ASP B CG   1 
ATOM   511  O  OD1  . ASP A 1 34 ? -4.023  9.499   -8.309  1.00 15.93 ? 142 ASP B OD1  1 
ATOM   512  O  OD2  . ASP A 1 34 ? -3.093  10.896  -9.725  1.00 20.44 ? 142 ASP B OD2  1 
ATOM   513  H  H    . ASP A 1 34 ? -2.957  10.699  -5.705  1.00 18.23 ? 142 ASP B H    1 
ATOM   514  H  HA   . ASP A 1 34 ? -4.989  12.391  -6.131  1.00 17.59 ? 142 ASP B HA   1 
ATOM   515  H  HB2  . ASP A 1 34 ? -5.294  11.983  -8.353  1.00 18.35 ? 142 ASP B HB2  1 
ATOM   516  H  HB3  . ASP A 1 34 ? -3.845  12.607  -8.154  1.00 18.35 ? 142 ASP B HB3  1 
ATOM   517  N  N    . ASP A 1 35 ? -6.573  10.341  -6.587  1.00 15.57 ? 143 ASP B N    1 
ATOM   518  C  CA   . ASP A 1 35 ? -7.526  9.306   -6.205  1.00 15.26 ? 143 ASP B CA   1 
ATOM   519  C  C    . ASP A 1 35 ? -7.303  7.988   -6.930  1.00 15.00 ? 143 ASP B C    1 
ATOM   520  O  O    . ASP A 1 35 ? -8.185  7.119   -6.895  1.00 15.78 ? 143 ASP B O    1 
ATOM   521  C  CB   . ASP A 1 35 ? -8.966  9.805   -6.376  1.00 17.15 ? 143 ASP B CB   1 
ATOM   522  C  CG   . ASP A 1 35 ? -9.346  10.064  -7.822  1.00 18.27 ? 143 ASP B CG   1 
ATOM   523  O  OD1  . ASP A 1 35 ? -8.570  9.746   -8.742  1.00 20.49 ? 143 ASP B OD1  1 
ATOM   524  O  OD2  . ASP A 1 35 ? -10.463 10.591  -8.041  1.00 23.37 ? 143 ASP B OD2  1 
ATOM   525  H  H    . ASP A 1 35 ? -6.878  10.899  -7.166  1.00 18.68 ? 143 ASP B H    1 
ATOM   526  H  HA   . ASP A 1 35 ? -7.410  9.125   -5.259  1.00 18.32 ? 143 ASP B HA   1 
ATOM   527  H  HB2  . ASP A 1 35 ? -9.573  9.135   -6.025  1.00 20.58 ? 143 ASP B HB2  1 
ATOM   528  H  HB3  . ASP A 1 35 ? -9.070  10.637  -5.888  1.00 20.58 ? 143 ASP B HB3  1 
ATOM   529  N  N    . THR A 1 36 ? -6.138  7.802   -7.554  1.00 13.87 ? 144 THR B N    1 
ATOM   530  C  CA   . THR A 1 36 ? -5.742  6.510   -8.094  1.00 13.38 ? 144 THR B CA   1 
ATOM   531  C  C    . THR A 1 36 ? -4.626  5.861   -7.291  1.00 12.23 ? 144 THR B C    1 
ATOM   532  O  O    . THR A 1 36 ? -4.221  4.747   -7.618  1.00 13.28 ? 144 THR B O    1 
ATOM   533  C  CB   . THR A 1 36 ? -5.306  6.636   -9.564  1.00 14.38 ? 144 THR B CB   1 
ATOM   534  O  OG1  . THR A 1 36 ? -3.997  7.226   -9.639  1.00 15.90 ? 144 THR B OG1  1 
ATOM   535  C  CG2  . THR A 1 36 ? -6.308  7.461   -10.365 1.00 15.84 ? 144 THR B CG2  1 
ATOM   536  H  H    . THR A 1 36 ? -5.554  8.423   -7.675  1.00 16.65 ? 144 THR B H    1 
ATOM   537  H  HA   . THR A 1 36 ? -6.517  5.927   -8.073  1.00 16.06 ? 144 THR B HA   1 
ATOM   538  H  HB   . THR A 1 36 ? -5.271  5.753   -9.964  1.00 17.26 ? 144 THR B HB   1 
ATOM   539  H  HG1  . THR A 1 36 ? -3.977  7.940   -9.198  1.00 19.08 ? 144 THR B HG1  1 
ATOM   540  H  HG21 . THR A 1 36 ? -6.089  7.426   -11.309 1.00 19.01 ? 144 THR B HG21 1 
ATOM   541  H  HG22 . THR A 1 36 ? -7.204  7.112   -10.237 1.00 19.01 ? 144 THR B HG22 1 
ATOM   542  H  HG23 . THR A 1 36 ? -6.287  8.386   -10.071 1.00 19.01 ? 144 THR B HG23 1 
ATOM   543  N  N    . CYS A 1 37 ? -4.129  6.520   -6.253  1.00 11.35 ? 145 CYS B N    1 
ATOM   544  C  CA   . CYS A 1 37 ? -2.998  6.017   -5.482  1.00 11.38 ? 145 CYS B CA   1 
ATOM   545  C  C    . CYS A 1 37 ? -3.512  5.092   -4.384  1.00 11.04 ? 145 CYS B C    1 
ATOM   546  O  O    . CYS A 1 37 ? -4.405  5.470   -3.613  1.00 11.77 ? 145 CYS B O    1 
ATOM   547  C  CB   . CYS A 1 37 ? -2.215  7.190   -4.889  1.00 12.84 ? 145 CYS B CB   1 
ATOM   548  S  SG   . CYS A 1 37 ? -1.499  8.274   -6.144  1.00 13.96 ? 145 CYS B SG   1 
ATOM   549  H  H    . CYS A 1 37 ? -4.434  7.272   -5.972  1.00 13.63 ? 145 CYS B H    1 
ATOM   550  H  HA   . CYS A 1 37 ? -2.397  5.506   -6.046  1.00 13.66 ? 145 CYS B HA   1 
ATOM   551  H  HB2  . CYS A 1 37 ? -2.813  7.721   -4.341  1.00 15.41 ? 145 CYS B HB2  1 
ATOM   552  H  HB3  . CYS A 1 37 ? -1.490  6.841   -4.348  1.00 15.41 ? 145 CYS B HB3  1 
ATOM   553  H  HG   . CYS A 1 37 ? -1.056  9.252   -5.609  1.00 16.75 ? 145 CYS B HG   1 
ATOM   554  N  N    . VAL A 1 38 ? -2.970  3.876   -4.323  1.00 10.76 ? 146 VAL B N    1 
ATOM   555  C  CA   . VAL A 1 38 ? -3.534  2.839   -3.471  1.00 10.72 ? 146 VAL B CA   1 
ATOM   556  C  C    . VAL A 1 38 ? -2.451  2.028   -2.780  1.00 9.55  ? 146 VAL B C    1 
ATOM   557  O  O    . VAL A 1 38 ? -1.299  1.947   -3.231  1.00 10.36 ? 146 VAL B O    1 
ATOM   558  C  CB   . VAL A 1 38 ? -4.471  1.893   -4.257  1.00 11.01 ? 146 VAL B CB   1 
ATOM   559  C  CG1  . VAL A 1 38 ? -5.663  2.648   -4.811  1.00 11.40 ? 146 VAL B CG1  1 
ATOM   560  C  CG2  . VAL A 1 38 ? -3.705  1.202   -5.382  1.00 13.19 ? 146 VAL B CG2  1 
ATOM   561  H  H    . VAL A 1 38 ? -2.276  3.634   -4.767  1.00 12.92 ? 146 VAL B H    1 
ATOM   562  H  HA   . VAL A 1 38 ? -4.030  3.286   -2.767  1.00 12.87 ? 146 VAL B HA   1 
ATOM   563  H  HB   . VAL A 1 38 ? -4.806  1.214   -3.649  1.00 13.22 ? 146 VAL B HB   1 
ATOM   564  H  HG11 . VAL A 1 38 ? -6.282  2.014   -5.207  1.00 13.69 ? 146 VAL B HG11 1 
ATOM   565  H  HG12 . VAL A 1 38 ? -6.099  3.126   -4.088  1.00 13.69 ? 146 VAL B HG12 1 
ATOM   566  H  HG13 . VAL A 1 38 ? -5.356  3.274   -5.485  1.00 13.69 ? 146 VAL B HG13 1 
ATOM   567  H  HG21 . VAL A 1 38 ? -4.319  0.649   -5.889  1.00 15.83 ? 146 VAL B HG21 1 
ATOM   568  H  HG22 . VAL A 1 38 ? -3.315  1.878   -5.959  1.00 15.83 ? 146 VAL B HG22 1 
ATOM   569  H  HG23 . VAL A 1 38 ? -3.005  0.652   -4.996  1.00 15.83 ? 146 VAL B HG23 1 
ATOM   570  N  N    . LEU A 1 39 ? -2.867  1.379   -1.690  1.00 9.58  ? 147 LEU B N    1 
ATOM   571  C  CA   . LEU A 1 39 ? -2.003  0.518   -0.897  1.00 9.51  ? 147 LEU B CA   1 
ATOM   572  C  C    . LEU A 1 39 ? -2.684  -0.820  -0.649  1.00 9.32  ? 147 LEU B C    1 
ATOM   573  O  O    . LEU A 1 39 ? -3.847  -0.872  -0.226  1.00 9.96  ? 147 LEU B O    1 
ATOM   574  C  CB   . LEU A 1 39 ? -1.684  1.159   0.453   1.00 9.18  ? 147 LEU B CB   1 
ATOM   575  C  CG   . LEU A 1 39 ? -0.875  2.449   0.381   1.00 9.87  ? 147 LEU B CG   1 
ATOM   576  C  CD1  . LEU A 1 39 ? -0.929  3.225   1.686   1.00 10.87 ? 147 LEU B CD1  1 
ATOM   577  C  CD2  . LEU A 1 39 ? 0.570   2.152   -0.003  1.00 10.44 ? 147 LEU B CD2  1 
ATOM   578  H  H    . LEU A 1 39 ? -3.671  1.428   -1.385  1.00 11.50 ? 147 LEU B H    1 
ATOM   579  H  HA   . LEU A 1 39 ? -1.183  0.365   -1.394  1.00 11.42 ? 147 LEU B HA   1 
ATOM   580  H  HB2  . LEU A 1 39 ? -2.520  1.364   0.900   1.00 11.02 ? 147 LEU B HB2  1 
ATOM   581  H  HB3  . LEU A 1 39 ? -1.173  0.525   0.980   1.00 11.02 ? 147 LEU B HB3  1 
ATOM   582  H  HG   . LEU A 1 39 ? -1.268  3.013   -0.304  1.00 11.85 ? 147 LEU B HG   1 
ATOM   583  H  HD11 . LEU A 1 39 ? -0.387  4.026   1.600   1.00 13.05 ? 147 LEU B HD11 1 
ATOM   584  H  HD12 . LEU A 1 39 ? -1.850  3.468   1.871   1.00 13.05 ? 147 LEU B HD12 1 
ATOM   585  H  HD13 . LEU A 1 39 ? -0.584  2.666   2.400   1.00 13.05 ? 147 LEU B HD13 1 
ATOM   586  H  HD21 . LEU A 1 39 ? 1.073   2.980   -0.003  1.00 12.53 ? 147 LEU B HD21 1 
ATOM   587  H  HD22 . LEU A 1 39 ? 0.947   1.534   0.644   1.00 12.53 ? 147 LEU B HD22 1 
ATOM   588  H  HD23 . LEU A 1 39 ? 0.585   1.754   -0.888  1.00 12.53 ? 147 LEU B HD23 1 
ATOM   589  N  N    . CYS A 1 40 ? -1.945  -1.902  -0.877  1.00 9.57  ? 148 CYS B N    1 
ATOM   590  C  CA   . CYS A 1 40 ? -2.455  -3.233  -0.586  1.00 9.58  ? 148 CYS B CA   1 
ATOM   591  C  C    . CYS A 1 40 ? -2.495  -3.467  0.917   1.00 9.28  ? 148 CYS B C    1 
ATOM   592  O  O    . CYS A 1 40 ? -1.928  -2.714  1.713   1.00 9.60  ? 148 CYS B O    1 
ATOM   593  C  CB   . CYS A 1 40 ? -1.619  -4.295  -1.298  1.00 10.22 ? 148 CYS B CB   1 
ATOM   594  S  SG   . CYS A 1 40 ? -0.027  -4.696  -0.511  1.00 10.00 ? 148 CYS B SG   1 
ATOM   595  H  H    . CYS A 1 40 ? -1.148  -1.893  -1.199  1.00 11.49 ? 148 CYS B H    1 
ATOM   596  H  HA   . CYS A 1 40 ? -3.364  -3.315  -0.916  1.00 11.50 ? 148 CYS B HA   1 
ATOM   597  H  HB2  . CYS A 1 40 ? -2.136  -5.114  -1.337  1.00 12.27 ? 148 CYS B HB2  1 
ATOM   598  H  HB3  . CYS A 1 40 ? -1.428  -3.980  -2.195  1.00 12.27 ? 148 CYS B HB3  1 
ATOM   599  N  N    . ILE A 1 41 ? -3.198  -4.534  1.304   1.00 9.35  ? 149 ILE B N    1 
ATOM   600  C  CA   . ILE A 1 41 ? -3.404  -4.809  2.722   1.00 9.51  ? 149 ILE B CA   1 
ATOM   601  C  C    . ILE A 1 41 ? -2.094  -5.142  3.423   1.00 9.97  ? 149 ILE B C    1 
ATOM   602  O  O    . ILE A 1 41 ? -1.982  -4.985  4.641   1.00 11.43 ? 149 ILE B O    1 
ATOM   603  C  CB   . ILE A 1 41 ? -4.442  -5.931  2.933   1.00 11.27 ? 149 ILE B CB   1 
ATOM   604  C  CG1  . ILE A 1 41 ? -3.968  -7.249  2.310   1.00 12.62 ? 149 ILE B CG1  1 
ATOM   605  C  CG2  . ILE A 1 41 ? -5.790  -5.502  2.409   1.00 11.83 ? 149 ILE B CG2  1 
ATOM   606  C  CD1  . ILE A 1 41 ? -4.922  -8.401  2.518   1.00 15.73 ? 149 ILE B CD1  1 
ATOM   607  H  H    . ILE A 1 41 ? -3.562  -5.105  0.774   1.00 11.22 ? 149 ILE B H    1 
ATOM   608  H  HA   . ILE A 1 41 ? -3.757  -3.997  3.117   1.00 11.42 ? 149 ILE B HA   1 
ATOM   609  H  HB   . ILE A 1 41 ? -4.534  -6.091  3.885   1.00 13.53 ? 149 ILE B HB   1 
ATOM   610  H  HG12 . ILE A 1 41 ? -3.864  -7.120  1.353   1.00 15.15 ? 149 ILE B HG12 1 
ATOM   611  H  HG13 . ILE A 1 41 ? -3.117  -7.493  2.706   1.00 15.15 ? 149 ILE B HG13 1 
ATOM   612  H  HG21 . ILE A 1 41 ? -6.470  -6.092  2.768   1.00 14.20 ? 149 ILE B HG21 1 
ATOM   613  H  HG22 . ILE A 1 41 ? -5.962  -4.589  2.689   1.00 14.20 ? 149 ILE B HG22 1 
ATOM   614  H  HG23 . ILE A 1 41 ? -5.784  -5.554  1.440   1.00 14.20 ? 149 ILE B HG23 1 
ATOM   615  H  HD11 . ILE A 1 41 ? -4.507  -9.216  2.193   1.00 18.89 ? 149 ILE B HD11 1 
ATOM   616  H  HD12 . ILE A 1 41 ? -5.115  -8.483  3.465   1.00 18.89 ? 149 ILE B HD12 1 
ATOM   617  H  HD13 . ILE A 1 41 ? -5.740  -8.227  2.027   1.00 18.89 ? 149 ILE B HD13 1 
ATOM   618  N  N    . HIS A 1 42 ? -1.107  -5.675  2.697   1.00 9.94  ? 150 HIS B N    1 
ATOM   619  C  CA   . HIS A 1 42 ? 0.165   -6.051  3.301   1.00 10.29 ? 150 HIS B CA   1 
ATOM   620  C  C    . HIS A 1 42 ? 1.048   -4.848  3.557   1.00 9.87  ? 150 HIS B C    1 
ATOM   621  O  O    . HIS A 1 42 ? 1.960   -4.914  4.396   1.00 11.06 ? 150 HIS B O    1 
ATOM   622  C  CB   . HIS A 1 42 ? 0.865   -7.059  2.399   1.00 10.27 ? 150 HIS B CB   1 
ATOM   623  C  CG   . HIS A 1 42 ? -0.034  -8.171  1.990   1.00 12.91 ? 150 HIS B CG   1 
ATOM   624  N  ND1  . HIS A 1 42 ? -0.482  -9.114  2.884   1.00 14.79 ? 150 HIS B ND1  1 
ATOM   625  C  CD2  . HIS A 1 42 ? -0.636  -8.446  0.811   1.00 14.31 ? 150 HIS B CD2  1 
ATOM   626  C  CE1  . HIS A 1 42 ? -1.295  -9.950  2.261   1.00 15.59 ? 150 HIS B CE1  1 
ATOM   627  N  NE2  . HIS A 1 42 ? -1.415  -9.560  1.005   1.00 15.39 ? 150 HIS B NE2  1 
ATOM   628  H  H    . HIS A 1 42 ? -1.153  -5.830  1.852   1.00 11.94 ? 150 HIS B H    1 
ATOM   629  H  HA   . HIS A 1 42 ? 0.017   -6.480  4.158   1.00 12.35 ? 150 HIS B HA   1 
ATOM   630  H  HB2  . HIS A 1 42 ? 1.172   -6.608  1.596   1.00 12.33 ? 150 HIS B HB2  1 
ATOM   631  H  HB3  . HIS A 1 42 ? 1.620   -7.440  2.874   1.00 12.33 ? 150 HIS B HB3  1 
ATOM   632  H  HD1  . HIS A 1 42 ? -0.267  -9.155  3.716   1.00 17.75 ? 150 HIS B HD1  1 
ATOM   633  H  HD2  . HIS A 1 42 ? -0.542  -7.970  0.017   1.00 17.18 ? 150 HIS B HD2  1 
ATOM   634  H  HE1  . HIS A 1 42 ? -1.714  -10.687 2.643   1.00 18.71 ? 150 HIS B HE1  1 
ATOM   635  N  N    . CYS A 1 43 ? 0.788   -3.751  2.861   1.00 9.34  ? 151 CYS B N    1 
ATOM   636  C  CA   . CYS A 1 43 ? 1.601   -2.545  2.918   1.00 8.95  ? 151 CYS B CA   1 
ATOM   637  C  C    . CYS A 1 43 ? 0.996   -1.449  3.774   1.00 8.72  ? 151 CYS B C    1 
ATOM   638  O  O    . CYS A 1 43 ? 1.736   -0.733  4.462   1.00 9.33  ? 151 CYS B O    1 
ATOM   639  C  CB   . CYS A 1 43 ? 1.798   -1.997  1.503   1.00 10.29 ? 151 CYS B CB   1 
ATOM   640  S  SG   . CYS A 1 43 ? 2.895   -3.014  0.520   1.00 9.62  ? 151 CYS B SG   1 
ATOM   641  H  H    . CYS A 1 43 ? 0.118   -3.678  2.326   1.00 11.21 ? 151 CYS B H    1 
ATOM   642  H  HA   . CYS A 1 43 ? 2.466   -2.775  3.295   1.00 10.74 ? 151 CYS B HA   1 
ATOM   643  H  HB2  . CYS A 1 43 ? 0.939   -1.959  1.055   1.00 12.36 ? 151 CYS B HB2  1 
ATOM   644  H  HB3  . CYS A 1 43 ? 2.182   -1.107  1.558   1.00 12.36 ? 151 CYS B HB3  1 
ATOM   645  N  N    . PHE A 1 44 ? -0.321  -1.276  3.725   1.00 8.65  ? 152 PHE B N    1 
ATOM   646  C  CA   . PHE A 1 44 ? -0.948  -0.175  4.437   1.00 8.89  ? 152 PHE B CA   1 
ATOM   647  C  C    . PHE A 1 44 ? -0.586  -0.235  5.910   1.00 8.61  ? 152 PHE B C    1 
ATOM   648  O  O    . PHE A 1 44 ? -0.817  -1.248  6.576   1.00 9.38  ? 152 PHE B O    1 
ATOM   649  C  CB   . PHE A 1 44 ? -2.471  -0.248  4.294   1.00 9.33  ? 152 PHE B CB   1 
ATOM   650  C  CG   . PHE A 1 44 ? -3.195  0.823   5.074   1.00 9.11  ? 152 PHE B CG   1 
ATOM   651  C  CD1  . PHE A 1 44 ? -3.355  2.097   4.543   1.00 9.26  ? 152 PHE B CD1  1 
ATOM   652  C  CD2  . PHE A 1 44 ? -3.683  0.574   6.346   1.00 8.81  ? 152 PHE B CD2  1 
ATOM   653  C  CE1  . PHE A 1 44 ? -3.996  3.098   5.258   1.00 9.54  ? 152 PHE B CE1  1 
ATOM   654  C  CE2  . PHE A 1 44 ? -4.325  1.572   7.064   1.00 9.46  ? 152 PHE B CE2  1 
ATOM   655  C  CZ   . PHE A 1 44 ? -4.478  2.839   6.515   1.00 9.43  ? 152 PHE B CZ   1 
ATOM   656  H  H    . PHE A 1 44 ? -0.869  -1.779  3.293   1.00 10.39 ? 152 PHE B H    1 
ATOM   657  H  HA   . PHE A 1 44 ? -0.638  0.663   4.061   1.00 10.67 ? 152 PHE B HA   1 
ATOM   658  H  HB2  . PHE A 1 44 ? -2.703  -0.143  3.357   1.00 11.21 ? 152 PHE B HB2  1 
ATOM   659  H  HB3  . PHE A 1 44 ? -2.775  -1.110  4.616   1.00 11.21 ? 152 PHE B HB3  1 
ATOM   660  H  HD1  . PHE A 1 44 ? -3.027  2.282   3.693   1.00 11.12 ? 152 PHE B HD1  1 
ATOM   661  H  HD2  . PHE A 1 44 ? -3.579  -0.271  6.721   1.00 10.57 ? 152 PHE B HD2  1 
ATOM   662  H  HE1  . PHE A 1 44 ? -4.097  3.944   4.886   1.00 11.46 ? 152 PHE B HE1  1 
ATOM   663  H  HE2  . PHE A 1 44 ? -4.655  1.392   7.914   1.00 11.36 ? 152 PHE B HE2  1 
ATOM   664  H  HZ   . PHE A 1 44 ? -4.907  3.509   6.997   1.00 11.32 ? 152 PHE B HZ   1 
ATOM   665  N  N    . ASN A 1 45 ? -0.051  0.867   6.427   1.00 9.10  ? 153 ASN B N    1 
ATOM   666  C  CA   . ASN A 1 45 ? 0.366   0.920   7.818   1.00 9.11  ? 153 ASN B CA   1 
ATOM   667  C  C    . ASN A 1 45 ? -0.504  1.930   8.542   1.00 9.29  ? 153 ASN B C    1 
ATOM   668  O  O    . ASN A 1 45 ? -0.389  3.136   8.271   1.00 9.14  ? 153 ASN B O    1 
ATOM   669  C  CB   . ASN A 1 45 ? 1.838   1.319   7.920   1.00 10.20 ? 153 ASN B CB   1 
ATOM   670  C  CG   . ASN A 1 45 ? 2.362   1.191   9.327   1.00 10.40 ? 153 ASN B CG   1 
ATOM   671  O  OD1  . ASN A 1 45 ? 1.592   1.129   10.286  1.00 10.80 ? 153 ASN B OD1  1 
ATOM   672  N  ND2  . ASN A 1 45 ? 3.683   1.138   9.467   1.00 13.78 ? 153 ASN B ND2  1 
ATOM   673  H  H    . ASN A 1 45 ? 0.078   1.596   5.990   1.00 10.92 ? 153 ASN B H    1 
ATOM   674  H  HA   . ASN A 1 45 ? 0.257   0.049   8.231   1.00 10.94 ? 153 ASN B HA   1 
ATOM   675  H  HB2  . ASN A 1 45 ? 2.365   0.740   7.347   1.00 12.24 ? 153 ASN B HB2  1 
ATOM   676  H  HB3  . ASN A 1 45 ? 1.938   2.243   7.641   1.00 12.24 ? 153 ASN B HB3  1 
ATOM   677  H  HD21 . ASN A 1 45 ? 4.030   1.066   10.250  1.00 16.55 ? 153 ASN B HD21 1 
ATOM   678  H  HD22 . ASN A 1 45 ? 4.190   1.176   8.773   1.00 16.55 ? 153 ASN B HD22 1 
ATOM   679  N  N    . PRO A 1 46 ? -1.384  1.505   9.449   1.00 9.19  ? 154 PRO B N    1 
ATOM   680  C  CA   . PRO A 1 46 ? -2.243  2.486   10.129  1.00 9.38  ? 154 PRO B CA   1 
ATOM   681  C  C    . PRO A 1 46 ? -1.460  3.558   10.866  1.00 9.47  ? 154 PRO B C    1 
ATOM   682  O  O    . PRO A 1 46 ? -1.987  4.663   11.083  1.00 9.74  ? 154 PRO B O    1 
ATOM   683  C  CB   . PRO A 1 46 ? -3.096  1.625   11.075  1.00 9.92  ? 154 PRO B CB   1 
ATOM   684  C  CG   . PRO A 1 46 ? -2.312  0.360   11.253  1.00 10.85 ? 154 PRO B CG   1 
ATOM   685  C  CD   . PRO A 1 46 ? -1.642  0.132   9.919   1.00 10.17 ? 154 PRO B CD   1 
ATOM   686  H  HA   . PRO A 1 46 ? -2.836  2.914   9.493   1.00 11.26 ? 154 PRO B HA   1 
ATOM   687  H  HB2  . PRO A 1 46 ? -3.214  2.083   11.922  1.00 11.91 ? 154 PRO B HB2  1 
ATOM   688  H  HB3  . PRO A 1 46 ? -3.960  1.446   10.671  1.00 11.91 ? 154 PRO B HB3  1 
ATOM   689  H  HG2  . PRO A 1 46 ? -1.654  0.473   11.957  1.00 13.03 ? 154 PRO B HG2  1 
ATOM   690  H  HG3  . PRO A 1 46 ? -2.908  -0.373  11.472  1.00 13.03 ? 154 PRO B HG3  1 
ATOM   691  H  HD2  . PRO A 1 46 ? -0.813  -0.360  10.026  1.00 12.21 ? 154 PRO B HD2  1 
ATOM   692  H  HD3  . PRO A 1 46 ? -2.231  -0.339  9.310   1.00 12.21 ? 154 PRO B HD3  1 
ATOM   693  N  N    . LYS A 1 47 ? -0.216  3.273   11.253  1.00 9.76  ? 155 LYS B N    1 
ATOM   694  C  CA   . LYS A 1 47 ? 0.578   4.266   11.959  1.00 10.34 ? 155 LYS B CA   1 
ATOM   695  C  C    . LYS A 1 47 ? 0.906   5.472   11.091  1.00 9.86  ? 155 LYS B C    1 
ATOM   696  O  O    . LYS A 1 47 ? 1.285   6.517   11.631  1.00 11.01 ? 155 LYS B O    1 
ATOM   697  C  CB   . LYS A 1 47 ? 1.893   3.661   12.444  1.00 11.11 ? 155 LYS B CB   1 
ATOM   698  C  CG   . LYS A 1 47 ? 1.761   2.565   13.467  1.00 11.29 ? 155 LYS B CG   1 
ATOM   699  C  CD   . LYS A 1 47 ? 3.117   1.948   13.758  1.00 13.33 ? 155 LYS B CD   1 
ATOM   700  C  CE   . LYS A 1 47 ? 3.013   0.735   14.644  1.00 16.23 ? 155 LYS B CE   1 
ATOM   701  N  NZ   . LYS A 1 47 ? 4.295   -0.024  14.669  1.00 21.45 ? 155 LYS B NZ   1 
ATOM   702  H  H    . LYS A 1 47 ? 0.183   2.523   11.121  1.00 11.72 ? 155 LYS B H    1 
ATOM   703  H  HA   . LYS A 1 47 ? 0.065   4.556   12.729  1.00 12.42 ? 155 LYS B HA   1 
ATOM   704  H  HB2  . LYS A 1 47 ? 2.359   3.288   11.679  1.00 13.33 ? 155 LYS B HB2  1 
ATOM   705  H  HB3  . LYS A 1 47 ? 2.425   4.366   12.844  1.00 13.33 ? 155 LYS B HB3  1 
ATOM   706  H  HG2  . LYS A 1 47 ? 1.402   2.929   14.290  1.00 13.56 ? 155 LYS B HG2  1 
ATOM   707  H  HG3  . LYS A 1 47 ? 1.172   1.871   13.127  1.00 13.56 ? 155 LYS B HG3  1 
ATOM   708  H  HD2  . LYS A 1 47 ? 3.530   1.678   12.923  1.00 16.00 ? 155 LYS B HD2  1 
ATOM   709  H  HD3  . LYS A 1 47 ? 3.674   2.603   14.207  1.00 16.00 ? 155 LYS B HD3  1 
ATOM   710  H  HE2  . LYS A 1 47 ? 2.803   1.013   15.549  1.00 19.48 ? 155 LYS B HE2  1 
ATOM   711  H  HE3  . LYS A 1 47 ? 2.317   0.149   14.307  1.00 19.48 ? 155 LYS B HE3  1 
ATOM   712  H  HZ1  . LYS A 1 47 ? 4.505   -0.293  13.847  1.00 25.74 ? 155 LYS B HZ1  1 
ATOM   713  H  HZ2  . LYS A 1 47 ? 4.948   0.494   14.980  1.00 25.74 ? 155 LYS B HZ2  1 
ATOM   714  H  HZ3  . LYS A 1 47 ? 4.216   -0.737  15.195  1.00 25.74 ? 155 LYS B HZ3  1 
ATOM   715  N  N    . ASP A 1 48 ? 0.800   5.357   9.768   1.00 9.62  ? 156 ASP B N    1 
ATOM   716  C  CA   . ASP A 1 48 ? 1.111   6.471   8.881   1.00 10.30 ? 156 ASP B CA   1 
ATOM   717  C  C    . ASP A 1 48 ? -0.045  7.449   8.720   1.00 9.92  ? 156 ASP B C    1 
ATOM   718  O  O    . ASP A 1 48 ? 0.136   8.497   8.086   1.00 10.77 ? 156 ASP B O    1 
ATOM   719  C  CB   . ASP A 1 48 ? 1.455   5.949   7.472   1.00 10.85 ? 156 ASP B CB   1 
ATOM   720  C  CG   . ASP A 1 48 ? 2.840   5.329   7.368   1.00 10.13 ? 156 ASP B CG   1 
ATOM   721  O  OD1  . ASP A 1 48 ? 3.768   5.799   8.075   1.00 11.52 ? 156 ASP B OD1  1 
ATOM   722  O  OD2  . ASP A 1 48 ? 3.013   4.414   6.521   1.00 10.85 ? 156 ASP B OD2  1 
ATOM   723  H  H    . ASP A 1 48 ? 0.551   4.642   9.360   1.00 11.54 ? 156 ASP B H    1 
ATOM   724  H  HA   . ASP A 1 48 ? 1.876   6.936   9.254   1.00 12.37 ? 156 ASP B HA   1 
ATOM   725  H  HB2  . ASP A 1 48 ? 0.808   5.270   7.225   1.00 13.03 ? 156 ASP B HB2  1 
ATOM   726  H  HB3  . ASP A 1 48 ? 1.415   6.690   6.847   1.00 13.03 ? 156 ASP B HB3  1 
ATOM   727  N  N    . HIS A 1 49 ? -1.226  7.136   9.254   1.00 9.88  ? 157 HIS B N    1 
ATOM   728  C  CA   . HIS A 1 49 ? -2.436  7.828   8.818   1.00 10.11 ? 157 HIS B CA   1 
ATOM   729  C  C    . HIS A 1 49 ? -3.338  8.282   9.957   1.00 9.98  ? 157 HIS B C    1 
ATOM   730  O  O    . HIS A 1 49 ? -4.531  8.491   9.731   1.00 10.55 ? 157 HIS B O    1 
ATOM   731  C  CB   . HIS A 1 49 ? -3.215  6.950   7.837   1.00 10.42 ? 157 HIS B CB   1 
ATOM   732  C  CG   . HIS A 1 49 ? -2.380  6.458   6.707   1.00 9.95  ? 157 HIS B CG   1 
ATOM   733  N  ND1  . HIS A 1 49 ? -1.969  7.276   5.679   1.00 11.72 ? 157 HIS B ND1  1 
ATOM   734  C  CD2  . HIS A 1 49 ? -1.834  5.241   6.471   1.00 10.30 ? 157 HIS B CD2  1 
ATOM   735  C  CE1  . HIS A 1 49 ? -1.214  6.578   4.848   1.00 10.35 ? 157 HIS B CE1  1 
ATOM   736  N  NE2  . HIS A 1 49 ? -1.116  5.339   5.305   1.00 11.44 ? 157 HIS B NE2  1 
ATOM   737  H  H    . HIS A 1 49 ? -1.348  6.537   9.858   1.00 11.87 ? 157 HIS B H    1 
ATOM   738  H  HA   . HIS A 1 49 ? -2.161  8.641   8.368   1.00 12.13 ? 157 HIS B HA   1 
ATOM   739  H  HB2  . HIS A 1 49 ? -3.561  6.178   8.311   1.00 12.51 ? 157 HIS B HB2  1 
ATOM   740  H  HB3  . HIS A 1 49 ? -3.946  7.467   7.465   1.00 12.51 ? 157 HIS B HB3  1 
ATOM   741  H  HD2  . HIS A 1 49 ? -1.926  4.482   7.000   1.00 12.36 ? 157 HIS B HD2  1 
ATOM   742  H  HE1  . HIS A 1 49 ? -0.816  6.903   4.072   1.00 12.42 ? 157 HIS B HE1  1 
ATOM   743  H  HE2  . HIS A 1 49 ? -0.676  4.701   4.934   1.00 13.74 ? 157 HIS B HE2  1 
ATOM   744  N  N    . VAL A 1 50 ? -2.796  8.482   11.157  1.00 9.74  ? 158 VAL B N    1 
ATOM   745  C  CA   . VAL A 1 50 ? -3.628  8.915   12.272  1.00 9.61  ? 158 VAL B CA   1 
ATOM   746  C  C    . VAL A 1 50 ? -4.299  10.235  11.919  1.00 9.91  ? 158 VAL B C    1 
ATOM   747  O  O    . VAL A 1 50 ? -3.643  11.201  11.513  1.00 10.37 ? 158 VAL B O    1 
ATOM   748  C  CB   . VAL A 1 50 ? -2.788  9.010   13.554  1.00 10.40 ? 158 VAL B CB   1 
ATOM   749  C  CG1  . VAL A 1 50 ? -3.596  9.663   14.667  1.00 11.47 ? 158 VAL B CG1  1 
ATOM   750  C  CG2  . VAL A 1 50 ? -2.291  7.638   13.960  1.00 10.45 ? 158 VAL B CG2  1 
ATOM   751  H  H    . VAL A 1 50 ? -1.965  8.376   11.349  1.00 11.70 ? 158 VAL B H    1 
ATOM   752  H  HA   . VAL A 1 50 ? -4.327  8.260   12.427  1.00 11.53 ? 158 VAL B HA   1 
ATOM   753  H  HB   . VAL A 1 50 ? -2.011  9.568   13.390  1.00 12.48 ? 158 VAL B HB   1 
ATOM   754  H  HG11 . VAL A 1 50 ? -3.148  9.511   15.514  1.00 13.77 ? 158 VAL B HG11 1 
ATOM   755  H  HG12 . VAL A 1 50 ? -3.661  10.616  14.494  1.00 13.77 ? 158 VAL B HG12 1 
ATOM   756  H  HG13 . VAL A 1 50 ? -4.482  9.270   14.686  1.00 13.77 ? 158 VAL B HG13 1 
ATOM   757  H  HG21 . VAL A 1 50 ? -1.820  7.711   14.805  1.00 12.55 ? 158 VAL B HG21 1 
ATOM   758  H  HG22 . VAL A 1 50 ? -3.050  7.042   14.055  1.00 12.55 ? 158 VAL B HG22 1 
ATOM   759  H  HG23 . VAL A 1 50 ? -1.692  7.304   13.275  1.00 12.55 ? 158 VAL B HG23 1 
ATOM   760  N  N    . ASN A 1 51 ? -5.620  10.278  12.065  1.00 10.55 ? 159 ASN B N    1 
ATOM   761  C  CA   . ASN A 1 51 ? -6.438  11.450  11.759  1.00 11.11 ? 159 ASN B CA   1 
ATOM   762  C  C    . ASN A 1 51 ? -6.446  11.809  10.281  1.00 11.45 ? 159 ASN B C    1 
ATOM   763  O  O    . ASN A 1 51 ? -6.869  12.911  9.919   1.00 15.71 ? 159 ASN B O    1 
ATOM   764  C  CB   . ASN A 1 51 ? -6.105  12.660  12.640  1.00 11.44 ? 159 ASN B CB   1 
ATOM   765  C  CG   . ASN A 1 51 ? -6.900  12.656  13.931  1.00 11.50 ? 159 ASN B CG   1 
ATOM   766  O  OD1  . ASN A 1 51 ? -8.124  12.454  13.916  1.00 12.24 ? 159 ASN B OD1  1 
ATOM   767  N  ND2  . ASN A 1 51 ? -6.216  12.864  15.058  1.00 12.45 ? 159 ASN B ND2  1 
ATOM   768  H  H    . ASN A 1 51 ? -6.083  9.612   12.351  1.00 12.67 ? 159 ASN B H    1 
ATOM   769  H  HA   . ASN A 1 51 ? -7.353  11.218  11.979  1.00 13.34 ? 159 ASN B HA   1 
ATOM   770  H  HB2  . ASN A 1 51 ? -5.162  12.643  12.864  1.00 13.73 ? 159 ASN B HB2  1 
ATOM   771  H  HB3  . ASN A 1 51 ? -6.316  13.474  12.156  1.00 13.73 ? 159 ASN B HB3  1 
ATOM   772  H  HD21 . ASN A 1 51 ? -6.625  12.870  15.815  1.00 14.94 ? 159 ASN B HD21 1 
ATOM   773  H  HD22 . ASN A 1 51 ? -5.365  12.991  15.027  1.00 14.94 ? 159 ASN B HD22 1 
ATOM   774  N  N    . HIS A 1 52 ? -6.016  10.900  9.408   1.00 11.50 ? 160 HIS B N    1 
ATOM   775  C  CA   . HIS A 1 52 ? -6.276  11.035  7.984   1.00 11.26 ? 160 HIS B CA   1 
ATOM   776  C  C    . HIS A 1 52 ? -7.618  10.401  7.654   1.00 10.93 ? 160 HIS B C    1 
ATOM   777  O  O    . HIS A 1 52 ? -8.152  9.610   8.424   1.00 11.81 ? 160 HIS B O    1 
ATOM   778  C  CB   . HIS A 1 52 ? -5.179  10.361  7.174   1.00 10.89 ? 160 HIS B CB   1 
ATOM   779  C  CG   . HIS A 1 52 ? -3.926  11.164  7.086   1.00 10.57 ? 160 HIS B CG   1 
ATOM   780  N  ND1  . HIS A 1 52 ? -2.775  10.689  6.494   1.00 11.16 ? 160 HIS B ND1  1 
ATOM   781  C  CD2  . HIS A 1 52 ? -3.661  12.430  7.486   1.00 11.62 ? 160 HIS B CD2  1 
ATOM   782  C  CE1  . HIS A 1 52 ? -1.855  11.639  6.530   1.00 11.46 ? 160 HIS B CE1  1 
ATOM   783  N  NE2  . HIS A 1 52 ? -2.364  12.700  7.135   1.00 12.70 ? 160 HIS B NE2  1 
ATOM   784  H  H    . HIS A 1 52 ? -5.571  10.197  9.619   1.00 13.80 ? 160 HIS B H    1 
ATOM   785  H  HA   . HIS A 1 52 ? -6.297  11.974  7.740   1.00 13.51 ? 160 HIS B HA   1 
ATOM   786  H  HB2  . HIS A 1 52 ? -4.960  9.512   7.590   1.00 13.08 ? 160 HIS B HB2  1 
ATOM   787  H  HB3  . HIS A 1 52 ? -5.503  10.214  6.271   1.00 13.08 ? 160 HIS B HB3  1 
ATOM   788  H  HD2  . HIS A 1 52 ? -4.247  13.007  7.917   1.00 13.94 ? 160 HIS B HD2  1 
ATOM   789  H  HE1  . HIS A 1 52 ? -0.994  11.573  6.187   1.00 13.76 ? 160 HIS B HE1  1 
ATOM   790  H  HE2  . HIS A 1 52 ? -1.949  13.438  7.283   1.00 15.25 ? 160 HIS B HE2  1 
ATOM   791  N  N    . HIS A 1 53 ? -8.164  10.771  6.502   1.00 11.12 ? 161 HIS B N    1 
ATOM   792  C  CA   . HIS A 1 53 ? -9.408  10.184  6.012   1.00 10.78 ? 161 HIS B CA   1 
ATOM   793  C  C    . HIS A 1 53 ? -9.050  8.993   5.132   1.00 10.20 ? 161 HIS B C    1 
ATOM   794  O  O    . HIS A 1 53 ? -8.697  9.147   3.961   1.00 10.92 ? 161 HIS B O    1 
ATOM   795  C  CB   . HIS A 1 53 ? -10.244 11.215  5.274   1.00 11.57 ? 161 HIS B CB   1 
ATOM   796  C  CG   . HIS A 1 53 ? -11.571 10.696  4.815   1.00 14.27 ? 161 HIS B CG   1 
ATOM   797  N  ND1  . HIS A 1 53 ? -12.645 11.526  4.581   1.00 18.95 ? 161 HIS B ND1  1 
ATOM   798  C  CD2  . HIS A 1 53 ? -12.004 9.439   4.545   1.00 17.66 ? 161 HIS B CD2  1 
ATOM   799  C  CE1  . HIS A 1 53 ? -13.678 10.807  4.179   1.00 19.54 ? 161 HIS B CE1  1 
ATOM   800  N  NE2  . HIS A 1 53 ? -13.314 9.538   4.142   1.00 20.01 ? 161 HIS B NE2  1 
ATOM   801  H  H    . HIS A 1 53 ? -7.828  11.367  5.980   1.00 13.34 ? 161 HIS B H    1 
ATOM   802  H  HA   . HIS A 1 53 ? -9.933  9.862   6.762   1.00 12.95 ? 161 HIS B HA   1 
ATOM   803  H  HB2  . HIS A 1 53 ? -10.410 11.966  5.867   1.00 13.89 ? 161 HIS B HB2  1 
ATOM   804  H  HB3  . HIS A 1 53 ? -9.755  11.512  4.491   1.00 13.89 ? 161 HIS B HB3  1 
ATOM   805  H  HD2  . HIS A 1 53 ? -11.507 8.658   4.619   1.00 21.19 ? 161 HIS B HD2  1 
ATOM   806  H  HE1  . HIS A 1 53 ? -14.518 11.139  3.960   1.00 23.46 ? 161 HIS B HE1  1 
ATOM   807  H  HE2  . HIS A 1 53 ? -13.815 8.881   3.904   1.00 24.01 ? 161 HIS B HE2  1 
ATOM   808  N  N    . VAL A 1 54 ? -9.116  7.808   5.710   1.00 10.43 ? 162 VAL B N    1 
ATOM   809  C  CA   . VAL A 1 54 ? -8.806  6.570   5.010   1.00 10.39 ? 162 VAL B CA   1 
ATOM   810  C  C    . VAL A 1 54 ? -10.099 5.995   4.451   1.00 9.68  ? 162 VAL B C    1 
ATOM   811  O  O    . VAL A 1 54 ? -11.169 6.086   5.069   1.00 11.05 ? 162 VAL B O    1 
ATOM   812  C  CB   . VAL A 1 54 ? -8.088  5.596   5.963   1.00 10.52 ? 162 VAL B CB   1 
ATOM   813  C  CG1  . VAL A 1 54 ? -8.075  4.174   5.412   1.00 10.95 ? 162 VAL B CG1  1 
ATOM   814  C  CG2  . VAL A 1 54 ? -6.662  6.094   6.218   1.00 13.41 ? 162 VAL B CG2  1 
ATOM   815  H  H    . VAL A 1 54 ? -9.343  7.690   6.530   1.00 12.52 ? 162 VAL B H    1 
ATOM   816  H  HA   . VAL A 1 54 ? -8.216  6.741   4.260   1.00 12.47 ? 162 VAL B HA   1 
ATOM   817  H  HB   . VAL A 1 54 ? -8.572  5.565   6.802   1.00 12.63 ? 162 VAL B HB   1 
ATOM   818  H  HG11 . VAL A 1 54 ? -7.445  3.643   5.925   1.00 13.14 ? 162 VAL B HG11 1 
ATOM   819  H  HG12 . VAL A 1 54 ? -8.965  3.797   5.490   1.00 13.14 ? 162 VAL B HG12 1 
ATOM   820  H  HG13 . VAL A 1 54 ? -7.805  4.199   4.481   1.00 13.14 ? 162 VAL B HG13 1 
ATOM   821  H  HG21 . VAL A 1 54 ? -6.220  5.487   6.832   1.00 16.10 ? 162 VAL B HG21 1 
ATOM   822  H  HG22 . VAL A 1 54 ? -6.182  6.121   5.376   1.00 16.10 ? 162 VAL B HG22 1 
ATOM   823  H  HG23 . VAL A 1 54 ? -6.703  6.983   6.605   1.00 16.10 ? 162 VAL B HG23 1 
ATOM   824  N  N    . CYS A 1 55 ? -10.002 5.418   3.256   1.00 10.09 ? 163 CYS B N    1 
ATOM   825  C  CA   . CYS A 1 55 ? -11.149 4.831   2.568   1.00 10.37 ? 163 CYS B CA   1 
ATOM   826  C  C    . CYS A 1 55 ? -10.732 3.511   1.949   1.00 11.69 ? 163 CYS B C    1 
ATOM   827  O  O    . CYS A 1 55 ? -9.854  3.494   1.079   1.00 13.22 ? 163 CYS B O    1 
ATOM   828  C  CB   . CYS A 1 55 ? -11.637 5.779   1.466   1.00 14.76 ? 163 CYS B CB   1 
ATOM   829  S  SG   . CYS A 1 55 ? -13.132 5.301   0.582   1.00 16.53 ? 163 CYS B SG   1 
ATOM   830  H  H    . CYS A 1 55 ? -9.266  5.354   2.816   1.00 12.11 ? 163 CYS B H    1 
ATOM   831  H  HA   . CYS A 1 55 ? -11.860 4.661   3.205   1.00 12.45 ? 163 CYS B HA   1 
ATOM   832  H  HB2  . CYS A 1 55 ? -11.812 6.643   1.869   1.00 17.72 ? 163 CYS B HB2  1 
ATOM   833  H  HB3  . CYS A 1 55 ? -10.931 5.857   0.804   1.00 17.72 ? 163 CYS B HB3  1 
ATOM   834  H  HG   . CYS A 1 55 ? -12.983 4.201   0.128   1.00 19.84 ? 163 CYS B HG   1 
ATOM   835  N  N    . THR A 1 56 ? -11.410 2.432   2.330   1.00 9.39  ? 164 THR B N    1 
ATOM   836  C  CA   . THR A 1 56 ? -11.092 1.133   1.766   1.00 9.69  ? 164 THR B CA   1 
ATOM   837  C  C    . THR A 1 56 ? -11.876 0.910   0.477   1.00 9.39  ? 164 THR B C    1 
ATOM   838  O  O    . THR A 1 56 ? -12.837 1.623   0.160   1.00 10.38 ? 164 THR B O    1 
ATOM   839  C  CB   . THR A 1 56 ? -11.358 0.010   2.776   1.00 9.71  ? 164 THR B CB   1 
ATOM   840  O  OG1  . THR A 1 56 ? -12.768 -0.120  2.954   1.00 9.85  ? 164 THR B OG1  1 
ATOM   841  C  CG2  . THR A 1 56 ? -10.670 0.298   4.107   1.00 10.58 ? 164 THR B CG2  1 
ATOM   842  H  H    . THR A 1 56 ? -12.048 2.432   2.906   1.00 11.27 ? 164 THR B H    1 
ATOM   843  H  HA   . THR A 1 56 ? -10.147 1.099   1.549   1.00 11.63 ? 164 THR B HA   1 
ATOM   844  H  HB   . THR A 1 56 ? -10.997 -0.828  2.447   1.00 11.66 ? 164 THR B HB   1 
ATOM   845  H  HG1  . THR A 1 56 ? -12.929 -0.665  3.573   1.00 11.83 ? 164 THR B HG1  1 
ATOM   846  H  HG21 . THR A 1 56 ? -10.831 -0.431  4.727   1.00 12.70 ? 164 THR B HG21 1 
ATOM   847  H  HG22 . THR A 1 56 ? -9.714  0.391   3.973   1.00 12.70 ? 164 THR B HG22 1 
ATOM   848  H  HG23 . THR A 1 56 ? -11.016 1.119   4.489   1.00 12.70 ? 164 THR B HG23 1 
ATOM   849  N  N    . ASP A 1 57 ? -11.414 -0.074  -0.287  1.00 10.78 ? 165 ASP B N    1 
ATOM   850  C  CA   . ASP A 1 57 ? -12.056 -0.505  -1.517  1.00 10.43 ? 165 ASP B CA   1 
ATOM   851  C  C    . ASP A 1 57 ? -11.926 -2.017  -1.611  1.00 10.36 ? 165 ASP B C    1 
ATOM   852  O  O    . ASP A 1 57 ? -11.152 -2.648  -0.885  1.00 10.28 ? 165 ASP B O    1 
ATOM   853  C  CB   . ASP A 1 57 ? -11.421 0.160   -2.745  1.00 11.77 ? 165 ASP B CB   1 
ATOM   854  C  CG   . ASP A 1 57 ? -12.400 0.352   -3.901  1.00 11.72 ? 165 ASP B CG   1 
ATOM   855  O  OD1  . ASP A 1 57 ? -13.496 -0.246  -3.908  1.00 12.46 ? 165 ASP B OD1  1 
ATOM   856  O  OD2  . ASP A 1 57 ? -12.044 1.130   -4.815  1.00 14.61 ? 165 ASP B OD2  1 
ATOM   857  H  H    . ASP A 1 57 ? -10.703 -0.522  -0.103  1.00 12.94 ? 165 ASP B H    1 
ATOM   858  H  HA   . ASP A 1 57 ? -12.997 -0.267  -1.496  1.00 12.52 ? 165 ASP B HA   1 
ATOM   859  H  HB2  . ASP A 1 57 ? -11.084 1.034   -2.491  1.00 14.12 ? 165 ASP B HB2  1 
ATOM   860  H  HB3  . ASP A 1 57 ? -10.692 -0.396  -3.062  1.00 14.12 ? 165 ASP B HB3  1 
ATOM   861  N  N    . ILE A 1 58 ? -12.708 -2.599  -2.515  1.00 10.98 ? 166 ILE B N    1 
ATOM   862  C  CA   . ILE A 1 58 ? -12.572 -3.994  -2.918  1.00 11.22 ? 166 ILE B CA   1 
ATOM   863  C  C    . ILE A 1 58 ? -12.477 -4.020  -4.434  1.00 11.38 ? 166 ILE B C    1 
ATOM   864  O  O    . ILE A 1 58 ? -13.300 -3.404  -5.123  1.00 12.84 ? 166 ILE B O    1 
ATOM   865  C  CB   . ILE A 1 58 ? -13.756 -4.851  -2.433  1.00 11.43 ? 166 ILE B CB   1 
ATOM   866  C  CG1  . ILE A 1 58 ? -13.742 -4.948  -0.908  1.00 11.19 ? 166 ILE B CG1  1 
ATOM   867  C  CG2  . ILE A 1 58 ? -13.723 -6.234  -3.070  1.00 12.79 ? 166 ILE B CG2  1 
ATOM   868  C  CD1  . ILE A 1 58 ? -15.013 -5.564  -0.330  1.00 11.22 ? 166 ILE B CD1  1 
ATOM   869  H  H    . ILE A 1 58 ? -13.346 -2.190  -2.920  1.00 13.18 ? 166 ILE B H    1 
ATOM   870  H  HA   . ILE A 1 58 ? -11.759 -4.369  -2.544  1.00 13.47 ? 166 ILE B HA   1 
ATOM   871  H  HB   . ILE A 1 58 ? -14.580 -4.419  -2.706  1.00 13.72 ? 166 ILE B HB   1 
ATOM   872  H  HG12 . ILE A 1 58 ? -12.993 -5.502  -0.636  1.00 13.44 ? 166 ILE B HG12 1 
ATOM   873  H  HG13 . ILE A 1 58 ? -13.649 -4.057  -0.537  1.00 13.44 ? 166 ILE B HG13 1 
ATOM   874  H  HG21 . ILE A 1 58 ? -14.347 -6.812  -2.605  1.00 15.35 ? 166 ILE B HG21 1 
ATOM   875  H  HG22 . ILE A 1 58 ? -13.975 -6.158  -4.004  1.00 15.35 ? 166 ILE B HG22 1 
ATOM   876  H  HG23 . ILE A 1 58 ? -12.824 -6.593  -2.999  1.00 15.35 ? 166 ILE B HG23 1 
ATOM   877  H  HD11 . ILE A 1 58 ? -15.067 -5.350  0.614   1.00 13.47 ? 166 ILE B HD11 1 
ATOM   878  H  HD12 . ILE A 1 58 ? -15.781 -5.200  -0.797  1.00 13.47 ? 166 ILE B HD12 1 
ATOM   879  H  HD13 . ILE A 1 58 ? -14.981 -6.526  -0.449  1.00 13.47 ? 166 ILE B HD13 1 
ATOM   880  N  N    . CYS A 1 59 ? -11.470 -4.713  -4.955  1.00 12.47 ? 167 CYS B N    1 
ATOM   881  C  CA   . CYS A 1 59 ? -11.336 -4.859  -6.399  1.00 14.81 ? 167 CYS B CA   1 
ATOM   882  C  C    . CYS A 1 59 ? -12.482 -5.730  -6.908  1.00 15.93 ? 167 CYS B C    1 
ATOM   883  O  O    . CYS A 1 59 ? -12.635 -6.877  -6.486  1.00 17.56 ? 167 CYS B O    1 
ATOM   884  C  CB   . CYS A 1 59 ? -9.981  -5.477  -6.723  1.00 14.60 ? 167 CYS B CB   1 
ATOM   885  S  SG   . CYS A 1 59 ? -9.738  -5.951  -8.428  1.00 19.59 ? 167 CYS B SG   1 
ATOM   886  H  H    . CYS A 1 59 ? -10.856 -5.106  -4.498  1.00 14.97 ? 167 CYS B H    1 
ATOM   887  H  HA   . CYS A 1 59 ? -11.385 -3.998  -6.841  1.00 17.78 ? 167 CYS B HA   1 
ATOM   888  H  HB2  . CYS A 1 59 ? -9.291  -4.831  -6.502  1.00 17.52 ? 167 CYS B HB2  1 
ATOM   889  H  HB3  . CYS A 1 59 ? -9.873  -6.275  -6.182  1.00 17.52 ? 167 CYS B HB3  1 
ATOM   890  H  HG   . CYS A 1 59 ? -8.605  -6.318  -8.575  1.00 23.51 ? 167 CYS B HG   1 
ATOM   891  N  N    . THR A 1 60 ? -13.318 -5.173  -7.783  1.00 18.33 ? 168 THR B N    1 
ATOM   892  C  CA   . THR A 1 60 ? -14.498 -5.885  -8.254  1.00 21.41 ? 168 THR B CA   1 
ATOM   893  C  C    . THR A 1 60 ? -14.435 -6.232  -9.732  1.00 28.93 ? 168 THR B C    1 
ATOM   894  O  O    . THR A 1 60 ? -15.377 -6.839  -10.254 1.00 34.51 ? 168 THR B O    1 
ATOM   895  C  CB   . THR A 1 60 ? -15.769 -5.078  -7.963  1.00 19.84 ? 168 THR B CB   1 
ATOM   896  O  OG1  . THR A 1 60 ? -15.587 -3.716  -8.363  1.00 21.33 ? 168 THR B OG1  1 
ATOM   897  C  CG2  . THR A 1 60 ? -16.097 -5.118  -6.480  1.00 19.71 ? 168 THR B CG2  1 
ATOM   898  H  H    . THR A 1 60 ? -13.220 -4.386  -8.114  1.00 22.00 ? 168 THR B H    1 
ATOM   899  H  HA   . THR A 1 60 ? -14.565 -6.717  -7.760  1.00 25.69 ? 168 THR B HA   1 
ATOM   900  H  HB   . THR A 1 60 ? -16.510 -5.463  -8.458  1.00 23.81 ? 168 THR B HB   1 
ATOM   901  H  HG1  . THR A 1 60 ? -16.281 -3.272  -8.198  1.00 25.60 ? 168 THR B HG1  1 
ATOM   902  H  HG21 . THR A 1 60 ? -16.905 -4.610  -6.305  1.00 23.65 ? 168 THR B HG21 1 
ATOM   903  H  HG22 . THR A 1 60 ? -16.234 -6.034  -6.194  1.00 23.65 ? 168 THR B HG22 1 
ATOM   904  H  HG23 . THR A 1 60 ? -15.368 -4.734  -5.969  1.00 23.65 ? 168 THR B HG23 1 
ATOM   905  N  N    . GLU A 1 61 ? -13.356 -5.872  -10.419 1.00 29.88 ? 169 GLU B N    1 
ATOM   906  C  CA   . GLU A 1 61 ? -13.227 -6.178  -11.832 1.00 36.57 ? 169 GLU B CA   1 
ATOM   907  C  C    . GLU A 1 61 ? -11.770 -6.455  -12.153 1.00 37.20 ? 169 GLU B C    1 
ATOM   908  O  O    . GLU A 1 61 ? -10.866 -5.901  -11.522 1.00 32.35 ? 169 GLU B O    1 
ATOM   909  C  CB   . GLU A 1 61 ? -13.700 -5.009  -12.699 1.00 37.40 ? 169 GLU B CB   1 
ATOM   910  C  CG   . GLU A 1 61 ? -15.171 -5.044  -13.017 1.00 38.54 ? 169 GLU B CG   1 
ATOM   911  C  CD   . GLU A 1 61 ? -15.772 -3.669  -13.094 1.00 45.93 ? 169 GLU B CD   1 
ATOM   912  O  OE1  . GLU A 1 61 ? -15.041 -2.746  -13.482 1.00 49.35 ? 169 GLU B OE1  1 
ATOM   913  O  OE2  . GLU A 1 61 ? -16.968 -3.513  -12.780 1.00 44.92 ? 169 GLU B OE2  1 
ATOM   914  H  H    . GLU A 1 61 ? -12.685 -5.448  -10.086 1.00 35.86 ? 169 GLU B H    1 
ATOM   915  H  HA   . GLU A 1 61 ? -13.755 -6.967  -12.031 1.00 43.88 ? 169 GLU B HA   1 
ATOM   916  H  HB2  . GLU A 1 61 ? -13.518 -4.180  -12.230 1.00 44.88 ? 169 GLU B HB2  1 
ATOM   917  H  HB3  . GLU A 1 61 ? -13.215 -5.029  -13.539 1.00 44.88 ? 169 GLU B HB3  1 
ATOM   918  H  HG2  . GLU A 1 61 ? -15.300 -5.478  -13.875 1.00 46.26 ? 169 GLU B HG2  1 
ATOM   919  H  HG3  . GLU A 1 61 ? -15.634 -5.539  -12.323 1.00 46.26 ? 169 GLU B HG3  1 
ATOM   920  N  N    . PHE A 1 62 ? -11.554 -7.323  -13.141 1.00 39.87 ? 170 PHE B N    1 
ATOM   921  C  CA   . PHE A 1 62 ? -10.224 -7.506  -13.700 1.00 39.34 ? 170 PHE B CA   1 
ATOM   922  C  C    . PHE A 1 62 ? -9.600  -6.143  -13.948 1.00 41.03 ? 170 PHE B C    1 
ATOM   923  O  O    . PHE A 1 62 ? -10.188 -5.285  -14.613 1.00 39.15 ? 170 PHE B O    1 
ATOM   924  C  CB   . PHE A 1 62 ? -10.320 -8.285  -15.014 1.00 42.36 ? 170 PHE B CB   1 
ATOM   925  C  CG   . PHE A 1 62 ? -8.986  -8.602  -15.641 1.00 50.34 ? 170 PHE B CG   1 
ATOM   926  C  CD1  . PHE A 1 62 ? -8.821  -8.520  -17.016 1.00 54.36 ? 170 PHE B CD1  1 
ATOM   927  C  CD2  . PHE A 1 62 ? -7.904  -8.991  -14.866 1.00 51.26 ? 170 PHE B CD2  1 
ATOM   928  C  CE1  . PHE A 1 62 ? -7.603  -8.814  -17.605 1.00 53.32 ? 170 PHE B CE1  1 
ATOM   929  C  CE2  . PHE A 1 62 ? -6.682  -9.285  -15.449 1.00 48.34 ? 170 PHE B CE2  1 
ATOM   930  C  CZ   . PHE A 1 62 ? -6.532  -9.196  -16.819 1.00 53.38 ? 170 PHE B CZ   1 
ATOM   931  H  H    . PHE A 1 62 ? -12.161 -7.816  -13.501 1.00 47.85 ? 170 PHE B H    1 
ATOM   932  H  HA   . PHE A 1 62 ? -9.665  -8.013  -13.090 1.00 47.21 ? 170 PHE B HA   1 
ATOM   933  H  HB2  . PHE A 1 62 ? -10.775 -9.125  -14.845 1.00 50.84 ? 170 PHE B HB2  1 
ATOM   934  H  HB3  . PHE A 1 62 ? -10.828 -7.756  -15.650 1.00 50.84 ? 170 PHE B HB3  1 
ATOM   935  H  HD1  . PHE A 1 62 ? -9.538  -8.265  -17.550 1.00 65.24 ? 170 PHE B HD1  1 
ATOM   936  H  HD2  . PHE A 1 62 ? -8.000  -9.054  -13.942 1.00 61.52 ? 170 PHE B HD2  1 
ATOM   937  H  HE1  . PHE A 1 62 ? -7.505  -8.752  -18.527 1.00 63.99 ? 170 PHE B HE1  1 
ATOM   938  H  HE2  . PHE A 1 62 ? -5.963  -9.543  -14.919 1.00 58.01 ? 170 PHE B HE2  1 
ATOM   939  H  HZ   . PHE A 1 62 ? -5.713  -9.393  -17.213 1.00 64.06 ? 170 PHE B HZ   1 
ATOM   940  N  N    . THR A 1 63 ? -8.423  -5.934  -13.373 1.00 40.47 ? 171 THR B N    1 
ATOM   941  C  CA   . THR A 1 63 ? -7.714  -4.676  -13.515 1.00 37.21 ? 171 THR B CA   1 
ATOM   942  C  C    . THR A 1 63 ? -6.235  -4.972  -13.676 1.00 36.77 ? 171 THR B C    1 
ATOM   943  O  O    . THR A 1 63 ? -5.750  -6.014  -13.236 1.00 36.41 ? 171 THR B O    1 
ATOM   944  C  CB   . THR A 1 63 ? -7.876  -3.787  -12.274 1.00 33.06 ? 171 THR B CB   1 
ATOM   945  O  OG1  . THR A 1 63 ? -7.026  -2.637  -12.392 1.00 31.37 ? 171 THR B OG1  1 
ATOM   946  C  CG2  . THR A 1 63 ? -7.498  -4.553  -11.015 1.00 31.19 ? 171 THR B CG2  1 
ATOM   947  H  H    . THR A 1 63 ? -8.012  -6.515  -12.891 1.00 48.57 ? 171 THR B H    1 
ATOM   948  H  HA   . THR A 1 63 ? -8.052  -4.207  -14.294 1.00 44.66 ? 171 THR B HA   1 
ATOM   949  H  HB   . THR A 1 63 ? -8.800  -3.505  -12.200 1.00 39.67 ? 171 THR B HB   1 
ATOM   950  H  HG1  . THR A 1 63 ? -7.019  -2.210  -11.669 1.00 37.65 ? 171 THR B HG1  1 
ATOM   951  H  HG21 . THR A 1 63 ? -7.714  -4.026  -10.229 1.00 37.43 ? 171 THR B HG21 1 
ATOM   952  H  HG22 . THR A 1 63 ? -7.986  -5.390  -10.977 1.00 37.43 ? 171 THR B HG22 1 
ATOM   953  H  HG23 . THR A 1 63 ? -6.546  -4.742  -11.015 1.00 37.43 ? 171 THR B HG23 1 
ATOM   954  N  N    . SER A 1 64 ? -5.525  -4.046  -14.314 1.00 34.84 ? 172 SER B N    1 
ATOM   955  C  CA   . SER A 1 64 ? -4.073  -4.005  -14.245 1.00 33.61 ? 172 SER B CA   1 
ATOM   956  C  C    . SER A 1 64 ? -3.588  -3.137  -13.089 1.00 33.97 ? 172 SER B C    1 
ATOM   957  O  O    . SER A 1 64 ? -2.406  -2.776  -13.043 1.00 31.36 ? 172 SER B O    1 
ATOM   958  C  CB   . SER A 1 64 ? -3.488  -3.524  -15.576 1.00 35.57 ? 172 SER B CB   1 
ATOM   959  O  OG   . SER A 1 64 ? -4.070  -2.301  -15.983 1.00 39.08 ? 172 SER B OG   1 
ATOM   960  H  H    . SER A 1 64 ? -5.871  -3.426  -14.799 1.00 41.81 ? 172 SER B H    1 
ATOM   961  H  HA   . SER A 1 64 ? -3.737  -4.904  -14.103 1.00 40.34 ? 172 SER B HA   1 
ATOM   962  H  HB2  . SER A 1 64 ? -2.532  -3.397  -15.470 1.00 42.69 ? 172 SER B HB2  1 
ATOM   963  H  HB3  . SER A 1 64 ? -3.659  -4.196  -16.254 1.00 42.69 ? 172 SER B HB3  1 
ATOM   964  H  HG   . SER A 1 64 ? -3.785  -2.086  -16.743 1.00 46.90 ? 172 SER B HG   1 
ATOM   965  N  N    . GLY A 1 65 ? -4.479  -2.809  -12.152 1.00 30.36 ? 173 GLY B N    1 
ATOM   966  C  CA   . GLY A 1 65 ? -4.114  -1.941  -11.051 1.00 25.02 ? 173 GLY B CA   1 
ATOM   967  C  C    . GLY A 1 65 ? -3.223  -2.631  -10.036 1.00 20.57 ? 173 GLY B C    1 
ATOM   968  O  O    . GLY A 1 65 ? -3.343  -3.830  -9.766  1.00 19.85 ? 173 GLY B O    1 
ATOM   969  H  H    . GLY A 1 65 ? -5.297  -3.076  -12.136 1.00 36.44 ? 173 GLY B H    1 
ATOM   970  H  HA2  . GLY A 1 65 ? -3.642  -1.168  -11.395 1.00 30.03 ? 173 GLY B HA2  1 
ATOM   971  H  HA3  . GLY A 1 65 ? -4.919  -1.644  -10.596 1.00 30.03 ? 173 GLY B HA3  1 
ATOM   972  N  N    . ILE A 1 66 ? -2.325  -1.838  -9.447  1.00 18.33 ? 174 ILE B N    1 
ATOM   973  C  CA   . ILE A 1 66 ? -1.267  -2.355  -8.591  1.00 14.50 ? 174 ILE B CA   1 
ATOM   974  C  C    . ILE A 1 66 ? -1.064  -1.453  -7.382  1.00 13.05 ? 174 ILE B C    1 
ATOM   975  O  O    . ILE A 1 66 ? -1.386  -0.263  -7.396  1.00 13.63 ? 174 ILE B O    1 
ATOM   976  C  CB   . ILE A 1 66 ? 0.077   -2.517  -9.348  1.00 16.18 ? 174 ILE B CB   1 
ATOM   977  C  CG1  . ILE A 1 66 ? 0.624   -1.155  -9.793  1.00 17.05 ? 174 ILE B CG1  1 
ATOM   978  C  CG2  . ILE A 1 66 ? -0.094  -3.434  -10.550 1.00 17.60 ? 174 ILE B CG2  1 
ATOM   979  C  CD1  . ILE A 1 66 ? 1.961   -1.238  -10.515 1.00 17.85 ? 174 ILE B CD1  1 
ATOM   980  H  H    . ILE A 1 66 ? -2.315  -0.982  -9.533  1.00 22.00 ? 174 ILE B H    1 
ATOM   981  H  HA   . ILE A 1 66 ? -1.553  -3.220  -8.261  1.00 17.41 ? 174 ILE B HA   1 
ATOM   982  H  HB   . ILE A 1 66 ? 0.716   -2.915  -8.737  1.00 19.42 ? 174 ILE B HB   1 
ATOM   983  H  HG12 . ILE A 1 66 ? -0.013  -0.745  -10.398 1.00 20.47 ? 174 ILE B HG12 1 
ATOM   984  H  HG13 . ILE A 1 66 ? 0.745   -0.597  -9.010  1.00 20.47 ? 174 ILE B HG13 1 
ATOM   985  H  HG21 . ILE A 1 66 ? 0.781   -3.704  -10.868 1.00 21.13 ? 174 ILE B HG21 1 
ATOM   986  H  HG22 . ILE A 1 66 ? -0.604  -4.213  -10.281 1.00 21.13 ? 174 ILE B HG22 1 
ATOM   987  H  HG23 . ILE A 1 66 ? -0.566  -2.954  -11.249 1.00 21.13 ? 174 ILE B HG23 1 
ATOM   988  H  HD11 . ILE A 1 66 ? 2.309   -0.341  -10.640 1.00 21.42 ? 174 ILE B HD11 1 
ATOM   989  H  HD12 . ILE A 1 66 ? 2.579   -1.760  -9.978  1.00 21.42 ? 174 ILE B HD12 1 
ATOM   990  H  HD13 . ILE A 1 66 ? 1.830   -1.665  -11.376 1.00 21.42 ? 174 ILE B HD13 1 
ATOM   991  N  N    . CYS A 1 67 ? -0.488  -2.043  -6.335  1.00 12.86 ? 175 CYS B N    1 
ATOM   992  C  CA   . CYS A 1 67 ? -0.143  -1.304  -5.127  1.00 12.20 ? 175 CYS B CA   1 
ATOM   993  C  C    . CYS A 1 67 ? 0.999   -0.331  -5.395  1.00 11.87 ? 175 CYS B C    1 
ATOM   994  O  O    . CYS A 1 67 ? 2.021   -0.704  -5.990  1.00 12.83 ? 175 CYS B O    1 
ATOM   995  C  CB   . CYS A 1 67 ? 0.303   -2.285  -4.051  1.00 11.04 ? 175 CYS B CB   1 
ATOM   996  S  SG   . CYS A 1 67 ? 0.850   -1.514  -2.528  1.00 10.18 ? 175 CYS B SG   1 
ATOM   997  H  H    . CYS A 1 67 ? -0.285  -2.878  -6.299  1.00 15.43 ? 175 CYS B H    1 
ATOM   998  H  HA   . CYS A 1 67 ? -0.919  -0.803  -4.829  1.00 14.64 ? 175 CYS B HA   1 
ATOM   999  H  HB2  . CYS A 1 67 ? -0.443  -2.866  -3.835  1.00 13.25 ? 175 CYS B HB2  1 
ATOM   1000 H  HB3  . CYS A 1 67 ? 1.041   -2.809  -4.398  1.00 13.25 ? 175 CYS B HB3  1 
ATOM   1001 N  N    . ASP A 1 68 ? 0.841   0.897   -4.902  1.00 11.08 ? 176 ASP B N    1 
ATOM   1002 C  CA   . ASP A 1 68 ? 1.808   1.965   -5.106  1.00 11.75 ? 176 ASP B CA   1 
ATOM   1003 C  C    . ASP A 1 68 ? 2.770   2.156   -3.931  1.00 11.14 ? 176 ASP B C    1 
ATOM   1004 O  O    . ASP A 1 68 ? 3.526   3.134   -3.927  1.00 11.88 ? 176 ASP B O    1 
ATOM   1005 C  CB   . ASP A 1 68 ? 1.077   3.288   -5.364  1.00 12.60 ? 176 ASP B CB   1 
ATOM   1006 C  CG   . ASP A 1 68 ? 0.191   3.244   -6.587  1.00 11.41 ? 176 ASP B CG   1 
ATOM   1007 O  OD1  . ASP A 1 68 ? 0.735   3.027   -7.703  1.00 14.12 ? 176 ASP B OD1  1 
ATOM   1008 O  OD2  . ASP A 1 68 ? -1.041  3.430   -6.438  1.00 12.35 ? 176 ASP B OD2  1 
ATOM   1009 H  H    . ASP A 1 68 ? 0.161   1.138   -4.433  1.00 13.30 ? 176 ASP B H    1 
ATOM   1010 H  HA   . ASP A 1 68 ? 2.338   1.733   -5.885  1.00 14.11 ? 176 ASP B HA   1 
ATOM   1011 H  HB2  . ASP A 1 68 ? 0.519   3.495   -4.598  1.00 15.13 ? 176 ASP B HB2  1 
ATOM   1012 H  HB3  . ASP A 1 68 ? 1.733   3.991   -5.495  1.00 15.13 ? 176 ASP B HB3  1 
ATOM   1013 N  N    . CYS A 1 69 ? 2.762   1.269   -2.937  1.00 10.31 ? 177 CYS B N    1 
ATOM   1014 C  CA   . CYS A 1 69 ? 3.703   1.399   -1.832  1.00 10.25 ? 177 CYS B CA   1 
ATOM   1015 C  C    . CYS A 1 69 ? 5.129   1.389   -2.377  1.00 10.68 ? 177 CYS B C    1 
ATOM   1016 O  O    . CYS A 1 69 ? 5.472   0.554   -3.211  1.00 11.48 ? 177 CYS B O    1 
ATOM   1017 C  CB   . CYS A 1 69 ? 3.501   0.248   -0.847  1.00 10.05 ? 177 CYS B CB   1 
ATOM   1018 S  SG   . CYS A 1 69 ? 4.432   0.468   0.706   1.00 9.87  ? 177 CYS B SG   1 
ATOM   1019 H  H    . CYS A 1 69 ? 2.231   0.595   -2.882  1.00 12.38 ? 177 CYS B H    1 
ATOM   1020 H  HA   . CYS A 1 69 ? 3.555   2.234   -1.359  1.00 12.30 ? 177 CYS B HA   1 
ATOM   1021 H  HB2  . CYS A 1 69 ? 2.559   0.186   -0.625  1.00 12.06 ? 177 CYS B HB2  1 
ATOM   1022 H  HB3  . CYS A 1 69 ? 3.799   -0.576  -1.261  1.00 12.06 ? 177 CYS B HB3  1 
ATOM   1023 N  N    . GLY A 1 70 ? 5.955   2.339   -1.945  1.00 11.86 ? 178 GLY B N    1 
ATOM   1024 C  CA   . GLY A 1 70 ? 7.320   2.405   -2.424  1.00 12.59 ? 178 GLY B CA   1 
ATOM   1025 C  C    . GLY A 1 70 ? 7.502   3.204   -3.689  1.00 16.30 ? 178 GLY B C    1 
ATOM   1026 O  O    . GLY A 1 70 ? 8.644   3.340   -4.159  1.00 20.95 ? 178 GLY B O    1 
ATOM   1027 H  H    . GLY A 1 70 ? 5.743   2.950   -1.379  1.00 14.24 ? 178 GLY B H    1 
ATOM   1028 H  HA2  . GLY A 1 70 ? 7.873   2.808   -1.736  1.00 15.12 ? 178 GLY B HA2  1 
ATOM   1029 H  HA3  . GLY A 1 70 ? 7.636   1.504   -2.594  1.00 15.12 ? 178 GLY B HA3  1 
ATOM   1030 N  N    . ASP A 1 71 ? 6.423   3.743   -4.249  1.00 15.61 ? 179 ASP B N    1 
ATOM   1031 C  CA   . ASP A 1 71 ? 6.478   4.635   -5.404  1.00 16.79 ? 179 ASP B CA   1 
ATOM   1032 C  C    . ASP A 1 71 ? 6.302   6.049   -4.863  1.00 18.58 ? 179 ASP B C    1 
ATOM   1033 O  O    . ASP A 1 71 ? 5.184   6.481   -4.578  1.00 19.61 ? 179 ASP B O    1 
ATOM   1034 C  CB   . ASP A 1 71 ? 5.370   4.272   -6.385  1.00 16.71 ? 179 ASP B CB   1 
ATOM   1035 C  CG   . ASP A 1 71 ? 5.366   5.152   -7.619  1.00 18.51 ? 179 ASP B CG   1 
ATOM   1036 O  OD1  . ASP A 1 71 ? 6.098   6.166   -7.645  1.00 21.18 ? 179 ASP B OD1  1 
ATOM   1037 O  OD2  . ASP A 1 71 ? 4.630   4.814   -8.569  1.00 18.61 ? 179 ASP B OD2  1 
ATOM   1038 H  H    . ASP A 1 71 ? 5.623   3.599   -3.969  1.00 18.73 ? 179 ASP B H    1 
ATOM   1039 H  HA   . ASP A 1 71 ? 7.332   4.570   -5.858  1.00 20.16 ? 179 ASP B HA   1 
ATOM   1040 H  HB2  . ASP A 1 71 ? 5.492   3.354   -6.673  1.00 20.06 ? 179 ASP B HB2  1 
ATOM   1041 H  HB3  . ASP A 1 71 ? 4.512   4.370   -5.944  1.00 20.06 ? 179 ASP B HB3  1 
ATOM   1042 N  N    . GLU A 1 72 ? 7.411   6.776   -4.715  1.00 22.76 ? 180 GLU B N    1 
ATOM   1043 C  CA   . GLU A 1 72 ? 7.352   8.083   -4.069  1.00 25.38 ? 180 GLU B CA   1 
ATOM   1044 C  C    . GLU A 1 72 ? 6.554   9.103   -4.871  1.00 23.48 ? 180 GLU B C    1 
ATOM   1045 O  O    . GLU A 1 72 ? 6.120   10.110  -4.303  1.00 27.60 ? 180 GLU B O    1 
ATOM   1046 C  CB   . GLU A 1 72 ? 8.769   8.579   -3.776  1.00 27.16 ? 180 GLU B CB   1 
ATOM   1047 C  CG   . GLU A 1 72 ? 9.495   7.730   -2.735  1.00 33.41 ? 180 GLU B CG   1 
ATOM   1048 C  CD   . GLU A 1 72 ? 10.934  8.155   -2.511  1.00 49.45 ? 180 GLU B CD   1 
ATOM   1049 O  OE1  . GLU A 1 72 ? 11.235  9.357   -2.666  1.00 53.21 ? 180 GLU B OE1  1 
ATOM   1050 O  OE2  . GLU A 1 72 ? 11.763  7.283   -2.173  1.00 48.55 ? 180 GLU B OE2  1 
ATOM   1051 H  H    . GLU A 1 72 ? 8.196   6.539   -4.976  1.00 27.32 ? 180 GLU B H    1 
ATOM   1052 H  HA   . GLU A 1 72 ? 6.900   7.997   -3.214  1.00 30.47 ? 180 GLU B HA   1 
ATOM   1053 H  HB2  . GLU A 1 72 ? 9.287   8.553   -4.596  1.00 32.60 ? 180 GLU B HB2  1 
ATOM   1054 H  HB3  . GLU A 1 72 ? 8.723   9.487   -3.443  1.00 32.60 ? 180 GLU B HB3  1 
ATOM   1055 H  HG2  . GLU A 1 72 ? 9.026   7.805   -1.888  1.00 40.09 ? 180 GLU B HG2  1 
ATOM   1056 H  HG3  . GLU A 1 72 ? 9.500   6.806   -3.031  1.00 40.09 ? 180 GLU B HG3  1 
ATOM   1057 N  N    . GLU A 1 73 ? 6.325   8.858   -6.164  1.00 23.08 ? 181 GLU B N    1 
ATOM   1058 C  CA   . GLU A 1 73 ? 5.502   9.763   -6.958  1.00 24.63 ? 181 GLU B CA   1 
ATOM   1059 C  C    . GLU A 1 73 ? 4.039   9.724   -6.543  1.00 22.73 ? 181 GLU B C    1 
ATOM   1060 O  O    . GLU A 1 73 ? 3.266   10.605  -6.938  1.00 21.84 ? 181 GLU B O    1 
ATOM   1061 C  CB   . GLU A 1 73 ? 5.569   9.381   -8.436  1.00 27.19 ? 181 GLU B CB   1 
ATOM   1062 C  CG   . GLU A 1 73 ? 6.959   9.390   -9.030  1.00 33.77 ? 181 GLU B CG   1 
ATOM   1063 C  CD   . GLU A 1 73 ? 6.944   9.361   -10.546 1.00 42.70 ? 181 GLU B CD   1 
ATOM   1064 O  OE1  . GLU A 1 73 ? 7.623   10.209  -11.159 1.00 49.55 ? 181 GLU B OE1  1 
ATOM   1065 O  OE2  . GLU A 1 73 ? 6.257   8.490   -11.124 1.00 43.34 ? 181 GLU B OE2  1 
ATOM   1066 H  H    . GLU A 1 73 ? 6.632   8.181   -6.600  1.00 27.70 ? 181 GLU B H    1 
ATOM   1067 H  HA   . GLU A 1 73 ? 5.851   10.660  -6.838  1.00 29.57 ? 181 GLU B HA   1 
ATOM   1068 H  HB2  . GLU A 1 73 ? 5.213   8.484   -8.539  1.00 32.64 ? 181 GLU B HB2  1 
ATOM   1069 H  HB3  . GLU A 1 73 ? 5.032   10.011  -8.942  1.00 32.64 ? 181 GLU B HB3  1 
ATOM   1070 H  HG2  . GLU A 1 73 ? 7.418   10.197  -8.748  1.00 40.53 ? 181 GLU B HG2  1 
ATOM   1071 H  HG3  . GLU A 1 73 ? 7.442   8.608   -8.719  1.00 40.53 ? 181 GLU B HG3  1 
ATOM   1072 N  N    . ALA A 1 74 ? 3.634   8.713   -5.782  1.00 20.66 ? 182 ALA B N    1 
ATOM   1073 C  CA   . ALA A 1 74 ? 2.231   8.494   -5.479  1.00 17.48 ? 182 ALA B CA   1 
ATOM   1074 C  C    . ALA A 1 74 ? 1.810   9.072   -4.138  1.00 16.37 ? 182 ALA B C    1 
ATOM   1075 O  O    . ALA A 1 74 ? 0.610   9.089   -3.856  1.00 15.58 ? 182 ALA B O    1 
ATOM   1076 C  CB   . ALA A 1 74 ? 1.916   6.992   -5.512  1.00 17.50 ? 182 ALA B CB   1 
ATOM   1077 H  H    . ALA A 1 74 ? 4.162   8.133   -5.427  1.00 24.80 ? 182 ALA B H    1 
ATOM   1078 H  HA   . ALA A 1 74 ? 1.695   8.927   -6.161  1.00 20.98 ? 182 ALA B HA   1 
ATOM   1079 H  HB1  . ALA A 1 74 ? 0.988   6.858   -5.266  1.00 21.00 ? 182 ALA B HB1  1 
ATOM   1080 H  HB2  . ALA A 1 74 ? 2.071   6.656   -6.409  1.00 21.00 ? 182 ALA B HB2  1 
ATOM   1081 H  HB3  . ALA A 1 74 ? 2.494   6.534   -4.884  1.00 21.00 ? 182 ALA B HB3  1 
ATOM   1082 N  N    . TRP A 1 75 ? 2.743   9.565   -3.324  1.00 15.68 ? 183 TRP B N    1 
ATOM   1083 C  CA   . TRP A 1 75 ? 2.467   9.891   -1.932  1.00 15.23 ? 183 TRP B CA   1 
ATOM   1084 C  C    . TRP A 1 75 ? 3.049   11.246  -1.565  1.00 15.67 ? 183 TRP B C    1 
ATOM   1085 O  O    . TRP A 1 75 ? 4.109   11.648  -2.057  1.00 18.17 ? 183 TRP B O    1 
ATOM   1086 C  CB   . TRP A 1 75 ? 3.017   8.793   -0.990  1.00 14.47 ? 183 TRP B CB   1 
ATOM   1087 C  CG   . TRP A 1 75 ? 2.525   7.440   -1.424  1.00 12.94 ? 183 TRP B CG   1 
ATOM   1088 C  CD1  . TRP A 1 75 ? 3.250   6.448   -2.013  1.00 14.00 ? 183 TRP B CD1  1 
ATOM   1089 C  CD2  . TRP A 1 75 ? 1.177   6.964   -1.351  1.00 11.68 ? 183 TRP B CD2  1 
ATOM   1090 N  NE1  . TRP A 1 75 ? 2.435   5.369   -2.290  1.00 12.77 ? 183 TRP B NE1  1 
ATOM   1091 C  CE2  . TRP A 1 75 ? 1.156   5.667   -1.898  1.00 11.09 ? 183 TRP B CE2  1 
ATOM   1092 C  CE3  . TRP A 1 75 ? -0.010  7.505   -0.859  1.00 12.44 ? 183 TRP B CE3  1 
ATOM   1093 C  CZ2  . TRP A 1 75 ? -0.011  4.914   -1.978  1.00 12.34 ? 183 TRP B CZ2  1 
ATOM   1094 C  CZ3  . TRP A 1 75 ? -1.162  6.764   -0.943  1.00 12.02 ? 183 TRP B CZ3  1 
ATOM   1095 C  CH2  . TRP A 1 75 ? -1.155  5.483   -1.496  1.00 11.72 ? 183 TRP B CH2  1 
ATOM   1096 H  H    . TRP A 1 75 ? 3.555   9.719   -3.562  1.00 18.82 ? 183 TRP B H    1 
ATOM   1097 H  HA   . TRP A 1 75 ? 1.508   9.960   -1.803  1.00 18.28 ? 183 TRP B HA   1 
ATOM   1098 H  HB2  . TRP A 1 75 ? 3.987   8.796   -1.019  1.00 17.37 ? 183 TRP B HB2  1 
ATOM   1099 H  HB3  . TRP A 1 75 ? 2.712   8.958   -0.084  1.00 17.37 ? 183 TRP B HB3  1 
ATOM   1100 H  HD1  . TRP A 1 75 ? 4.160   6.492   -2.200  1.00 16.81 ? 183 TRP B HD1  1 
ATOM   1101 H  HE1  . TRP A 1 75 ? 2.689   4.630   -2.651  1.00 15.34 ? 183 TRP B HE1  1 
ATOM   1102 H  HE3  . TRP A 1 75 ? -0.022  8.355   -0.480  1.00 14.93 ? 183 TRP B HE3  1 
ATOM   1103 H  HZ2  . TRP A 1 75 ? -0.011  4.059   -2.344  1.00 14.82 ? 183 TRP B HZ2  1 
ATOM   1104 H  HZ3  . TRP A 1 75 ? -1.960  7.121   -0.627  1.00 14.43 ? 183 TRP B HZ3  1 
ATOM   1105 H  HH2  . TRP A 1 75 ? -1.950  5.003   -1.537  1.00 14.07 ? 183 TRP B HH2  1 
ATOM   1106 N  N    . ASN A 1 76 ? 2.352   11.930  -0.660  1.00 15.40 ? 184 ASN B N    1 
ATOM   1107 C  CA   . ASN A 1 76 ? 2.720   13.273  -0.230  1.00 16.61 ? 184 ASN B CA   1 
ATOM   1108 C  C    . ASN A 1 76 ? 3.629   13.285  0.993   1.00 17.52 ? 184 ASN B C    1 
ATOM   1109 O  O    . ASN A 1 76 ? 4.170   14.346  1.333   1.00 19.89 ? 184 ASN B O    1 
ATOM   1110 C  CB   . ASN A 1 76 ? 1.456   14.072  0.120   1.00 16.95 ? 184 ASN B CB   1 
ATOM   1111 C  CG   . ASN A 1 76 ? 0.630   14.434  -1.096  1.00 17.79 ? 184 ASN B CG   1 
ATOM   1112 O  OD1  . ASN A 1 76 ? 1.170   14.807  -2.141  1.00 20.80 ? 184 ASN B OD1  1 
ATOM   1113 N  ND2  . ASN A 1 76 ? -0.687  14.353  -0.961  1.00 16.88 ? 184 ASN B ND2  1 
ATOM   1114 H  H    . ASN A 1 76 ? 1.646   11.628  -0.273  1.00 18.48 ? 184 ASN B H    1 
ATOM   1115 H  HA   . ASN A 1 76 ? 3.182   13.708  -0.964  1.00 19.93 ? 184 ASN B HA   1 
ATOM   1116 H  HB2  . ASN A 1 76 ? 0.900   13.541  0.711   1.00 20.34 ? 184 ASN B HB2  1 
ATOM   1117 H  HB3  . ASN A 1 76 ? 1.716   14.896  0.561   1.00 20.34 ? 184 ASN B HB3  1 
ATOM   1118 H  HD21 . ASN A 1 76 ? -1.200  14.548  -1.623  1.00 20.27 ? 184 ASN B HD21 1 
ATOM   1119 H  HD22 . ASN A 1 76 ? -1.028  14.105  -0.212  1.00 20.27 ? 184 ASN B HD22 1 
ATOM   1120 N  N    . SER A 1 77 ? 3.792   12.151  1.660   1.00 16.10 ? 185 SER B N    1 
ATOM   1121 C  CA   . SER A 1 77 ? 4.596   12.003  2.862   1.00 17.98 ? 185 SER B CA   1 
ATOM   1122 C  C    . SER A 1 77 ? 5.310   10.667  2.759   1.00 16.27 ? 185 SER B C    1 
ATOM   1123 O  O    . SER A 1 77 ? 4.848   9.768   2.046   1.00 15.40 ? 185 SER B O    1 
ATOM   1124 C  CB   . SER A 1 77 ? 3.729   11.928  4.131   1.00 20.59 ? 185 SER B CB   1 
ATOM   1125 O  OG   . SER A 1 77 ? 2.611   12.787  4.065   1.00 33.48 ? 185 SER B OG   1 
ATOM   1126 H  H    . SER A 1 77 ? 3.423   11.411  1.420   1.00 19.33 ? 185 SER B H    1 
ATOM   1127 H  HA   . SER A 1 77 ? 5.215   12.747  2.927   1.00 21.58 ? 185 SER B HA   1 
ATOM   1128 H  HB2  . SER A 1 77 ? 3.415   11.016  4.238   1.00 24.72 ? 185 SER B HB2  1 
ATOM   1129 H  HB3  . SER A 1 77 ? 4.272   12.183  4.893   1.00 24.72 ? 185 SER B HB3  1 
ATOM   1130 H  HG   . SER A 1 77 ? 2.428   12.961  3.265   1.00 40.18 ? 185 SER B HG   1 
ATOM   1131 N  N    . PRO A 1 78 ? 6.394   10.476  3.510   1.00 15.65 ? 186 PRO B N    1 
ATOM   1132 C  CA   . PRO A 1 78 ? 6.981   9.135   3.585   1.00 13.45 ? 186 PRO B CA   1 
ATOM   1133 C  C    . PRO A 1 78 ? 6.008   8.151   4.209   1.00 12.17 ? 186 PRO B C    1 
ATOM   1134 O  O    . PRO A 1 78 ? 5.345   8.448   5.204   1.00 14.34 ? 186 PRO B O    1 
ATOM   1135 C  CB   . PRO A 1 78 ? 8.215   9.328   4.475   1.00 15.58 ? 186 PRO B CB   1 
ATOM   1136 C  CG   . PRO A 1 78 ? 8.545   10.774  4.378   1.00 18.16 ? 186 PRO B CG   1 
ATOM   1137 C  CD   . PRO A 1 78 ? 7.215   11.475  4.219   1.00 18.02 ? 186 PRO B CD   1 
ATOM   1138 H  HA   . PRO A 1 78 ? 7.253   8.831   2.705   1.00 16.15 ? 186 PRO B HA   1 
ATOM   1139 H  HB2  . PRO A 1 78 ? 8.004   9.081   5.389   1.00 18.70 ? 186 PRO B HB2  1 
ATOM   1140 H  HB3  . PRO A 1 78 ? 8.947   8.782   4.144   1.00 18.70 ? 186 PRO B HB3  1 
ATOM   1141 H  HG2  . PRO A 1 78 ? 8.994   11.064  5.187   1.00 21.80 ? 186 PRO B HG2  1 
ATOM   1142 H  HG3  . PRO A 1 78 ? 9.113   10.932  3.608   1.00 21.80 ? 186 PRO B HG3  1 
ATOM   1143 H  HD2  . PRO A 1 78 ? 6.830   11.689  5.083   1.00 21.63 ? 186 PRO B HD2  1 
ATOM   1144 H  HD3  . PRO A 1 78 ? 7.311   12.282  3.689   1.00 21.63 ? 186 PRO B HD3  1 
ATOM   1145 N  N    . LEU A 1 79 ? 5.930   6.969   3.613   1.00 12.88 ? 187 LEU B N    1 
ATOM   1146 C  CA   . LEU A 1 79 ? 5.217   5.848   4.204   1.00 11.26 ? 187 LEU B CA   1 
ATOM   1147 C  C    . LEU A 1 79 ? 6.217   4.890   4.835   1.00 11.51 ? 187 LEU B C    1 
ATOM   1148 O  O    . LEU A 1 79 ? 7.414   4.913   4.525   1.00 13.39 ? 187 LEU B O    1 
ATOM   1149 C  CB   . LEU A 1 79 ? 4.410   5.098   3.145   1.00 12.07 ? 187 LEU B CB   1 
ATOM   1150 C  CG   . LEU A 1 79 ? 3.371   5.955   2.422   1.00 12.86 ? 187 LEU B CG   1 
ATOM   1151 C  CD1  . LEU A 1 79 ? 2.593   5.079   1.448   1.00 14.80 ? 187 LEU B CD1  1 
ATOM   1152 C  CD2  . LEU A 1 79 ? 2.436   6.657   3.394   1.00 13.60 ? 187 LEU B CD2  1 
ATOM   1153 H  H    . LEU A 1 79 ? 6.290   6.790   2.853   1.00 15.46 ? 187 LEU B H    1 
ATOM   1154 H  HA   . LEU A 1 79 ? 4.603   6.173   4.880   1.00 13.52 ? 187 LEU B HA   1 
ATOM   1155 H  HB2  . LEU A 1 79 ? 5.022   4.752   2.477   1.00 14.49 ? 187 LEU B HB2  1 
ATOM   1156 H  HB3  . LEU A 1 79 ? 3.940   4.367   3.575   1.00 14.49 ? 187 LEU B HB3  1 
ATOM   1157 H  HG   . LEU A 1 79 ? 3.825   6.656   1.929   1.00 15.44 ? 187 LEU B HG   1 
ATOM   1158 H  HD11 . LEU A 1 79 ? 1.922   5.620   1.003   1.00 17.77 ? 187 LEU B HD11 1 
ATOM   1159 H  HD12 . LEU A 1 79 ? 3.208   4.710   0.795   1.00 17.77 ? 187 LEU B HD12 1 
ATOM   1160 H  HD13 . LEU A 1 79 ? 2.165   4.361   1.941   1.00 17.77 ? 187 LEU B HD13 1 
ATOM   1161 H  HD21 . LEU A 1 79 ? 1.699   7.047   2.897   1.00 16.33 ? 187 LEU B HD21 1 
ATOM   1162 H  HD22 . LEU A 1 79 ? 2.098   6.009   4.032   1.00 16.33 ? 187 LEU B HD22 1 
ATOM   1163 H  HD23 . LEU A 1 79 ? 2.927   7.354   3.857   1.00 16.33 ? 187 LEU B HD23 1 
ATOM   1164 N  N    . HIS A 1 80 ? 5.716   4.043   5.732   1.00 11.05 ? 188 HIS B N    1 
ATOM   1165 C  CA   . HIS A 1 80 ? 6.532   3.049   6.431   1.00 11.68 ? 188 HIS B CA   1 
ATOM   1166 C  C    . HIS A 1 80 ? 5.815   1.725   6.243   1.00 11.27 ? 188 HIS B C    1 
ATOM   1167 O  O    . HIS A 1 80 ? 4.889   1.393   6.986   1.00 11.44 ? 188 HIS B O    1 
ATOM   1168 C  CB   . HIS A 1 80 ? 6.705   3.452   7.873   1.00 12.32 ? 188 HIS B CB   1 
ATOM   1169 C  CG   . HIS A 1 80 ? 7.267   4.827   8.014   1.00 13.00 ? 188 HIS B CG   1 
ATOM   1170 N  ND1  . HIS A 1 80 ? 6.476   5.952   7.937   1.00 13.40 ? 188 HIS B ND1  1 
ATOM   1171 C  CD2  . HIS A 1 80 ? 8.541   5.272   8.157   1.00 14.98 ? 188 HIS B CD2  1 
ATOM   1172 C  CE1  . HIS A 1 80 ? 7.231   7.028   8.053   1.00 14.45 ? 188 HIS B CE1  1 
ATOM   1173 N  NE2  . HIS A 1 80 ? 8.488   6.644   8.188   1.00 16.21 ? 188 HIS B NE2  1 
ATOM   1174 H  H    . HIS A 1 80 ? 4.886   4.026   5.957   1.00 13.26 ? 188 HIS B H    1 
ATOM   1175 H  HA   . HIS A 1 80 ? 7.419   2.966   6.046   1.00 14.02 ? 188 HIS B HA   1 
ATOM   1176 H  HB2  . HIS A 1 80 ? 5.841   3.432   8.314   1.00 14.79 ? 188 HIS B HB2  1 
ATOM   1177 H  HB3  . HIS A 1 80 ? 7.313   2.832   8.305   1.00 14.79 ? 188 HIS B HB3  1 
ATOM   1178 H  HD1  . HIS A 1 80 ? 5.623   5.952   7.830   1.00 16.09 ? 188 HIS B HD1  1 
ATOM   1179 H  HD2  . HIS A 1 80 ? 9.306   4.746   8.222   1.00 17.98 ? 188 HIS B HD2  1 
ATOM   1180 H  HE1  . HIS A 1 80 ? 6.930   7.908   8.042   1.00 17.34 ? 188 HIS B HE1  1 
ATOM   1181 N  N    . CYS A 1 81 ? 6.234   0.985   5.221   1.00 10.41 ? 189 CYS B N    1 
ATOM   1182 C  CA   . CYS A 1 81 ? 5.518   -0.210  4.806   1.00 9.86  ? 189 CYS B CA   1 
ATOM   1183 C  C    . CYS A 1 81 ? 5.299   -1.152  5.983   1.00 9.96  ? 189 CYS B C    1 
ATOM   1184 O  O    . CYS A 1 81 ? 6.239   -1.492  6.709   1.00 10.72 ? 189 CYS B O    1 
ATOM   1185 C  CB   . CYS A 1 81 ? 6.309   -0.922  3.710   1.00 10.15 ? 189 CYS B CB   1 
ATOM   1186 S  SG   . CYS A 1 81 ? 5.503   -2.429  3.127   1.00 10.01 ? 189 CYS B SG   1 
ATOM   1187 H  H    . CYS A 1 81 ? 6.933   1.155   4.750   1.00 12.49 ? 189 CYS B H    1 
ATOM   1188 H  HA   . CYS A 1 81 ? 4.649   0.041   4.457   1.00 11.84 ? 189 CYS B HA   1 
ATOM   1189 H  HB2  . CYS A 1 81 ? 6.408   -0.322  2.954   1.00 12.19 ? 189 CYS B HB2  1 
ATOM   1190 H  HB3  . CYS A 1 81 ? 7.181   -1.164  4.059   1.00 12.19 ? 189 CYS B HB3  1 
ATOM   1191 N  N    . LYS A 1 82 ? 4.056   -1.610  6.142   1.00 9.85  ? 190 LYS B N    1 
ATOM   1192 C  CA   . LYS A 1 82 ? 3.762   -2.521  7.241   1.00 10.59 ? 190 LYS B CA   1 
ATOM   1193 C  C    . LYS A 1 82 ? 4.586   -3.797  7.139   1.00 10.31 ? 190 LYS B C    1 
ATOM   1194 O  O    . LYS A 1 82 ? 4.980   -4.372  8.162   1.00 11.85 ? 190 LYS B O    1 
ATOM   1195 C  CB   . LYS A 1 82 ? 2.274   -2.845  7.265   1.00 10.18 ? 190 LYS B CB   1 
ATOM   1196 C  CG   . LYS A 1 82 ? 1.861   -3.614  8.514   1.00 13.53 ? 190 LYS B CG   1 
ATOM   1197 C  CD   . LYS A 1 82 ? 0.375   -3.869  8.553   1.00 13.41 ? 190 LYS B CD   1 
ATOM   1198 C  CE   . LYS A 1 82 ? 0.003   -4.912  7.520   1.00 15.62 ? 190 LYS B CE   1 
ATOM   1199 N  NZ   . LYS A 1 82 ? -1.386  -5.389  7.736   1.00 16.39 ? 190 LYS B NZ   1 
ATOM   1200 H  H    . LYS A 1 82 ? 3.385   -1.415  5.643   1.00 11.82 ? 190 LYS B H    1 
ATOM   1201 H  HA   . LYS A 1 82 ? 3.986   -2.088  8.079   1.00 12.71 ? 190 LYS B HA   1 
ATOM   1202 H  HB2  . LYS A 1 82 ? 1.770   -2.016  7.242   1.00 12.23 ? 190 LYS B HB2  1 
ATOM   1203 H  HB3  . LYS A 1 82 ? 2.055   -3.388  6.493   1.00 12.23 ? 190 LYS B HB3  1 
ATOM   1204 H  HG2  . LYS A 1 82 ? 2.317   -4.469  8.528   1.00 16.24 ? 190 LYS B HG2  1 
ATOM   1205 H  HG3  . LYS A 1 82 ? 2.101   -3.098  9.301   1.00 16.24 ? 190 LYS B HG3  1 
ATOM   1206 H  HD2  . LYS A 1 82 ? 0.123   -4.196  9.430   1.00 16.10 ? 190 LYS B HD2  1 
ATOM   1207 H  HD3  . LYS A 1 82 ? -0.103  -3.049  8.353   1.00 16.10 ? 190 LYS B HD3  1 
ATOM   1208 H  HE2  . LYS A 1 82 ? 0.062   -4.525  6.632   1.00 18.76 ? 190 LYS B HE2  1 
ATOM   1209 H  HE3  . LYS A 1 82 ? 0.605   -5.670  7.592   1.00 18.76 ? 190 LYS B HE3  1 
ATOM   1210 H  HZ1  . LYS A 1 82 ? -1.579  -6.036  7.156   1.00 19.67 ? 190 LYS B HZ1  1 
ATOM   1211 H  HZ2  . LYS A 1 82 ? -1.473  -5.706  8.563   1.00 19.67 ? 190 LYS B HZ2  1 
ATOM   1212 H  HZ3  . LYS A 1 82 ? -1.959  -4.718  7.621   1.00 19.67 ? 190 LYS B HZ3  1 
ATOM   1213 N  N    . ALA A 1 83 ? 4.867   -4.253  5.919   1.00 10.15 ? 191 ALA B N    1 
ATOM   1214 C  CA   . ALA A 1 83 ? 5.603   -5.498  5.725   1.00 10.86 ? 191 ALA B CA   1 
ATOM   1215 C  C    . ALA A 1 83 ? 7.072   -5.388  6.100   1.00 11.56 ? 191 ALA B C    1 
ATOM   1216 O  O    . ALA A 1 83 ? 7.745   -6.419  6.202   1.00 14.00 ? 191 ALA B O    1 
ATOM   1217 C  CB   . ALA A 1 83 ? 5.478   -5.958  4.276   1.00 12.15 ? 191 ALA B CB   1 
ATOM   1218 H  H    . ALA A 1 83 ? 4.642   -3.860  5.189   1.00 12.18 ? 191 ALA B H    1 
ATOM   1219 H  HA   . ALA A 1 83 ? 5.205   -6.177  6.291   1.00 13.03 ? 191 ALA B HA   1 
ATOM   1220 H  HB1  . ALA A 1 83 ? 5.965   -6.790  4.166   1.00 14.59 ? 191 ALA B HB1  1 
ATOM   1221 H  HB2  . ALA A 1 83 ? 4.541   -6.095  4.067   1.00 14.59 ? 191 ALA B HB2  1 
ATOM   1222 H  HB3  . ALA A 1 83 ? 5.851   -5.277  3.694   1.00 14.59 ? 191 ALA B HB3  1 
ATOM   1223 N  N    . GLU A 1 84 ? 7.586   -4.179  6.289   1.00 12.27 ? 192 GLU B N    1 
ATOM   1224 C  CA   . GLU A 1 84 ? 8.950   -3.996  6.756   1.00 14.72 ? 192 GLU B CA   1 
ATOM   1225 C  C    . GLU A 1 84 ? 9.042   -4.072  8.270   1.00 18.55 ? 192 GLU B C    1 
ATOM   1226 O  O    . GLU A 1 84 ? 10.134  -4.300  8.800   1.00 20.87 ? 192 GLU B O    1 
ATOM   1227 C  CB   . GLU A 1 84 ? 9.454   -2.625  6.307   1.00 18.36 ? 192 GLU B CB   1 
ATOM   1228 C  CG   . GLU A 1 84 ? 10.887  -2.589  5.833   1.00 22.49 ? 192 GLU B CG   1 
ATOM   1229 C  CD   . GLU A 1 84 ? 11.274  -1.240  5.263   1.00 25.53 ? 192 GLU B CD   1 
ATOM   1230 O  OE1  . GLU A 1 84 ? 11.632  -0.348  6.062   1.00 30.45 ? 192 GLU B OE1  1 
ATOM   1231 O  OE2  . GLU A 1 84 ? 11.224  -1.071  4.021   1.00 23.05 ? 192 GLU B OE2  1 
ATOM   1232 H  H    . GLU A 1 84 ? 7.163   -3.443  6.152   1.00 14.73 ? 192 GLU B H    1 
ATOM   1233 H  HA   . GLU A 1 84 ? 9.518   -4.683  6.373   1.00 17.66 ? 192 GLU B HA   1 
ATOM   1234 H  HB2  . GLU A 1 84 ? 8.898   -2.320  5.572   1.00 22.04 ? 192 GLU B HB2  1 
ATOM   1235 H  HB3  . GLU A 1 84 ? 9.381   -2.011  7.055   1.00 22.04 ? 192 GLU B HB3  1 
ATOM   1236 H  HG2  . GLU A 1 84 ? 11.474  -2.779  6.582   1.00 27.00 ? 192 GLU B HG2  1 
ATOM   1237 H  HG3  . GLU A 1 84 ? 11.008  -3.256  5.139   1.00 27.00 ? 192 GLU B HG3  1 
ATOM   1238 N  N    . GLU A 1 85 ? 7.928   -3.884  8.976   1.00 19.94 ? 193 GLU B N    1 
ATOM   1239 C  CA   . GLU A 1 85 ? 7.945   -3.920  10.431  1.00 23.02 ? 193 GLU B CA   1 
ATOM   1240 C  C    . GLU A 1 85 ? 8.242   -5.331  10.921  1.00 27.08 ? 193 GLU B C    1 
ATOM   1241 O  O    . GLU A 1 85 ? 7.635   -6.302  10.459  1.00 27.54 ? 193 GLU B O    1 
ATOM   1242 C  CB   . GLU A 1 85 ? 6.591   -3.479  10.975  1.00 25.13 ? 193 GLU B CB   1 
ATOM   1243 C  CG   . GLU A 1 85 ? 6.265   -2.033  10.707  1.00 22.15 ? 193 GLU B CG   1 
ATOM   1244 C  CD   . GLU A 1 85 ? 5.065   -1.554  11.504  1.00 23.12 ? 193 GLU B CD   1 
ATOM   1245 O  OE1  . GLU A 1 85 ? 4.138   -2.362  11.732  1.00 22.11 ? 193 GLU B OE1  1 
ATOM   1246 O  OE2  . GLU A 1 85 ? 5.051   -0.370  11.899  1.00 23.78 ? 193 GLU B OE2  1 
ATOM   1247 H  H    . GLU A 1 85 ? 7.153   -3.734  8.636   1.00 23.94 ? 193 GLU B H    1 
ATOM   1248 H  HA   . GLU A 1 85 ? 8.635   -3.322  10.756  1.00 27.63 ? 193 GLU B HA   1 
ATOM   1249 H  HB2  . GLU A 1 85 ? 5.899   -4.019  10.564  1.00 30.16 ? 193 GLU B HB2  1 
ATOM   1250 H  HB3  . GLU A 1 85 ? 6.585   -3.609  11.937  1.00 30.16 ? 193 GLU B HB3  1 
ATOM   1251 H  HG2  . GLU A 1 85 ? 7.027   -1.486  10.950  1.00 26.59 ? 193 GLU B HG2  1 
ATOM   1252 H  HG3  . GLU A 1 85 ? 6.064   -1.923  9.765   1.00 26.59 ? 193 GLU B HG3  1 
ATOM   1253 N  N    . GLN A 1 86 ? 9.165   -5.440  11.871  1.00 31.83 ? 194 GLN B N    1 
ATOM   1254 C  CA   . GLN A 1 86 ? 9.507   -6.728  12.459  1.00 37.87 ? 194 GLN B CA   1 
ATOM   1255 C  C    . GLN A 1 86 ? 8.981   -6.807  13.888  1.00 39.47 ? 194 GLN B C    1 
ATOM   1256 O  O    . GLN A 1 86 ? 9.206   -7.789  14.596  1.00 40.64 ? 194 GLN B O    1 
ATOM   1257 C  CB   . GLN A 1 86 ? 11.021  -6.937  12.442  1.00 40.16 ? 194 GLN B CB   1 
ATOM   1258 C  CG   . GLN A 1 86 ? 11.608  -7.023  11.041  1.00 36.26 ? 194 GLN B CG   1 
ATOM   1259 C  CD   . GLN A 1 86 ? 13.123  -7.098  11.044  1.00 40.99 ? 194 GLN B CD   1 
ATOM   1260 O  OE1  . GLN A 1 86 ? 13.745  -7.346  12.080  1.00 40.62 ? 194 GLN B OE1  1 
ATOM   1261 N  NE2  . GLN A 1 86 ? 13.729  -6.866  9.886   1.00 38.75 ? 194 GLN B NE2  1 
ATOM   1262 O  OXT  . GLN A 1 86 ? 8.320   -5.886  14.369  1.00 40.73 ? 194 GLN B OXT  1 
ATOM   1263 H  H    . GLN A 1 86 ? 9.610   -4.777  12.194  1.00 38.20 ? 194 GLN B H    1 
ATOM   1264 H  HA   . GLN A 1 86 ? 9.104   -7.442  11.942  1.00 45.45 ? 194 GLN B HA   1 
ATOM   1265 H  HB2  . GLN A 1 86 ? 11.443  -6.190  12.896  1.00 48.20 ? 194 GLN B HB2  1 
ATOM   1266 H  HB3  . GLN A 1 86 ? 11.226  -7.765  12.902  1.00 48.20 ? 194 GLN B HB3  1 
ATOM   1267 H  HG2  . GLN A 1 86 ? 11.269  -7.820  10.605  1.00 43.52 ? 194 GLN B HG2  1 
ATOM   1268 H  HG3  . GLN A 1 86 ? 11.348  -6.234  10.540  1.00 43.52 ? 194 GLN B HG3  1 
ATOM   1269 H  HE21 . GLN A 1 86 ? 13.263  -6.684  9.186   1.00 46.51 ? 194 GLN B HE21 1 
ATOM   1270 H  HE22 . GLN A 1 86 ? 14.587  -6.896  9.835   1.00 46.51 ? 194 GLN B HE22 1 
HETATM 1271 ZN ZN   . ZN  B 2 .  ? 1.669   -3.422  -1.475  1.00 10.08 ? 201 ZN  B ZN   1 
HETATM 1272 ZN ZN   . ZN  C 2 .  ? -2.474  9.204   5.099   1.00 11.00 ? 202 ZN  B ZN   1 
HETATM 1273 ZN ZN   . ZN  D 2 .  ? 4.824   -1.781  1.029   1.00 9.71  ? 203 ZN  B ZN   1 
HETATM 1274 O  O    . HOH E 3 .  ? 4.099   9.915   6.453   1.00 9.67  ? 301 HOH B O    1 
HETATM 1275 O  O    . HOH E 3 .  ? -1.031  -0.847  -13.270 1.00 29.81 ? 302 HOH B O    1 
HETATM 1276 O  O    . HOH E 3 .  ? -5.537  11.859  -2.261  1.00 17.95 ? 303 HOH B O    1 
HETATM 1277 O  O    . HOH E 3 .  ? 2.186   -11.396 5.982   1.00 24.11 ? 304 HOH B O    1 
HETATM 1278 O  O    . HOH E 3 .  ? 3.746   -4.944  11.272  1.00 23.79 ? 305 HOH B O    1 
HETATM 1279 O  O    . HOH E 3 .  ? -4.525  -5.761  -0.950  1.00 12.33 ? 306 HOH B O    1 
HETATM 1280 O  O    . HOH E 3 .  ? 9.637   -7.992  7.363   1.00 14.84 ? 307 HOH B O    1 
HETATM 1281 O  O    . HOH E 3 .  ? -0.003  8.913   11.637  1.00 10.99 ? 308 HOH B O    1 
HETATM 1282 O  O    . HOH E 3 .  ? 1.810   9.498   6.181   1.00 16.16 ? 309 HOH B O    1 
HETATM 1283 O  O    . HOH E 3 .  ? 4.016   0.063   -7.714  1.00 15.45 ? 310 HOH B O    1 
HETATM 1284 O  O    . HOH E 3 .  ? 4.730   -6.773  -1.504  1.00 13.80 ? 311 HOH B O    1 
HETATM 1285 O  O    . HOH E 3 .  ? 2.491   -7.042  6.092   1.00 17.24 ? 312 HOH B O    1 
HETATM 1286 O  O    . HOH E 3 .  ? -6.911  6.526   -4.237  1.00 14.34 ? 313 HOH B O    1 
HETATM 1287 O  O    . HOH E 3 .  ? 0.750   -9.113  5.385   1.00 20.54 ? 314 HOH B O    1 
HETATM 1288 O  O    . HOH E 3 .  ? 4.245   8.529   8.413   1.00 14.01 ? 315 HOH B O    1 
HETATM 1289 O  O    . HOH E 3 .  ? 4.317   5.696   10.813  1.00 14.23 ? 316 HOH B O    1 
HETATM 1290 O  O    . HOH E 3 .  ? -14.860 7.563   2.898   1.00 20.33 ? 317 HOH B O    1 
HETATM 1291 O  O    . HOH E 3 .  ? 8.510   -3.372  2.341   1.00 11.81 ? 318 HOH B O    1 
HETATM 1292 O  O    . HOH E 3 .  ? 0.943   3.317   4.966   1.00 10.09 ? 319 HOH B O    1 
HETATM 1293 O  O    . HOH E 3 .  ? -4.599  7.284   -1.457  1.00 12.10 ? 320 HOH B O    1 
HETATM 1294 O  O    . HOH E 3 .  ? 11.867  -6.387  7.830   1.00 23.47 ? 321 HOH B O    1 
HETATM 1295 O  O    . HOH E 3 .  ? 1.638   -1.060  12.065  1.00 15.90 ? 322 HOH B O    1 
HETATM 1296 O  O    . HOH E 3 .  ? 2.451   1.717   3.220   1.00 11.23 ? 323 HOH B O    1 
HETATM 1297 O  O    . HOH E 3 .  ? -9.846  7.580   -10.088 1.00 20.08 ? 324 HOH B O    1 
HETATM 1298 O  O    . HOH E 3 .  ? 12.787  1.138   0.264   1.00 21.58 ? 325 HOH B O    1 
HETATM 1299 O  O    . HOH E 3 .  ? 8.876   -8.942  9.810   1.00 26.31 ? 326 HOH B O    1 
HETATM 1300 O  O    . HOH E 3 .  ? 13.171  -16.884 2.976   1.00 23.31 ? 327 HOH B O    1 
HETATM 1301 O  O    . HOH E 3 .  ? 5.380   -13.661 5.713   1.00 20.94 ? 328 HOH B O    1 
HETATM 1302 O  O    . HOH E 3 .  ? 3.185   -7.127  8.874   1.00 24.87 ? 329 HOH B O    1 
HETATM 1303 O  O    . HOH E 3 .  ? 26.265  -18.503 13.404  1.00 25.42 ? 330 HOH B O    1 
HETATM 1304 O  O    . HOH E 3 .  ? 1.151   -5.332  11.899  1.00 23.55 ? 331 HOH B O    1 
HETATM 1305 O  O    . HOH E 3 .  ? -0.398  -2.821  11.905  1.00 19.13 ? 332 HOH B O    1 
# 
loop_
_pdbx_poly_seq_scheme.asym_id 
_pdbx_poly_seq_scheme.entity_id 
_pdbx_poly_seq_scheme.seq_id 
_pdbx_poly_seq_scheme.mon_id 
_pdbx_poly_seq_scheme.ndb_seq_num 
_pdbx_poly_seq_scheme.pdb_seq_num 
_pdbx_poly_seq_scheme.auth_seq_num 
_pdbx_poly_seq_scheme.pdb_mon_id 
_pdbx_poly_seq_scheme.auth_mon_id 
_pdbx_poly_seq_scheme.pdb_strand_id 
_pdbx_poly_seq_scheme.pdb_ins_code 
_pdbx_poly_seq_scheme.hetero 
A 1 1  ARG 1  109 109 ARG ARG B . n 
A 1 2  LEU 2  110 110 LEU LEU B . n 
A 1 3  GLY 3  111 111 GLY GLY B . n 
A 1 4  SER 4  112 112 SER SER B . n 
A 1 5  GLY 5  113 113 GLY GLY B . n 
A 1 6  ASP 6  114 114 ASP ASP B . n 
A 1 7  VAL 7  115 115 VAL VAL B . n 
A 1 8  HIS 8  116 116 HIS HIS B . n 
A 1 9  LYS 9  117 117 LYS LYS B . n 
A 1 10 HIS 10 118 118 HIS HIS B . n 
A 1 11 THR 11 119 119 THR THR B . n 
A 1 12 GLY 12 120 120 GLY GLY B . n 
A 1 13 ARG 13 121 121 ARG ARG B . n 
A 1 14 ASN 14 122 122 ASN ASN B . n 
A 1 15 CYS 15 123 123 CYS CYS B . n 
A 1 16 GLY 16 124 124 GLY GLY B . n 
A 1 17 ARG 17 125 125 ARG ARG B . n 
A 1 18 LYS 18 126 126 LYS LYS B . n 
A 1 19 PHE 19 127 127 PHE PHE B . n 
A 1 20 LYS 20 128 128 LYS LYS B . n 
A 1 21 ILE 21 129 129 ILE ILE B . n 
A 1 22 GLY 22 130 130 GLY GLY B . n 
A 1 23 GLU 23 131 131 GLU GLU B . n 
A 1 24 PRO 24 132 132 PRO PRO B . n 
A 1 25 LEU 25 133 133 LEU LEU B . n 
A 1 26 TYR 26 134 134 TYR TYR B . n 
A 1 27 ARG 27 135 135 ARG ARG B . n 
A 1 28 CYS 28 136 136 CYS CYS B . n 
A 1 29 HIS 29 137 137 HIS HIS B . n 
A 1 30 GLU 30 138 138 GLU GLU B . n 
A 1 31 CYS 31 139 139 CYS CYS B . n 
A 1 32 GLY 32 140 140 GLY GLY B . n 
A 1 33 CYS 33 141 141 CYS CYS B . n 
A 1 34 ASP 34 142 142 ASP ASP B . n 
A 1 35 ASP 35 143 143 ASP ASP B . n 
A 1 36 THR 36 144 144 THR THR B . n 
A 1 37 CYS 37 145 145 CYS CYS B . n 
A 1 38 VAL 38 146 146 VAL VAL B . n 
A 1 39 LEU 39 147 147 LEU LEU B . n 
A 1 40 CYS 40 148 148 CYS CYS B . n 
A 1 41 ILE 41 149 149 ILE ILE B . n 
A 1 42 HIS 42 150 150 HIS HIS B . n 
A 1 43 CYS 43 151 151 CYS CYS B . n 
A 1 44 PHE 44 152 152 PHE PHE B . n 
A 1 45 ASN 45 153 153 ASN ASN B . n 
A 1 46 PRO 46 154 154 PRO PRO B . n 
A 1 47 LYS 47 155 155 LYS LYS B . n 
A 1 48 ASP 48 156 156 ASP ASP B . n 
A 1 49 HIS 49 157 157 HIS HIS B . n 
A 1 50 VAL 50 158 158 VAL VAL B . n 
A 1 51 ASN 51 159 159 ASN ASN B . n 
A 1 52 HIS 52 160 160 HIS HIS B . n 
A 1 53 HIS 53 161 161 HIS HIS B . n 
A 1 54 VAL 54 162 162 VAL VAL B . n 
A 1 55 CYS 55 163 163 CYS CYS B . n 
A 1 56 THR 56 164 164 THR THR B . n 
A 1 57 ASP 57 165 165 ASP ASP B . n 
A 1 58 ILE 58 166 166 ILE ILE B . n 
A 1 59 CYS 59 167 167 CYS CYS B . n 
A 1 60 THR 60 168 168 THR THR B . n 
A 1 61 GLU 61 169 169 GLU GLU B . n 
A 1 62 PHE 62 170 170 PHE PHE B . n 
A 1 63 THR 63 171 171 THR THR B . n 
A 1 64 SER 64 172 172 SER SER B . n 
A 1 65 GLY 65 173 173 GLY GLY B . n 
A 1 66 ILE 66 174 174 ILE ILE B . n 
A 1 67 CYS 67 175 175 CYS CYS B . n 
A 1 68 ASP 68 176 176 ASP ASP B . n 
A 1 69 CYS 69 177 177 CYS CYS B . n 
A 1 70 GLY 70 178 178 GLY GLY B . n 
A 1 71 ASP 71 179 179 ASP ASP B . n 
A 1 72 GLU 72 180 180 GLU GLU B . n 
A 1 73 GLU 73 181 181 GLU GLU B . n 
A 1 74 ALA 74 182 182 ALA ALA B . n 
A 1 75 TRP 75 183 183 TRP TRP B . n 
A 1 76 ASN 76 184 184 ASN ASN B . n 
A 1 77 SER 77 185 185 SER SER B . n 
A 1 78 PRO 78 186 186 PRO PRO B . n 
A 1 79 LEU 79 187 187 LEU LEU B . n 
A 1 80 HIS 80 188 188 HIS HIS B . n 
A 1 81 CYS 81 189 189 CYS CYS B . n 
A 1 82 LYS 82 190 190 LYS LYS B . n 
A 1 83 ALA 83 191 191 ALA ALA B . n 
A 1 84 GLU 84 192 192 GLU GLU B . n 
A 1 85 GLU 85 193 193 GLU GLU B . n 
A 1 86 GLN 86 194 194 GLN GLN B . n 
# 
loop_
_pdbx_nonpoly_scheme.asym_id 
_pdbx_nonpoly_scheme.entity_id 
_pdbx_nonpoly_scheme.mon_id 
_pdbx_nonpoly_scheme.ndb_seq_num 
_pdbx_nonpoly_scheme.pdb_seq_num 
_pdbx_nonpoly_scheme.auth_seq_num 
_pdbx_nonpoly_scheme.pdb_mon_id 
_pdbx_nonpoly_scheme.auth_mon_id 
_pdbx_nonpoly_scheme.pdb_strand_id 
_pdbx_nonpoly_scheme.pdb_ins_code 
B 2 ZN  1  201 1   ZN  ZN  B . 
C 2 ZN  1  202 2   ZN  ZN  B . 
D 2 ZN  1  203 3   ZN  ZN  B . 
E 3 HOH 1  301 1   HOH HOH B . 
E 3 HOH 2  302 62  HOH HOH B . 
E 3 HOH 3  303 24  HOH HOH B . 
E 3 HOH 4  304 60  HOH HOH B . 
E 3 HOH 5  305 51  HOH HOH B . 
E 3 HOH 6  306 5   HOH HOH B . 
E 3 HOH 7  307 13  HOH HOH B . 
E 3 HOH 8  308 3   HOH HOH B . 
E 3 HOH 9  309 15  HOH HOH B . 
E 3 HOH 10 310 16  HOH HOH B . 
E 3 HOH 11 311 9   HOH HOH B . 
E 3 HOH 12 312 22  HOH HOH B . 
E 3 HOH 13 313 10  HOH HOH B . 
E 3 HOH 14 314 42  HOH HOH B . 
E 3 HOH 15 315 18  HOH HOH B . 
E 3 HOH 16 316 12  HOH HOH B . 
E 3 HOH 17 317 115 HOH HOH B . 
E 3 HOH 18 318 4   HOH HOH B . 
E 3 HOH 19 319 2   HOH HOH B . 
E 3 HOH 20 320 8   HOH HOH B . 
E 3 HOH 21 321 34  HOH HOH B . 
E 3 HOH 22 322 21  HOH HOH B . 
E 3 HOH 23 323 7   HOH HOH B . 
E 3 HOH 24 324 35  HOH HOH B . 
E 3 HOH 25 325 39  HOH HOH B . 
E 3 HOH 26 326 86  HOH HOH B . 
E 3 HOH 27 327 58  HOH HOH B . 
E 3 HOH 28 328 36  HOH HOH B . 
E 3 HOH 29 329 59  HOH HOH B . 
E 3 HOH 30 330 63  HOH HOH B . 
E 3 HOH 31 331 50  HOH HOH B . 
E 3 HOH 32 332 30  HOH HOH B . 
# 
_pdbx_struct_assembly.id                   1 
_pdbx_struct_assembly.details              author_and_software_defined_assembly 
_pdbx_struct_assembly.method_details       PISA 
_pdbx_struct_assembly.oligomeric_details   dimeric 
_pdbx_struct_assembly.oligomeric_count     2 
# 
_pdbx_struct_assembly_gen.assembly_id       1 
_pdbx_struct_assembly_gen.oper_expression   1,2 
_pdbx_struct_assembly_gen.asym_id_list      A,B,C,D,E 
# 
loop_
_pdbx_struct_assembly_prop.biol_id 
_pdbx_struct_assembly_prop.type 
_pdbx_struct_assembly_prop.value 
_pdbx_struct_assembly_prop.details 
1 'ABSA (A^2)' 1380  ? 
1 MORE         -13   ? 
1 'SSA (A^2)'  10830 ? 
# 
loop_
_pdbx_struct_oper_list.id 
_pdbx_struct_oper_list.type 
_pdbx_struct_oper_list.name 
_pdbx_struct_oper_list.symmetry_operation 
_pdbx_struct_oper_list.matrix[1][1] 
_pdbx_struct_oper_list.matrix[1][2] 
_pdbx_struct_oper_list.matrix[1][3] 
_pdbx_struct_oper_list.vector[1] 
_pdbx_struct_oper_list.matrix[2][1] 
_pdbx_struct_oper_list.matrix[2][2] 
_pdbx_struct_oper_list.matrix[2][3] 
_pdbx_struct_oper_list.vector[2] 
_pdbx_struct_oper_list.matrix[3][1] 
_pdbx_struct_oper_list.matrix[3][2] 
_pdbx_struct_oper_list.matrix[3][3] 
_pdbx_struct_oper_list.vector[3] 
1 'identity operation'         1_555 x,y,z        1.0000000000  0.0000000000  0.0000000000 0.0000000000   0.0000000000  1.0000000000 0.0000000000  0.0000000000  0.0000000000 0.0000000000  1.0000000000  0.0000000000  
2 'crystal symmetry operation' 8_555 -y,-x,-z+1/2 -0.5097487598 -0.8518536804 0.1204222115 -11.5309016411 -0.8518536804 0.4801690100 -0.2092439460 -4.3895688125 0.1204222115 -0.2092439460 -0.9704202502 15.8921552647 
# 
loop_
_pdbx_struct_conn_angle.id 
_pdbx_struct_conn_angle.ptnr1_label_atom_id 
_pdbx_struct_conn_angle.ptnr1_label_alt_id 
_pdbx_struct_conn_angle.ptnr1_label_asym_id 
_pdbx_struct_conn_angle.ptnr1_label_comp_id 
_pdbx_struct_conn_angle.ptnr1_label_seq_id 
_pdbx_struct_conn_angle.ptnr1_auth_atom_id 
_pdbx_struct_conn_angle.ptnr1_auth_asym_id 
_pdbx_struct_conn_angle.ptnr1_auth_comp_id 
_pdbx_struct_conn_angle.ptnr1_auth_seq_id 
_pdbx_struct_conn_angle.ptnr1_PDB_ins_code 
_pdbx_struct_conn_angle.ptnr1_symmetry 
_pdbx_struct_conn_angle.ptnr2_label_atom_id 
_pdbx_struct_conn_angle.ptnr2_label_alt_id 
_pdbx_struct_conn_angle.ptnr2_label_asym_id 
_pdbx_struct_conn_angle.ptnr2_label_comp_id 
_pdbx_struct_conn_angle.ptnr2_label_seq_id 
_pdbx_struct_conn_angle.ptnr2_auth_atom_id 
_pdbx_struct_conn_angle.ptnr2_auth_asym_id 
_pdbx_struct_conn_angle.ptnr2_auth_comp_id 
_pdbx_struct_conn_angle.ptnr2_auth_seq_id 
_pdbx_struct_conn_angle.ptnr2_PDB_ins_code 
_pdbx_struct_conn_angle.ptnr2_symmetry 
_pdbx_struct_conn_angle.ptnr3_label_atom_id 
_pdbx_struct_conn_angle.ptnr3_label_alt_id 
_pdbx_struct_conn_angle.ptnr3_label_asym_id 
_pdbx_struct_conn_angle.ptnr3_label_comp_id 
_pdbx_struct_conn_angle.ptnr3_label_seq_id 
_pdbx_struct_conn_angle.ptnr3_auth_atom_id 
_pdbx_struct_conn_angle.ptnr3_auth_asym_id 
_pdbx_struct_conn_angle.ptnr3_auth_comp_id 
_pdbx_struct_conn_angle.ptnr3_auth_seq_id 
_pdbx_struct_conn_angle.ptnr3_PDB_ins_code 
_pdbx_struct_conn_angle.ptnr3_symmetry 
_pdbx_struct_conn_angle.value 
_pdbx_struct_conn_angle.value_esd 
1  NE2 ? A HIS 10 ? B HIS 118 ? 1_555 ZN ? D ZN . ? B ZN 203 ? 1_555 SG  ? A CYS 43 ? B CYS 151 ? 1_555 105.7 ? 
2  NE2 ? A HIS 10 ? B HIS 118 ? 1_555 ZN ? D ZN . ? B ZN 203 ? 1_555 SG  ? A CYS 69 ? B CYS 177 ? 1_555 108.1 ? 
3  SG  ? A CYS 43 ? B CYS 151 ? 1_555 ZN ? D ZN . ? B ZN 203 ? 1_555 SG  ? A CYS 69 ? B CYS 177 ? 1_555 110.0 ? 
4  NE2 ? A HIS 10 ? B HIS 118 ? 1_555 ZN ? D ZN . ? B ZN 203 ? 1_555 SG  ? A CYS 81 ? B CYS 189 ? 1_555 108.4 ? 
5  SG  ? A CYS 43 ? B CYS 151 ? 1_555 ZN ? D ZN . ? B ZN 203 ? 1_555 SG  ? A CYS 81 ? B CYS 189 ? 1_555 107.0 ? 
6  SG  ? A CYS 69 ? B CYS 177 ? 1_555 ZN ? D ZN . ? B ZN 203 ? 1_555 SG  ? A CYS 81 ? B CYS 189 ? 1_555 116.9 ? 
7  SG  ? A CYS 15 ? B CYS 123 ? 1_555 ZN ? B ZN . ? B ZN 201 ? 1_555 SG  ? A CYS 40 ? B CYS 148 ? 1_555 120.9 ? 
8  SG  ? A CYS 15 ? B CYS 123 ? 1_555 ZN ? B ZN . ? B ZN 201 ? 1_555 SG  ? A CYS 43 ? B CYS 151 ? 1_555 105.5 ? 
9  SG  ? A CYS 40 ? B CYS 148 ? 1_555 ZN ? B ZN . ? B ZN 201 ? 1_555 SG  ? A CYS 43 ? B CYS 151 ? 1_555 97.0  ? 
10 SG  ? A CYS 15 ? B CYS 123 ? 1_555 ZN ? B ZN . ? B ZN 201 ? 1_555 SG  ? A CYS 67 ? B CYS 175 ? 1_555 106.2 ? 
11 SG  ? A CYS 40 ? B CYS 148 ? 1_555 ZN ? B ZN . ? B ZN 201 ? 1_555 SG  ? A CYS 67 ? B CYS 175 ? 1_555 112.3 ? 
12 SG  ? A CYS 43 ? B CYS 151 ? 1_555 ZN ? B ZN . ? B ZN 201 ? 1_555 SG  ? A CYS 67 ? B CYS 175 ? 1_555 114.9 ? 
13 SG  ? A CYS 28 ? B CYS 136 ? 1_555 ZN ? C ZN . ? B ZN 202 ? 1_555 SG  ? A CYS 31 ? B CYS 139 ? 1_555 117.2 ? 
14 SG  ? A CYS 28 ? B CYS 136 ? 1_555 ZN ? C ZN . ? B ZN 202 ? 1_555 ND1 ? A HIS 49 ? B HIS 157 ? 1_555 111.9 ? 
15 SG  ? A CYS 31 ? B CYS 139 ? 1_555 ZN ? C ZN . ? B ZN 202 ? 1_555 ND1 ? A HIS 49 ? B HIS 157 ? 1_555 101.9 ? 
16 SG  ? A CYS 28 ? B CYS 136 ? 1_555 ZN ? C ZN . ? B ZN 202 ? 1_555 ND1 ? A HIS 52 ? B HIS 160 ? 1_555 101.9 ? 
17 SG  ? A CYS 31 ? B CYS 139 ? 1_555 ZN ? C ZN . ? B ZN 202 ? 1_555 ND1 ? A HIS 52 ? B HIS 160 ? 1_555 103.4 ? 
18 ND1 ? A HIS 49 ? B HIS 157 ? 1_555 ZN ? C ZN . ? B ZN 202 ? 1_555 ND1 ? A HIS 52 ? B HIS 160 ? 1_555 121.1 ? 
# 
loop_
_pdbx_audit_revision_history.ordinal 
_pdbx_audit_revision_history.data_content_type 
_pdbx_audit_revision_history.major_revision 
_pdbx_audit_revision_history.minor_revision 
_pdbx_audit_revision_history.revision_date 
1 'Structure model' 1 0 2020-01-22 
2 'Structure model' 1 1 2020-03-11 
3 'Structure model' 1 2 2023-11-22 
# 
_pdbx_audit_revision_details.ordinal             1 
_pdbx_audit_revision_details.revision_ordinal    1 
_pdbx_audit_revision_details.data_content_type   'Structure model' 
_pdbx_audit_revision_details.provider            repository 
_pdbx_audit_revision_details.type                'Initial release' 
_pdbx_audit_revision_details.description         ? 
_pdbx_audit_revision_details.details             ? 
# 
loop_
_pdbx_audit_revision_group.ordinal 
_pdbx_audit_revision_group.revision_ordinal 
_pdbx_audit_revision_group.data_content_type 
_pdbx_audit_revision_group.group 
1 2 'Structure model' 'Database references'    
2 3 'Structure model' 'Data collection'        
3 3 'Structure model' 'Database references'    
4 3 'Structure model' 'Derived calculations'   
5 3 'Structure model' 'Refinement description' 
# 
loop_
_pdbx_audit_revision_category.ordinal 
_pdbx_audit_revision_category.revision_ordinal 
_pdbx_audit_revision_category.data_content_type 
_pdbx_audit_revision_category.category 
1 2 'Structure model' citation                      
2 3 'Structure model' chem_comp_atom                
3 3 'Structure model' chem_comp_bond                
4 3 'Structure model' database_2                    
5 3 'Structure model' pdbx_initial_refinement_model 
6 3 'Structure model' struct_conn                   
# 
loop_
_pdbx_audit_revision_item.ordinal 
_pdbx_audit_revision_item.revision_ordinal 
_pdbx_audit_revision_item.data_content_type 
_pdbx_audit_revision_item.item 
1 2 'Structure model' '_citation.journal_volume'            
2 2 'Structure model' '_citation.page_first'                
3 2 'Structure model' '_citation.page_last'                 
4 3 'Structure model' '_database_2.pdbx_DOI'                
5 3 'Structure model' '_database_2.pdbx_database_accession' 
6 3 'Structure model' '_struct_conn.pdbx_dist_value'        
7 3 'Structure model' '_struct_conn.ptnr2_auth_seq_id'      
8 3 'Structure model' '_struct_conn.ptnr2_label_asym_id'    
# 
loop_
_software.citation_id 
_software.classification 
_software.compiler_name 
_software.compiler_version 
_software.contact_author 
_software.contact_author_email 
_software.date 
_software.description 
_software.dependencies 
_software.hardware 
_software.language 
_software.location 
_software.mods 
_software.name 
_software.os 
_software.os_version 
_software.type 
_software.version 
_software.pdbx_ordinal 
? refinement       ? ? ? ? ? ? ? ? ? ? ? PHENIX   ? ? ? 1.14_3260 1 
? 'data reduction' ? ? ? ? ? ? ? ? ? ? ? HKL-2000 ? ? ? .         2 
? 'data scaling'   ? ? ? ? ? ? ? ? ? ? ? HKL-2000 ? ? ? .         3 
? phasing          ? ? ? ? ? ? ? ? ? ? ? PHENIX   ? ? ? .         4 
# 
_pdbx_entry_details.entry_id                 6KGI 
_pdbx_entry_details.has_ligand_of_interest   N 
_pdbx_entry_details.compound_details         ? 
_pdbx_entry_details.source_details           ? 
_pdbx_entry_details.nonpolymer_details       ? 
_pdbx_entry_details.sequence_details         ? 
# 
_pdbx_validate_torsion.id              1 
_pdbx_validate_torsion.PDB_model_num   1 
_pdbx_validate_torsion.auth_comp_id    HIS 
_pdbx_validate_torsion.auth_asym_id    B 
_pdbx_validate_torsion.auth_seq_id     118 
_pdbx_validate_torsion.PDB_ins_code    ? 
_pdbx_validate_torsion.label_alt_id    ? 
_pdbx_validate_torsion.phi             -144.48 
_pdbx_validate_torsion.psi             29.66 
# 
loop_
_chem_comp_atom.comp_id 
_chem_comp_atom.atom_id 
_chem_comp_atom.type_symbol 
_chem_comp_atom.pdbx_aromatic_flag 
_chem_comp_atom.pdbx_stereo_config 
_chem_comp_atom.pdbx_ordinal 
ALA N    N  N N 1   
ALA CA   C  N S 2   
ALA C    C  N N 3   
ALA O    O  N N 4   
ALA CB   C  N N 5   
ALA OXT  O  N N 6   
ALA H    H  N N 7   
ALA H2   H  N N 8   
ALA HA   H  N N 9   
ALA HB1  H  N N 10  
ALA HB2  H  N N 11  
ALA HB3  H  N N 12  
ALA HXT  H  N N 13  
ARG N    N  N N 14  
ARG CA   C  N S 15  
ARG C    C  N N 16  
ARG O    O  N N 17  
ARG CB   C  N N 18  
ARG CG   C  N N 19  
ARG CD   C  N N 20  
ARG NE   N  N N 21  
ARG CZ   C  N N 22  
ARG NH1  N  N N 23  
ARG NH2  N  N N 24  
ARG OXT  O  N N 25  
ARG H    H  N N 26  
ARG H2   H  N N 27  
ARG HA   H  N N 28  
ARG HB2  H  N N 29  
ARG HB3  H  N N 30  
ARG HG2  H  N N 31  
ARG HG3  H  N N 32  
ARG HD2  H  N N 33  
ARG HD3  H  N N 34  
ARG HE   H  N N 35  
ARG HH11 H  N N 36  
ARG HH12 H  N N 37  
ARG HH21 H  N N 38  
ARG HH22 H  N N 39  
ARG HXT  H  N N 40  
ASN N    N  N N 41  
ASN CA   C  N S 42  
ASN C    C  N N 43  
ASN O    O  N N 44  
ASN CB   C  N N 45  
ASN CG   C  N N 46  
ASN OD1  O  N N 47  
ASN ND2  N  N N 48  
ASN OXT  O  N N 49  
ASN H    H  N N 50  
ASN H2   H  N N 51  
ASN HA   H  N N 52  
ASN HB2  H  N N 53  
ASN HB3  H  N N 54  
ASN HD21 H  N N 55  
ASN HD22 H  N N 56  
ASN HXT  H  N N 57  
ASP N    N  N N 58  
ASP CA   C  N S 59  
ASP C    C  N N 60  
ASP O    O  N N 61  
ASP CB   C  N N 62  
ASP CG   C  N N 63  
ASP OD1  O  N N 64  
ASP OD2  O  N N 65  
ASP OXT  O  N N 66  
ASP H    H  N N 67  
ASP H2   H  N N 68  
ASP HA   H  N N 69  
ASP HB2  H  N N 70  
ASP HB3  H  N N 71  
ASP HD2  H  N N 72  
ASP HXT  H  N N 73  
CYS N    N  N N 74  
CYS CA   C  N R 75  
CYS C    C  N N 76  
CYS O    O  N N 77  
CYS CB   C  N N 78  
CYS SG   S  N N 79  
CYS OXT  O  N N 80  
CYS H    H  N N 81  
CYS H2   H  N N 82  
CYS HA   H  N N 83  
CYS HB2  H  N N 84  
CYS HB3  H  N N 85  
CYS HG   H  N N 86  
CYS HXT  H  N N 87  
GLN N    N  N N 88  
GLN CA   C  N S 89  
GLN C    C  N N 90  
GLN O    O  N N 91  
GLN CB   C  N N 92  
GLN CG   C  N N 93  
GLN CD   C  N N 94  
GLN OE1  O  N N 95  
GLN NE2  N  N N 96  
GLN OXT  O  N N 97  
GLN H    H  N N 98  
GLN H2   H  N N 99  
GLN HA   H  N N 100 
GLN HB2  H  N N 101 
GLN HB3  H  N N 102 
GLN HG2  H  N N 103 
GLN HG3  H  N N 104 
GLN HE21 H  N N 105 
GLN HE22 H  N N 106 
GLN HXT  H  N N 107 
GLU N    N  N N 108 
GLU CA   C  N S 109 
GLU C    C  N N 110 
GLU O    O  N N 111 
GLU CB   C  N N 112 
GLU CG   C  N N 113 
GLU CD   C  N N 114 
GLU OE1  O  N N 115 
GLU OE2  O  N N 116 
GLU OXT  O  N N 117 
GLU H    H  N N 118 
GLU H2   H  N N 119 
GLU HA   H  N N 120 
GLU HB2  H  N N 121 
GLU HB3  H  N N 122 
GLU HG2  H  N N 123 
GLU HG3  H  N N 124 
GLU HE2  H  N N 125 
GLU HXT  H  N N 126 
GLY N    N  N N 127 
GLY CA   C  N N 128 
GLY C    C  N N 129 
GLY O    O  N N 130 
GLY OXT  O  N N 131 
GLY H    H  N N 132 
GLY H2   H  N N 133 
GLY HA2  H  N N 134 
GLY HA3  H  N N 135 
GLY HXT  H  N N 136 
HIS N    N  N N 137 
HIS CA   C  N S 138 
HIS C    C  N N 139 
HIS O    O  N N 140 
HIS CB   C  N N 141 
HIS CG   C  Y N 142 
HIS ND1  N  Y N 143 
HIS CD2  C  Y N 144 
HIS CE1  C  Y N 145 
HIS NE2  N  Y N 146 
HIS OXT  O  N N 147 
HIS H    H  N N 148 
HIS H2   H  N N 149 
HIS HA   H  N N 150 
HIS HB2  H  N N 151 
HIS HB3  H  N N 152 
HIS HD1  H  N N 153 
HIS HD2  H  N N 154 
HIS HE1  H  N N 155 
HIS HE2  H  N N 156 
HIS HXT  H  N N 157 
HOH O    O  N N 158 
HOH H1   H  N N 159 
HOH H2   H  N N 160 
ILE N    N  N N 161 
ILE CA   C  N S 162 
ILE C    C  N N 163 
ILE O    O  N N 164 
ILE CB   C  N S 165 
ILE CG1  C  N N 166 
ILE CG2  C  N N 167 
ILE CD1  C  N N 168 
ILE OXT  O  N N 169 
ILE H    H  N N 170 
ILE H2   H  N N 171 
ILE HA   H  N N 172 
ILE HB   H  N N 173 
ILE HG12 H  N N 174 
ILE HG13 H  N N 175 
ILE HG21 H  N N 176 
ILE HG22 H  N N 177 
ILE HG23 H  N N 178 
ILE HD11 H  N N 179 
ILE HD12 H  N N 180 
ILE HD13 H  N N 181 
ILE HXT  H  N N 182 
LEU N    N  N N 183 
LEU CA   C  N S 184 
LEU C    C  N N 185 
LEU O    O  N N 186 
LEU CB   C  N N 187 
LEU CG   C  N N 188 
LEU CD1  C  N N 189 
LEU CD2  C  N N 190 
LEU OXT  O  N N 191 
LEU H    H  N N 192 
LEU H2   H  N N 193 
LEU HA   H  N N 194 
LEU HB2  H  N N 195 
LEU HB3  H  N N 196 
LEU HG   H  N N 197 
LEU HD11 H  N N 198 
LEU HD12 H  N N 199 
LEU HD13 H  N N 200 
LEU HD21 H  N N 201 
LEU HD22 H  N N 202 
LEU HD23 H  N N 203 
LEU HXT  H  N N 204 
LYS N    N  N N 205 
LYS CA   C  N S 206 
LYS C    C  N N 207 
LYS O    O  N N 208 
LYS CB   C  N N 209 
LYS CG   C  N N 210 
LYS CD   C  N N 211 
LYS CE   C  N N 212 
LYS NZ   N  N N 213 
LYS OXT  O  N N 214 
LYS H    H  N N 215 
LYS H2   H  N N 216 
LYS HA   H  N N 217 
LYS HB2  H  N N 218 
LYS HB3  H  N N 219 
LYS HG2  H  N N 220 
LYS HG3  H  N N 221 
LYS HD2  H  N N 222 
LYS HD3  H  N N 223 
LYS HE2  H  N N 224 
LYS HE3  H  N N 225 
LYS HZ1  H  N N 226 
LYS HZ2  H  N N 227 
LYS HZ3  H  N N 228 
LYS HXT  H  N N 229 
PHE N    N  N N 230 
PHE CA   C  N S 231 
PHE C    C  N N 232 
PHE O    O  N N 233 
PHE CB   C  N N 234 
PHE CG   C  Y N 235 
PHE CD1  C  Y N 236 
PHE CD2  C  Y N 237 
PHE CE1  C  Y N 238 
PHE CE2  C  Y N 239 
PHE CZ   C  Y N 240 
PHE OXT  O  N N 241 
PHE H    H  N N 242 
PHE H2   H  N N 243 
PHE HA   H  N N 244 
PHE HB2  H  N N 245 
PHE HB3  H  N N 246 
PHE HD1  H  N N 247 
PHE HD2  H  N N 248 
PHE HE1  H  N N 249 
PHE HE2  H  N N 250 
PHE HZ   H  N N 251 
PHE HXT  H  N N 252 
PRO N    N  N N 253 
PRO CA   C  N S 254 
PRO C    C  N N 255 
PRO O    O  N N 256 
PRO CB   C  N N 257 
PRO CG   C  N N 258 
PRO CD   C  N N 259 
PRO OXT  O  N N 260 
PRO H    H  N N 261 
PRO HA   H  N N 262 
PRO HB2  H  N N 263 
PRO HB3  H  N N 264 
PRO HG2  H  N N 265 
PRO HG3  H  N N 266 
PRO HD2  H  N N 267 
PRO HD3  H  N N 268 
PRO HXT  H  N N 269 
SER N    N  N N 270 
SER CA   C  N S 271 
SER C    C  N N 272 
SER O    O  N N 273 
SER CB   C  N N 274 
SER OG   O  N N 275 
SER OXT  O  N N 276 
SER H    H  N N 277 
SER H2   H  N N 278 
SER HA   H  N N 279 
SER HB2  H  N N 280 
SER HB3  H  N N 281 
SER HG   H  N N 282 
SER HXT  H  N N 283 
THR N    N  N N 284 
THR CA   C  N S 285 
THR C    C  N N 286 
THR O    O  N N 287 
THR CB   C  N R 288 
THR OG1  O  N N 289 
THR CG2  C  N N 290 
THR OXT  O  N N 291 
THR H    H  N N 292 
THR H2   H  N N 293 
THR HA   H  N N 294 
THR HB   H  N N 295 
THR HG1  H  N N 296 
THR HG21 H  N N 297 
THR HG22 H  N N 298 
THR HG23 H  N N 299 
THR HXT  H  N N 300 
TRP N    N  N N 301 
TRP CA   C  N S 302 
TRP C    C  N N 303 
TRP O    O  N N 304 
TRP CB   C  N N 305 
TRP CG   C  Y N 306 
TRP CD1  C  Y N 307 
TRP CD2  C  Y N 308 
TRP NE1  N  Y N 309 
TRP CE2  C  Y N 310 
TRP CE3  C  Y N 311 
TRP CZ2  C  Y N 312 
TRP CZ3  C  Y N 313 
TRP CH2  C  Y N 314 
TRP OXT  O  N N 315 
TRP H    H  N N 316 
TRP H2   H  N N 317 
TRP HA   H  N N 318 
TRP HB2  H  N N 319 
TRP HB3  H  N N 320 
TRP HD1  H  N N 321 
TRP HE1  H  N N 322 
TRP HE3  H  N N 323 
TRP HZ2  H  N N 324 
TRP HZ3  H  N N 325 
TRP HH2  H  N N 326 
TRP HXT  H  N N 327 
TYR N    N  N N 328 
TYR CA   C  N S 329 
TYR C    C  N N 330 
TYR O    O  N N 331 
TYR CB   C  N N 332 
TYR CG   C  Y N 333 
TYR CD1  C  Y N 334 
TYR CD2  C  Y N 335 
TYR CE1  C  Y N 336 
TYR CE2  C  Y N 337 
TYR CZ   C  Y N 338 
TYR OH   O  N N 339 
TYR OXT  O  N N 340 
TYR H    H  N N 341 
TYR H2   H  N N 342 
TYR HA   H  N N 343 
TYR HB2  H  N N 344 
TYR HB3  H  N N 345 
TYR HD1  H  N N 346 
TYR HD2  H  N N 347 
TYR HE1  H  N N 348 
TYR HE2  H  N N 349 
TYR HH   H  N N 350 
TYR HXT  H  N N 351 
VAL N    N  N N 352 
VAL CA   C  N S 353 
VAL C    C  N N 354 
VAL O    O  N N 355 
VAL CB   C  N N 356 
VAL CG1  C  N N 357 
VAL CG2  C  N N 358 
VAL OXT  O  N N 359 
VAL H    H  N N 360 
VAL H2   H  N N 361 
VAL HA   H  N N 362 
VAL HB   H  N N 363 
VAL HG11 H  N N 364 
VAL HG12 H  N N 365 
VAL HG13 H  N N 366 
VAL HG21 H  N N 367 
VAL HG22 H  N N 368 
VAL HG23 H  N N 369 
VAL HXT  H  N N 370 
ZN  ZN   ZN N N 371 
# 
loop_
_chem_comp_bond.comp_id 
_chem_comp_bond.atom_id_1 
_chem_comp_bond.atom_id_2 
_chem_comp_bond.value_order 
_chem_comp_bond.pdbx_aromatic_flag 
_chem_comp_bond.pdbx_stereo_config 
_chem_comp_bond.pdbx_ordinal 
ALA N   CA   sing N N 1   
ALA N   H    sing N N 2   
ALA N   H2   sing N N 3   
ALA CA  C    sing N N 4   
ALA CA  CB   sing N N 5   
ALA CA  HA   sing N N 6   
ALA C   O    doub N N 7   
ALA C   OXT  sing N N 8   
ALA CB  HB1  sing N N 9   
ALA CB  HB2  sing N N 10  
ALA CB  HB3  sing N N 11  
ALA OXT HXT  sing N N 12  
ARG N   CA   sing N N 13  
ARG N   H    sing N N 14  
ARG N   H2   sing N N 15  
ARG CA  C    sing N N 16  
ARG CA  CB   sing N N 17  
ARG CA  HA   sing N N 18  
ARG C   O    doub N N 19  
ARG C   OXT  sing N N 20  
ARG CB  CG   sing N N 21  
ARG CB  HB2  sing N N 22  
ARG CB  HB3  sing N N 23  
ARG CG  CD   sing N N 24  
ARG CG  HG2  sing N N 25  
ARG CG  HG3  sing N N 26  
ARG CD  NE   sing N N 27  
ARG CD  HD2  sing N N 28  
ARG CD  HD3  sing N N 29  
ARG NE  CZ   sing N N 30  
ARG NE  HE   sing N N 31  
ARG CZ  NH1  sing N N 32  
ARG CZ  NH2  doub N N 33  
ARG NH1 HH11 sing N N 34  
ARG NH1 HH12 sing N N 35  
ARG NH2 HH21 sing N N 36  
ARG NH2 HH22 sing N N 37  
ARG OXT HXT  sing N N 38  
ASN N   CA   sing N N 39  
ASN N   H    sing N N 40  
ASN N   H2   sing N N 41  
ASN CA  C    sing N N 42  
ASN CA  CB   sing N N 43  
ASN CA  HA   sing N N 44  
ASN C   O    doub N N 45  
ASN C   OXT  sing N N 46  
ASN CB  CG   sing N N 47  
ASN CB  HB2  sing N N 48  
ASN CB  HB3  sing N N 49  
ASN CG  OD1  doub N N 50  
ASN CG  ND2  sing N N 51  
ASN ND2 HD21 sing N N 52  
ASN ND2 HD22 sing N N 53  
ASN OXT HXT  sing N N 54  
ASP N   CA   sing N N 55  
ASP N   H    sing N N 56  
ASP N   H2   sing N N 57  
ASP CA  C    sing N N 58  
ASP CA  CB   sing N N 59  
ASP CA  HA   sing N N 60  
ASP C   O    doub N N 61  
ASP C   OXT  sing N N 62  
ASP CB  CG   sing N N 63  
ASP CB  HB2  sing N N 64  
ASP CB  HB3  sing N N 65  
ASP CG  OD1  doub N N 66  
ASP CG  OD2  sing N N 67  
ASP OD2 HD2  sing N N 68  
ASP OXT HXT  sing N N 69  
CYS N   CA   sing N N 70  
CYS N   H    sing N N 71  
CYS N   H2   sing N N 72  
CYS CA  C    sing N N 73  
CYS CA  CB   sing N N 74  
CYS CA  HA   sing N N 75  
CYS C   O    doub N N 76  
CYS C   OXT  sing N N 77  
CYS CB  SG   sing N N 78  
CYS CB  HB2  sing N N 79  
CYS CB  HB3  sing N N 80  
CYS SG  HG   sing N N 81  
CYS OXT HXT  sing N N 82  
GLN N   CA   sing N N 83  
GLN N   H    sing N N 84  
GLN N   H2   sing N N 85  
GLN CA  C    sing N N 86  
GLN CA  CB   sing N N 87  
GLN CA  HA   sing N N 88  
GLN C   O    doub N N 89  
GLN C   OXT  sing N N 90  
GLN CB  CG   sing N N 91  
GLN CB  HB2  sing N N 92  
GLN CB  HB3  sing N N 93  
GLN CG  CD   sing N N 94  
GLN CG  HG2  sing N N 95  
GLN CG  HG3  sing N N 96  
GLN CD  OE1  doub N N 97  
GLN CD  NE2  sing N N 98  
GLN NE2 HE21 sing N N 99  
GLN NE2 HE22 sing N N 100 
GLN OXT HXT  sing N N 101 
GLU N   CA   sing N N 102 
GLU N   H    sing N N 103 
GLU N   H2   sing N N 104 
GLU CA  C    sing N N 105 
GLU CA  CB   sing N N 106 
GLU CA  HA   sing N N 107 
GLU C   O    doub N N 108 
GLU C   OXT  sing N N 109 
GLU CB  CG   sing N N 110 
GLU CB  HB2  sing N N 111 
GLU CB  HB3  sing N N 112 
GLU CG  CD   sing N N 113 
GLU CG  HG2  sing N N 114 
GLU CG  HG3  sing N N 115 
GLU CD  OE1  doub N N 116 
GLU CD  OE2  sing N N 117 
GLU OE2 HE2  sing N N 118 
GLU OXT HXT  sing N N 119 
GLY N   CA   sing N N 120 
GLY N   H    sing N N 121 
GLY N   H2   sing N N 122 
GLY CA  C    sing N N 123 
GLY CA  HA2  sing N N 124 
GLY CA  HA3  sing N N 125 
GLY C   O    doub N N 126 
GLY C   OXT  sing N N 127 
GLY OXT HXT  sing N N 128 
HIS N   CA   sing N N 129 
HIS N   H    sing N N 130 
HIS N   H2   sing N N 131 
HIS CA  C    sing N N 132 
HIS CA  CB   sing N N 133 
HIS CA  HA   sing N N 134 
HIS C   O    doub N N 135 
HIS C   OXT  sing N N 136 
HIS CB  CG   sing N N 137 
HIS CB  HB2  sing N N 138 
HIS CB  HB3  sing N N 139 
HIS CG  ND1  sing Y N 140 
HIS CG  CD2  doub Y N 141 
HIS ND1 CE1  doub Y N 142 
HIS ND1 HD1  sing N N 143 
HIS CD2 NE2  sing Y N 144 
HIS CD2 HD2  sing N N 145 
HIS CE1 NE2  sing Y N 146 
HIS CE1 HE1  sing N N 147 
HIS NE2 HE2  sing N N 148 
HIS OXT HXT  sing N N 149 
HOH O   H1   sing N N 150 
HOH O   H2   sing N N 151 
ILE N   CA   sing N N 152 
ILE N   H    sing N N 153 
ILE N   H2   sing N N 154 
ILE CA  C    sing N N 155 
ILE CA  CB   sing N N 156 
ILE CA  HA   sing N N 157 
ILE C   O    doub N N 158 
ILE C   OXT  sing N N 159 
ILE CB  CG1  sing N N 160 
ILE CB  CG2  sing N N 161 
ILE CB  HB   sing N N 162 
ILE CG1 CD1  sing N N 163 
ILE CG1 HG12 sing N N 164 
ILE CG1 HG13 sing N N 165 
ILE CG2 HG21 sing N N 166 
ILE CG2 HG22 sing N N 167 
ILE CG2 HG23 sing N N 168 
ILE CD1 HD11 sing N N 169 
ILE CD1 HD12 sing N N 170 
ILE CD1 HD13 sing N N 171 
ILE OXT HXT  sing N N 172 
LEU N   CA   sing N N 173 
LEU N   H    sing N N 174 
LEU N   H2   sing N N 175 
LEU CA  C    sing N N 176 
LEU CA  CB   sing N N 177 
LEU CA  HA   sing N N 178 
LEU C   O    doub N N 179 
LEU C   OXT  sing N N 180 
LEU CB  CG   sing N N 181 
LEU CB  HB2  sing N N 182 
LEU CB  HB3  sing N N 183 
LEU CG  CD1  sing N N 184 
LEU CG  CD2  sing N N 185 
LEU CG  HG   sing N N 186 
LEU CD1 HD11 sing N N 187 
LEU CD1 HD12 sing N N 188 
LEU CD1 HD13 sing N N 189 
LEU CD2 HD21 sing N N 190 
LEU CD2 HD22 sing N N 191 
LEU CD2 HD23 sing N N 192 
LEU OXT HXT  sing N N 193 
LYS N   CA   sing N N 194 
LYS N   H    sing N N 195 
LYS N   H2   sing N N 196 
LYS CA  C    sing N N 197 
LYS CA  CB   sing N N 198 
LYS CA  HA   sing N N 199 
LYS C   O    doub N N 200 
LYS C   OXT  sing N N 201 
LYS CB  CG   sing N N 202 
LYS CB  HB2  sing N N 203 
LYS CB  HB3  sing N N 204 
LYS CG  CD   sing N N 205 
LYS CG  HG2  sing N N 206 
LYS CG  HG3  sing N N 207 
LYS CD  CE   sing N N 208 
LYS CD  HD2  sing N N 209 
LYS CD  HD3  sing N N 210 
LYS CE  NZ   sing N N 211 
LYS CE  HE2  sing N N 212 
LYS CE  HE3  sing N N 213 
LYS NZ  HZ1  sing N N 214 
LYS NZ  HZ2  sing N N 215 
LYS NZ  HZ3  sing N N 216 
LYS OXT HXT  sing N N 217 
PHE N   CA   sing N N 218 
PHE N   H    sing N N 219 
PHE N   H2   sing N N 220 
PHE CA  C    sing N N 221 
PHE CA  CB   sing N N 222 
PHE CA  HA   sing N N 223 
PHE C   O    doub N N 224 
PHE C   OXT  sing N N 225 
PHE CB  CG   sing N N 226 
PHE CB  HB2  sing N N 227 
PHE CB  HB3  sing N N 228 
PHE CG  CD1  doub Y N 229 
PHE CG  CD2  sing Y N 230 
PHE CD1 CE1  sing Y N 231 
PHE CD1 HD1  sing N N 232 
PHE CD2 CE2  doub Y N 233 
PHE CD2 HD2  sing N N 234 
PHE CE1 CZ   doub Y N 235 
PHE CE1 HE1  sing N N 236 
PHE CE2 CZ   sing Y N 237 
PHE CE2 HE2  sing N N 238 
PHE CZ  HZ   sing N N 239 
PHE OXT HXT  sing N N 240 
PRO N   CA   sing N N 241 
PRO N   CD   sing N N 242 
PRO N   H    sing N N 243 
PRO CA  C    sing N N 244 
PRO CA  CB   sing N N 245 
PRO CA  HA   sing N N 246 
PRO C   O    doub N N 247 
PRO C   OXT  sing N N 248 
PRO CB  CG   sing N N 249 
PRO CB  HB2  sing N N 250 
PRO CB  HB3  sing N N 251 
PRO CG  CD   sing N N 252 
PRO CG  HG2  sing N N 253 
PRO CG  HG3  sing N N 254 
PRO CD  HD2  sing N N 255 
PRO CD  HD3  sing N N 256 
PRO OXT HXT  sing N N 257 
SER N   CA   sing N N 258 
SER N   H    sing N N 259 
SER N   H2   sing N N 260 
SER CA  C    sing N N 261 
SER CA  CB   sing N N 262 
SER CA  HA   sing N N 263 
SER C   O    doub N N 264 
SER C   OXT  sing N N 265 
SER CB  OG   sing N N 266 
SER CB  HB2  sing N N 267 
SER CB  HB3  sing N N 268 
SER OG  HG   sing N N 269 
SER OXT HXT  sing N N 270 
THR N   CA   sing N N 271 
THR N   H    sing N N 272 
THR N   H2   sing N N 273 
THR CA  C    sing N N 274 
THR CA  CB   sing N N 275 
THR CA  HA   sing N N 276 
THR C   O    doub N N 277 
THR C   OXT  sing N N 278 
THR CB  OG1  sing N N 279 
THR CB  CG2  sing N N 280 
THR CB  HB   sing N N 281 
THR OG1 HG1  sing N N 282 
THR CG2 HG21 sing N N 283 
THR CG2 HG22 sing N N 284 
THR CG2 HG23 sing N N 285 
THR OXT HXT  sing N N 286 
TRP N   CA   sing N N 287 
TRP N   H    sing N N 288 
TRP N   H2   sing N N 289 
TRP CA  C    sing N N 290 
TRP CA  CB   sing N N 291 
TRP CA  HA   sing N N 292 
TRP C   O    doub N N 293 
TRP C   OXT  sing N N 294 
TRP CB  CG   sing N N 295 
TRP CB  HB2  sing N N 296 
TRP CB  HB3  sing N N 297 
TRP CG  CD1  doub Y N 298 
TRP CG  CD2  sing Y N 299 
TRP CD1 NE1  sing Y N 300 
TRP CD1 HD1  sing N N 301 
TRP CD2 CE2  doub Y N 302 
TRP CD2 CE3  sing Y N 303 
TRP NE1 CE2  sing Y N 304 
TRP NE1 HE1  sing N N 305 
TRP CE2 CZ2  sing Y N 306 
TRP CE3 CZ3  doub Y N 307 
TRP CE3 HE3  sing N N 308 
TRP CZ2 CH2  doub Y N 309 
TRP CZ2 HZ2  sing N N 310 
TRP CZ3 CH2  sing Y N 311 
TRP CZ3 HZ3  sing N N 312 
TRP CH2 HH2  sing N N 313 
TRP OXT HXT  sing N N 314 
TYR N   CA   sing N N 315 
TYR N   H    sing N N 316 
TYR N   H2   sing N N 317 
TYR CA  C    sing N N 318 
TYR CA  CB   sing N N 319 
TYR CA  HA   sing N N 320 
TYR C   O    doub N N 321 
TYR C   OXT  sing N N 322 
TYR CB  CG   sing N N 323 
TYR CB  HB2  sing N N 324 
TYR CB  HB3  sing N N 325 
TYR CG  CD1  doub Y N 326 
TYR CG  CD2  sing Y N 327 
TYR CD1 CE1  sing Y N 328 
TYR CD1 HD1  sing N N 329 
TYR CD2 CE2  doub Y N 330 
TYR CD2 HD2  sing N N 331 
TYR CE1 CZ   doub Y N 332 
TYR CE1 HE1  sing N N 333 
TYR CE2 CZ   sing Y N 334 
TYR CE2 HE2  sing N N 335 
TYR CZ  OH   sing N N 336 
TYR OH  HH   sing N N 337 
TYR OXT HXT  sing N N 338 
VAL N   CA   sing N N 339 
VAL N   H    sing N N 340 
VAL N   H2   sing N N 341 
VAL CA  C    sing N N 342 
VAL CA  CB   sing N N 343 
VAL CA  HA   sing N N 344 
VAL C   O    doub N N 345 
VAL C   OXT  sing N N 346 
VAL CB  CG1  sing N N 347 
VAL CB  CG2  sing N N 348 
VAL CB  HB   sing N N 349 
VAL CG1 HG11 sing N N 350 
VAL CG1 HG12 sing N N 351 
VAL CG1 HG13 sing N N 352 
VAL CG2 HG21 sing N N 353 
VAL CG2 HG22 sing N N 354 
VAL CG2 HG23 sing N N 355 
VAL OXT HXT  sing N N 356 
# 
loop_
_pdbx_entity_nonpoly.entity_id 
_pdbx_entity_nonpoly.name 
_pdbx_entity_nonpoly.comp_id 
2 'ZINC ION' ZN  
3 water      HOH 
# 
_pdbx_initial_refinement_model.id               1 
_pdbx_initial_refinement_model.entity_id_list   ? 
_pdbx_initial_refinement_model.type             'experimental model' 
_pdbx_initial_refinement_model.source_name      PDB 
_pdbx_initial_refinement_model.accession_code   3NIT 
_pdbx_initial_refinement_model.details          ? 
# 
_pdbx_struct_assembly_auth_evidence.id                     1 
_pdbx_struct_assembly_auth_evidence.assembly_id            1 
_pdbx_struct_assembly_auth_evidence.experimental_support   none 
_pdbx_struct_assembly_auth_evidence.details                ? 
# 
